data_2FG5
# 
_entry.id   2FG5 
# 
_audit_conform.dict_name       mmcif_pdbx.dic 
_audit_conform.dict_version    5.389 
_audit_conform.dict_location   http://mmcif.pdb.org/dictionaries/ascii/mmcif_pdbx.dic 
# 
loop_
_database_2.database_id 
_database_2.database_code 
_database_2.pdbx_database_accession 
_database_2.pdbx_DOI 
PDB   2FG5         pdb_00002fg5 10.2210/pdb2fg5/pdb 
RCSB  RCSB035839   ?            ?                   
WWPDB D_1000035839 ?            ?                   
# 
loop_
_pdbx_audit_revision_history.ordinal 
_pdbx_audit_revision_history.data_content_type 
_pdbx_audit_revision_history.major_revision 
_pdbx_audit_revision_history.minor_revision 
_pdbx_audit_revision_history.revision_date 
1 'Structure model' 1 0 2006-01-10 
2 'Structure model' 1 1 2008-05-01 
3 'Structure model' 1 2 2011-07-13 
4 'Structure model' 1 3 2017-10-18 
5 'Structure model' 1 4 2024-02-14 
6 'Structure model' 1 5 2024-04-03 
# 
_pdbx_audit_revision_details.ordinal             1 
_pdbx_audit_revision_details.revision_ordinal    1 
_pdbx_audit_revision_details.data_content_type   'Structure model' 
_pdbx_audit_revision_details.provider            repository 
_pdbx_audit_revision_details.type                'Initial release' 
_pdbx_audit_revision_details.description         ? 
_pdbx_audit_revision_details.details             ? 
# 
loop_
_pdbx_audit_revision_group.ordinal 
_pdbx_audit_revision_group.revision_ordinal 
_pdbx_audit_revision_group.data_content_type 
_pdbx_audit_revision_group.group 
1 2 'Structure model' 'Version format compliance' 
2 3 'Structure model' 'Version format compliance' 
3 4 'Structure model' 'Refinement description'    
4 5 'Structure model' 'Data collection'           
5 5 'Structure model' 'Database references'       
6 5 'Structure model' 'Derived calculations'      
7 6 'Structure model' 'Refinement description'    
# 
loop_
_pdbx_audit_revision_category.ordinal 
_pdbx_audit_revision_category.revision_ordinal 
_pdbx_audit_revision_category.data_content_type 
_pdbx_audit_revision_category.category 
1 4 'Structure model' software                      
2 5 'Structure model' chem_comp_atom                
3 5 'Structure model' chem_comp_bond                
4 5 'Structure model' database_2                    
5 5 'Structure model' pdbx_struct_conn_angle        
6 5 'Structure model' struct_conn                   
7 5 'Structure model' struct_ref_seq_dif            
8 5 'Structure model' struct_site                   
9 6 'Structure model' pdbx_initial_refinement_model 
# 
loop_
_pdbx_audit_revision_item.ordinal 
_pdbx_audit_revision_item.revision_ordinal 
_pdbx_audit_revision_item.data_content_type 
_pdbx_audit_revision_item.item 
1  4 'Structure model' '_software.classification'                    
2  4 'Structure model' '_software.contact_author'                    
3  4 'Structure model' '_software.contact_author_email'              
4  4 'Structure model' '_software.date'                              
5  4 'Structure model' '_software.language'                          
6  4 'Structure model' '_software.location'                          
7  4 'Structure model' '_software.name'                              
8  4 'Structure model' '_software.type'                              
9  4 'Structure model' '_software.version'                           
10 5 'Structure model' '_database_2.pdbx_DOI'                        
11 5 'Structure model' '_database_2.pdbx_database_accession'         
12 5 'Structure model' '_pdbx_struct_conn_angle.ptnr1_auth_comp_id'  
13 5 'Structure model' '_pdbx_struct_conn_angle.ptnr1_auth_seq_id'   
14 5 'Structure model' '_pdbx_struct_conn_angle.ptnr1_label_asym_id' 
15 5 'Structure model' '_pdbx_struct_conn_angle.ptnr1_label_atom_id' 
16 5 'Structure model' '_pdbx_struct_conn_angle.ptnr1_label_comp_id' 
17 5 'Structure model' '_pdbx_struct_conn_angle.ptnr1_label_seq_id'  
18 5 'Structure model' '_pdbx_struct_conn_angle.ptnr3_auth_comp_id'  
19 5 'Structure model' '_pdbx_struct_conn_angle.ptnr3_auth_seq_id'   
20 5 'Structure model' '_pdbx_struct_conn_angle.ptnr3_label_asym_id' 
21 5 'Structure model' '_pdbx_struct_conn_angle.ptnr3_label_atom_id' 
22 5 'Structure model' '_pdbx_struct_conn_angle.ptnr3_label_comp_id' 
23 5 'Structure model' '_pdbx_struct_conn_angle.ptnr3_label_seq_id'  
24 5 'Structure model' '_pdbx_struct_conn_angle.value'               
25 5 'Structure model' '_struct_conn.pdbx_dist_value'                
26 5 'Structure model' '_struct_conn.ptnr1_auth_comp_id'             
27 5 'Structure model' '_struct_conn.ptnr1_auth_seq_id'              
28 5 'Structure model' '_struct_conn.ptnr1_label_asym_id'            
29 5 'Structure model' '_struct_conn.ptnr1_label_atom_id'            
30 5 'Structure model' '_struct_conn.ptnr1_label_comp_id'            
31 5 'Structure model' '_struct_conn.ptnr1_label_seq_id'             
32 5 'Structure model' '_struct_conn.ptnr2_auth_comp_id'             
33 5 'Structure model' '_struct_conn.ptnr2_auth_seq_id'              
34 5 'Structure model' '_struct_conn.ptnr2_label_asym_id'            
35 5 'Structure model' '_struct_conn.ptnr2_label_atom_id'            
36 5 'Structure model' '_struct_conn.ptnr2_label_comp_id'            
37 5 'Structure model' '_struct_conn.ptnr2_label_seq_id'             
38 5 'Structure model' '_struct_ref_seq_dif.details'                 
39 5 'Structure model' '_struct_site.pdbx_auth_asym_id'              
40 5 'Structure model' '_struct_site.pdbx_auth_comp_id'              
41 5 'Structure model' '_struct_site.pdbx_auth_seq_id'               
# 
_pdbx_database_status.entry_id                        2FG5 
_pdbx_database_status.deposit_site                    RCSB 
_pdbx_database_status.process_site                    RCSB 
_pdbx_database_status.recvd_initial_deposition_date   2005-12-21 
_pdbx_database_status.status_code                     REL 
_pdbx_database_status.status_code_sf                  REL 
_pdbx_database_status.status_code_mr                  ? 
_pdbx_database_status.SG_entry                        Y 
_pdbx_database_status.pdb_format_compatible           Y 
_pdbx_database_status.status_code_cs                  ? 
_pdbx_database_status.methods_development_category    ? 
_pdbx_database_status.status_code_nmr_data            ? 
# 
loop_
_audit_author.name 
_audit_author.pdbx_ordinal 
'Tempel, W.'                           1  
'Wang, J.'                             2  
'Ismail, S.'                           3  
'Arrowsmith, C.'                       4  
'Edwards, A.'                          5  
'Sundstrom, M.'                        6  
'Weigelt, J.'                          7  
'Bochkarev, A.'                        8  
'Park, H.'                             9  
'Structural Genomics Consortium (SGC)' 10 
# 
_citation.id                        primary 
_citation.title                     'Crystal structure of human RAB31 in complex with a GTP analogue' 
_citation.journal_abbrev            'To be Published' 
_citation.journal_volume            ? 
_citation.page_first                ? 
_citation.page_last                 ? 
_citation.year                      ? 
_citation.journal_id_ASTM           ? 
_citation.country                   ? 
_citation.journal_id_ISSN           ? 
_citation.journal_id_CSD            0353 
_citation.book_publisher            ? 
_citation.pdbx_database_id_PubMed   ? 
_citation.pdbx_database_id_DOI      ? 
# 
loop_
_citation_author.citation_id 
_citation_author.name 
_citation_author.ordinal 
_citation_author.identifier_ORCID 
primary 'Wang, J.'       1 ? 
primary 'Tempel, W.'     2 ? 
primary 'Ismail, S.'     3 ? 
primary 'Arrowsmith, C.' 4 ? 
primary 'Edwards, A.'    5 ? 
primary 'Sundstrom, M.'  6 ? 
primary 'Weigelt, J.'    7 ? 
primary 'Bochkarev, A.'  8 ? 
primary 'Park, H.'       9 ? 
# 
loop_
_entity.id 
_entity.type 
_entity.src_method 
_entity.pdbx_description 
_entity.formula_weight 
_entity.pdbx_number_of_molecules 
_entity.pdbx_ec 
_entity.pdbx_mutation 
_entity.pdbx_fragment 
_entity.details 
1 polymer     man 'Ras-related protein Rab-31'                  21320.277 1 ? ? 'residues 2-174' ? 
2 non-polymer syn 'MAGNESIUM ION'                               24.305    1 ? ? ?                ? 
3 non-polymer syn 'PHOSPHOAMINOPHOSPHONIC ACID-GUANYLATE ESTER' 522.196   1 ? ? ?                ? 
4 water       nat water                                         18.015    8 ? ? ?                ? 
# 
_entity_name_com.entity_id   1 
_entity_name_com.name        Rab-22B 
# 
_entity_poly.entity_id                      1 
_entity_poly.type                           'polypeptide(L)' 
_entity_poly.nstd_linkage                   no 
_entity_poly.nstd_monomer                   no 
_entity_poly.pdbx_seq_one_letter_code       
;MGSSHHHHHHSSGLVPRGSAIRELKVCLLGDTGVGKSSIVCRFVQDHFDHNISPTIGASFMTKTVPCGNELHKFLIWDTA
GQERFHSLAPMYYRGSAAAVIVYDITKQDSFYTLKKWVKELKEHGPENIVMAIAGNKCDLSDIREVPLKDAKEYAESIGA
IVVETSAKNAINIEELFQGISRQIPPLDPHEN
;
_entity_poly.pdbx_seq_one_letter_code_can   
;MGSSHHHHHHSSGLVPRGSAIRELKVCLLGDTGVGKSSIVCRFVQDHFDHNISPTIGASFMTKTVPCGNELHKFLIWDTA
GQERFHSLAPMYYRGSAAAVIVYDITKQDSFYTLKKWVKELKEHGPENIVMAIAGNKCDLSDIREVPLKDAKEYAESIGA
IVVETSAKNAINIEELFQGISRQIPPLDPHEN
;
_entity_poly.pdbx_strand_id                 A 
_entity_poly.pdbx_target_identifier         ? 
# 
loop_
_pdbx_entity_nonpoly.entity_id 
_pdbx_entity_nonpoly.name 
_pdbx_entity_nonpoly.comp_id 
2 'MAGNESIUM ION'                               MG  
3 'PHOSPHOAMINOPHOSPHONIC ACID-GUANYLATE ESTER' GNP 
4 water                                         HOH 
# 
loop_
_entity_poly_seq.entity_id 
_entity_poly_seq.num 
_entity_poly_seq.mon_id 
_entity_poly_seq.hetero 
1 1   MET n 
1 2   GLY n 
1 3   SER n 
1 4   SER n 
1 5   HIS n 
1 6   HIS n 
1 7   HIS n 
1 8   HIS n 
1 9   HIS n 
1 10  HIS n 
1 11  SER n 
1 12  SER n 
1 13  GLY n 
1 14  LEU n 
1 15  VAL n 
1 16  PRO n 
1 17  ARG n 
1 18  GLY n 
1 19  SER n 
1 20  ALA n 
1 21  ILE n 
1 22  ARG n 
1 23  GLU n 
1 24  LEU n 
1 25  LYS n 
1 26  VAL n 
1 27  CYS n 
1 28  LEU n 
1 29  LEU n 
1 30  GLY n 
1 31  ASP n 
1 32  THR n 
1 33  GLY n 
1 34  VAL n 
1 35  GLY n 
1 36  LYS n 
1 37  SER n 
1 38  SER n 
1 39  ILE n 
1 40  VAL n 
1 41  CYS n 
1 42  ARG n 
1 43  PHE n 
1 44  VAL n 
1 45  GLN n 
1 46  ASP n 
1 47  HIS n 
1 48  PHE n 
1 49  ASP n 
1 50  HIS n 
1 51  ASN n 
1 52  ILE n 
1 53  SER n 
1 54  PRO n 
1 55  THR n 
1 56  ILE n 
1 57  GLY n 
1 58  ALA n 
1 59  SER n 
1 60  PHE n 
1 61  MET n 
1 62  THR n 
1 63  LYS n 
1 64  THR n 
1 65  VAL n 
1 66  PRO n 
1 67  CYS n 
1 68  GLY n 
1 69  ASN n 
1 70  GLU n 
1 71  LEU n 
1 72  HIS n 
1 73  LYS n 
1 74  PHE n 
1 75  LEU n 
1 76  ILE n 
1 77  TRP n 
1 78  ASP n 
1 79  THR n 
1 80  ALA n 
1 81  GLY n 
1 82  GLN n 
1 83  GLU n 
1 84  ARG n 
1 85  PHE n 
1 86  HIS n 
1 87  SER n 
1 88  LEU n 
1 89  ALA n 
1 90  PRO n 
1 91  MET n 
1 92  TYR n 
1 93  TYR n 
1 94  ARG n 
1 95  GLY n 
1 96  SER n 
1 97  ALA n 
1 98  ALA n 
1 99  ALA n 
1 100 VAL n 
1 101 ILE n 
1 102 VAL n 
1 103 TYR n 
1 104 ASP n 
1 105 ILE n 
1 106 THR n 
1 107 LYS n 
1 108 GLN n 
1 109 ASP n 
1 110 SER n 
1 111 PHE n 
1 112 TYR n 
1 113 THR n 
1 114 LEU n 
1 115 LYS n 
1 116 LYS n 
1 117 TRP n 
1 118 VAL n 
1 119 LYS n 
1 120 GLU n 
1 121 LEU n 
1 122 LYS n 
1 123 GLU n 
1 124 HIS n 
1 125 GLY n 
1 126 PRO n 
1 127 GLU n 
1 128 ASN n 
1 129 ILE n 
1 130 VAL n 
1 131 MET n 
1 132 ALA n 
1 133 ILE n 
1 134 ALA n 
1 135 GLY n 
1 136 ASN n 
1 137 LYS n 
1 138 CYS n 
1 139 ASP n 
1 140 LEU n 
1 141 SER n 
1 142 ASP n 
1 143 ILE n 
1 144 ARG n 
1 145 GLU n 
1 146 VAL n 
1 147 PRO n 
1 148 LEU n 
1 149 LYS n 
1 150 ASP n 
1 151 ALA n 
1 152 LYS n 
1 153 GLU n 
1 154 TYR n 
1 155 ALA n 
1 156 GLU n 
1 157 SER n 
1 158 ILE n 
1 159 GLY n 
1 160 ALA n 
1 161 ILE n 
1 162 VAL n 
1 163 VAL n 
1 164 GLU n 
1 165 THR n 
1 166 SER n 
1 167 ALA n 
1 168 LYS n 
1 169 ASN n 
1 170 ALA n 
1 171 ILE n 
1 172 ASN n 
1 173 ILE n 
1 174 GLU n 
1 175 GLU n 
1 176 LEU n 
1 177 PHE n 
1 178 GLN n 
1 179 GLY n 
1 180 ILE n 
1 181 SER n 
1 182 ARG n 
1 183 GLN n 
1 184 ILE n 
1 185 PRO n 
1 186 PRO n 
1 187 LEU n 
1 188 ASP n 
1 189 PRO n 
1 190 HIS n 
1 191 GLU n 
1 192 ASN n 
# 
_entity_src_gen.entity_id                          1 
_entity_src_gen.pdbx_src_id                        1 
_entity_src_gen.pdbx_alt_source_flag               sample 
_entity_src_gen.pdbx_seq_type                      ? 
_entity_src_gen.pdbx_beg_seq_num                   ? 
_entity_src_gen.pdbx_end_seq_num                   ? 
_entity_src_gen.gene_src_common_name               human 
_entity_src_gen.gene_src_genus                     Homo 
_entity_src_gen.pdbx_gene_src_gene                 'RAB31, RAB22B' 
_entity_src_gen.gene_src_species                   ? 
_entity_src_gen.gene_src_strain                    ? 
_entity_src_gen.gene_src_tissue                    ? 
_entity_src_gen.gene_src_tissue_fraction           ? 
_entity_src_gen.gene_src_details                   ? 
_entity_src_gen.pdbx_gene_src_fragment             ? 
_entity_src_gen.pdbx_gene_src_scientific_name      'Homo sapiens' 
_entity_src_gen.pdbx_gene_src_ncbi_taxonomy_id     9606 
_entity_src_gen.pdbx_gene_src_variant              ? 
_entity_src_gen.pdbx_gene_src_cell_line            ? 
_entity_src_gen.pdbx_gene_src_atcc                 ? 
_entity_src_gen.pdbx_gene_src_organ                ? 
_entity_src_gen.pdbx_gene_src_organelle            ? 
_entity_src_gen.pdbx_gene_src_cell                 ? 
_entity_src_gen.pdbx_gene_src_cellular_location    ? 
_entity_src_gen.host_org_common_name               ? 
_entity_src_gen.pdbx_host_org_scientific_name      'Escherichia coli' 
_entity_src_gen.pdbx_host_org_ncbi_taxonomy_id     562 
_entity_src_gen.host_org_genus                     Escherichia 
_entity_src_gen.pdbx_host_org_gene                 ? 
_entity_src_gen.pdbx_host_org_organ                ? 
_entity_src_gen.host_org_species                   ? 
_entity_src_gen.pdbx_host_org_tissue               ? 
_entity_src_gen.pdbx_host_org_tissue_fraction      ? 
_entity_src_gen.pdbx_host_org_strain               'BL21-CodonPlus(DE3)-RIL' 
_entity_src_gen.pdbx_host_org_variant              ? 
_entity_src_gen.pdbx_host_org_cell_line            ? 
_entity_src_gen.pdbx_host_org_atcc                 ? 
_entity_src_gen.pdbx_host_org_culture_collection   ? 
_entity_src_gen.pdbx_host_org_cell                 ? 
_entity_src_gen.pdbx_host_org_organelle            ? 
_entity_src_gen.pdbx_host_org_cellular_location    ? 
_entity_src_gen.pdbx_host_org_vector_type          plasmid 
_entity_src_gen.pdbx_host_org_vector               ? 
_entity_src_gen.host_org_details                   ? 
_entity_src_gen.expression_system_id               ? 
_entity_src_gen.plasmid_name                       p28a-LIC 
_entity_src_gen.plasmid_details                    ? 
_entity_src_gen.pdbx_description                   ? 
# 
loop_
_chem_comp.id 
_chem_comp.type 
_chem_comp.mon_nstd_flag 
_chem_comp.name 
_chem_comp.pdbx_synonyms 
_chem_comp.formula 
_chem_comp.formula_weight 
ALA 'L-peptide linking' y ALANINE                                       ? 'C3 H7 N O2'        89.093  
ARG 'L-peptide linking' y ARGININE                                      ? 'C6 H15 N4 O2 1'    175.209 
ASN 'L-peptide linking' y ASPARAGINE                                    ? 'C4 H8 N2 O3'       132.118 
ASP 'L-peptide linking' y 'ASPARTIC ACID'                               ? 'C4 H7 N O4'        133.103 
CYS 'L-peptide linking' y CYSTEINE                                      ? 'C3 H7 N O2 S'      121.158 
GLN 'L-peptide linking' y GLUTAMINE                                     ? 'C5 H10 N2 O3'      146.144 
GLU 'L-peptide linking' y 'GLUTAMIC ACID'                               ? 'C5 H9 N O4'        147.129 
GLY 'peptide linking'   y GLYCINE                                       ? 'C2 H5 N O2'        75.067  
GNP non-polymer         . 'PHOSPHOAMINOPHOSPHONIC ACID-GUANYLATE ESTER' ? 'C10 H17 N6 O13 P3' 522.196 
HIS 'L-peptide linking' y HISTIDINE                                     ? 'C6 H10 N3 O2 1'    156.162 
HOH non-polymer         . WATER                                         ? 'H2 O'              18.015  
ILE 'L-peptide linking' y ISOLEUCINE                                    ? 'C6 H13 N O2'       131.173 
LEU 'L-peptide linking' y LEUCINE                                       ? 'C6 H13 N O2'       131.173 
LYS 'L-peptide linking' y LYSINE                                        ? 'C6 H15 N2 O2 1'    147.195 
MET 'L-peptide linking' y METHIONINE                                    ? 'C5 H11 N O2 S'     149.211 
MG  non-polymer         . 'MAGNESIUM ION'                               ? 'Mg 2'              24.305  
PHE 'L-peptide linking' y PHENYLALANINE                                 ? 'C9 H11 N O2'       165.189 
PRO 'L-peptide linking' y PROLINE                                       ? 'C5 H9 N O2'        115.130 
SER 'L-peptide linking' y SERINE                                        ? 'C3 H7 N O3'        105.093 
THR 'L-peptide linking' y THREONINE                                     ? 'C4 H9 N O3'        119.119 
TRP 'L-peptide linking' y TRYPTOPHAN                                    ? 'C11 H12 N2 O2'     204.225 
TYR 'L-peptide linking' y TYROSINE                                      ? 'C9 H11 N O3'       181.189 
VAL 'L-peptide linking' y VALINE                                        ? 'C5 H11 N O2'       117.146 
# 
loop_
_pdbx_poly_seq_scheme.asym_id 
_pdbx_poly_seq_scheme.entity_id 
_pdbx_poly_seq_scheme.seq_id 
_pdbx_poly_seq_scheme.mon_id 
_pdbx_poly_seq_scheme.ndb_seq_num 
_pdbx_poly_seq_scheme.pdb_seq_num 
_pdbx_poly_seq_scheme.auth_seq_num 
_pdbx_poly_seq_scheme.pdb_mon_id 
_pdbx_poly_seq_scheme.auth_mon_id 
_pdbx_poly_seq_scheme.pdb_strand_id 
_pdbx_poly_seq_scheme.pdb_ins_code 
_pdbx_poly_seq_scheme.hetero 
A 1 1   MET 1   -17 ?   ?   ?   A . n 
A 1 2   GLY 2   -16 ?   ?   ?   A . n 
A 1 3   SER 3   -15 ?   ?   ?   A . n 
A 1 4   SER 4   -14 ?   ?   ?   A . n 
A 1 5   HIS 5   -13 ?   ?   ?   A . n 
A 1 6   HIS 6   -12 ?   ?   ?   A . n 
A 1 7   HIS 7   -11 ?   ?   ?   A . n 
A 1 8   HIS 8   -10 ?   ?   ?   A . n 
A 1 9   HIS 9   -9  ?   ?   ?   A . n 
A 1 10  HIS 10  -8  ?   ?   ?   A . n 
A 1 11  SER 11  -7  ?   ?   ?   A . n 
A 1 12  SER 12  -6  ?   ?   ?   A . n 
A 1 13  GLY 13  -5  ?   ?   ?   A . n 
A 1 14  LEU 14  -4  ?   ?   ?   A . n 
A 1 15  VAL 15  -3  ?   ?   ?   A . n 
A 1 16  PRO 16  -2  ?   ?   ?   A . n 
A 1 17  ARG 17  -1  ?   ?   ?   A . n 
A 1 18  GLY 18  0   ?   ?   ?   A . n 
A 1 19  SER 19  1   ?   ?   ?   A . n 
A 1 20  ALA 20  2   ?   ?   ?   A . n 
A 1 21  ILE 21  3   3   ILE ILE A . n 
A 1 22  ARG 22  4   4   ARG ARG A . n 
A 1 23  GLU 23  5   5   GLU GLU A . n 
A 1 24  LEU 24  6   6   LEU LEU A . n 
A 1 25  LYS 25  7   7   LYS LYS A . n 
A 1 26  VAL 26  8   8   VAL VAL A . n 
A 1 27  CYS 27  9   9   CYS CYS A . n 
A 1 28  LEU 28  10  10  LEU LEU A . n 
A 1 29  LEU 29  11  11  LEU LEU A . n 
A 1 30  GLY 30  12  12  GLY GLY A . n 
A 1 31  ASP 31  13  13  ASP ASP A . n 
A 1 32  THR 32  14  14  THR THR A . n 
A 1 33  GLY 33  15  15  GLY GLY A . n 
A 1 34  VAL 34  16  16  VAL VAL A . n 
A 1 35  GLY 35  17  17  GLY GLY A . n 
A 1 36  LYS 36  18  18  LYS LYS A . n 
A 1 37  SER 37  19  19  SER SER A . n 
A 1 38  SER 38  20  20  SER SER A . n 
A 1 39  ILE 39  21  21  ILE ILE A . n 
A 1 40  VAL 40  22  22  VAL VAL A . n 
A 1 41  CYS 41  23  23  CYS CYS A . n 
A 1 42  ARG 42  24  24  ARG ARG A . n 
A 1 43  PHE 43  25  25  PHE PHE A . n 
A 1 44  VAL 44  26  26  VAL VAL A . n 
A 1 45  GLN 45  27  27  GLN GLN A . n 
A 1 46  ASP 46  28  28  ASP ASP A . n 
A 1 47  HIS 47  29  29  HIS HIS A . n 
A 1 48  PHE 48  30  30  PHE PHE A . n 
A 1 49  ASP 49  31  31  ASP ASP A . n 
A 1 50  HIS 50  32  32  HIS HIS A . n 
A 1 51  ASN 51  33  33  ASN ASN A . n 
A 1 52  ILE 52  34  34  ILE ILE A . n 
A 1 53  SER 53  35  35  SER SER A . n 
A 1 54  PRO 54  36  36  PRO PRO A . n 
A 1 55  THR 55  37  37  THR THR A . n 
A 1 56  ILE 56  38  38  ILE ILE A . n 
A 1 57  GLY 57  39  39  GLY GLY A . n 
A 1 58  ALA 58  40  40  ALA ALA A . n 
A 1 59  SER 59  41  41  SER SER A . n 
A 1 60  PHE 60  42  42  PHE PHE A . n 
A 1 61  MET 61  43  43  MET MET A . n 
A 1 62  THR 62  44  44  THR THR A . n 
A 1 63  LYS 63  45  45  LYS LYS A . n 
A 1 64  THR 64  46  46  THR THR A . n 
A 1 65  VAL 65  47  47  VAL VAL A . n 
A 1 66  PRO 66  48  48  PRO PRO A . n 
A 1 67  CYS 67  49  49  CYS CYS A . n 
A 1 68  GLY 68  50  50  GLY GLY A . n 
A 1 69  ASN 69  51  51  ASN ASN A . n 
A 1 70  GLU 70  52  52  GLU GLU A . n 
A 1 71  LEU 71  53  53  LEU LEU A . n 
A 1 72  HIS 72  54  54  HIS HIS A . n 
A 1 73  LYS 73  55  55  LYS LYS A . n 
A 1 74  PHE 74  56  56  PHE PHE A . n 
A 1 75  LEU 75  57  57  LEU LEU A . n 
A 1 76  ILE 76  58  58  ILE ILE A . n 
A 1 77  TRP 77  59  59  TRP TRP A . n 
A 1 78  ASP 78  60  60  ASP ASP A . n 
A 1 79  THR 79  61  61  THR THR A . n 
A 1 80  ALA 80  62  62  ALA ALA A . n 
A 1 81  GLY 81  63  63  GLY GLY A . n 
A 1 82  GLN 82  64  64  GLN GLN A . n 
A 1 83  GLU 83  65  65  GLU GLU A . n 
A 1 84  ARG 84  66  66  ARG ARG A . n 
A 1 85  PHE 85  67  67  PHE PHE A . n 
A 1 86  HIS 86  68  68  HIS HIS A . n 
A 1 87  SER 87  69  69  SER SER A . n 
A 1 88  LEU 88  70  70  LEU LEU A . n 
A 1 89  ALA 89  71  71  ALA ALA A . n 
A 1 90  PRO 90  72  72  PRO PRO A . n 
A 1 91  MET 91  73  73  MET MET A . n 
A 1 92  TYR 92  74  74  TYR TYR A . n 
A 1 93  TYR 93  75  75  TYR TYR A . n 
A 1 94  ARG 94  76  76  ARG ARG A . n 
A 1 95  GLY 95  77  77  GLY GLY A . n 
A 1 96  SER 96  78  78  SER SER A . n 
A 1 97  ALA 97  79  79  ALA ALA A . n 
A 1 98  ALA 98  80  80  ALA ALA A . n 
A 1 99  ALA 99  81  81  ALA ALA A . n 
A 1 100 VAL 100 82  82  VAL VAL A . n 
A 1 101 ILE 101 83  83  ILE ILE A . n 
A 1 102 VAL 102 84  84  VAL VAL A . n 
A 1 103 TYR 103 85  85  TYR TYR A . n 
A 1 104 ASP 104 86  86  ASP ASP A . n 
A 1 105 ILE 105 87  87  ILE ILE A . n 
A 1 106 THR 106 88  88  THR THR A . n 
A 1 107 LYS 107 89  89  LYS LYS A . n 
A 1 108 GLN 108 90  90  GLN GLN A . n 
A 1 109 ASP 109 91  91  ASP ASP A . n 
A 1 110 SER 110 92  92  SER SER A . n 
A 1 111 PHE 111 93  93  PHE PHE A . n 
A 1 112 TYR 112 94  94  TYR TYR A . n 
A 1 113 THR 113 95  95  THR THR A . n 
A 1 114 LEU 114 96  96  LEU LEU A . n 
A 1 115 LYS 115 97  97  LYS LYS A . n 
A 1 116 LYS 116 98  98  LYS LYS A . n 
A 1 117 TRP 117 99  99  TRP TRP A . n 
A 1 118 VAL 118 100 100 VAL VAL A . n 
A 1 119 LYS 119 101 101 LYS LYS A . n 
A 1 120 GLU 120 102 102 GLU GLU A . n 
A 1 121 LEU 121 103 103 LEU LEU A . n 
A 1 122 LYS 122 104 104 LYS LYS A . n 
A 1 123 GLU 123 105 105 GLU GLU A . n 
A 1 124 HIS 124 106 106 HIS HIS A . n 
A 1 125 GLY 125 107 107 GLY GLY A . n 
A 1 126 PRO 126 108 108 PRO PRO A . n 
A 1 127 GLU 127 109 109 GLU GLU A . n 
A 1 128 ASN 128 110 110 ASN ASN A . n 
A 1 129 ILE 129 111 111 ILE ILE A . n 
A 1 130 VAL 130 112 112 VAL VAL A . n 
A 1 131 MET 131 113 113 MET MET A . n 
A 1 132 ALA 132 114 114 ALA ALA A . n 
A 1 133 ILE 133 115 115 ILE ILE A . n 
A 1 134 ALA 134 116 116 ALA ALA A . n 
A 1 135 GLY 135 117 117 GLY GLY A . n 
A 1 136 ASN 136 118 118 ASN ASN A . n 
A 1 137 LYS 137 119 119 LYS LYS A . n 
A 1 138 CYS 138 120 120 CYS CYS A . n 
A 1 139 ASP 139 121 121 ASP ASP A . n 
A 1 140 LEU 140 122 122 LEU LEU A . n 
A 1 141 SER 141 123 123 SER SER A . n 
A 1 142 ASP 142 124 124 ASP ASP A . n 
A 1 143 ILE 143 125 125 ILE ILE A . n 
A 1 144 ARG 144 126 126 ARG ARG A . n 
A 1 145 GLU 145 127 127 GLU GLU A . n 
A 1 146 VAL 146 128 128 VAL VAL A . n 
A 1 147 PRO 147 129 129 PRO PRO A . n 
A 1 148 LEU 148 130 130 LEU LEU A . n 
A 1 149 LYS 149 131 131 LYS LYS A . n 
A 1 150 ASP 150 132 132 ASP ASP A . n 
A 1 151 ALA 151 133 133 ALA ALA A . n 
A 1 152 LYS 152 134 134 LYS LYS A . n 
A 1 153 GLU 153 135 135 GLU GLU A . n 
A 1 154 TYR 154 136 136 TYR TYR A . n 
A 1 155 ALA 155 137 137 ALA ALA A . n 
A 1 156 GLU 156 138 138 GLU GLU A . n 
A 1 157 SER 157 139 139 SER SER A . n 
A 1 158 ILE 158 140 140 ILE ILE A . n 
A 1 159 GLY 159 141 141 GLY GLY A . n 
A 1 160 ALA 160 142 142 ALA ALA A . n 
A 1 161 ILE 161 143 143 ILE ILE A . n 
A 1 162 VAL 162 144 144 VAL VAL A . n 
A 1 163 VAL 163 145 145 VAL VAL A . n 
A 1 164 GLU 164 146 146 GLU GLU A . n 
A 1 165 THR 165 147 147 THR THR A . n 
A 1 166 SER 166 148 148 SER SER A . n 
A 1 167 ALA 167 149 149 ALA ALA A . n 
A 1 168 LYS 168 150 150 LYS LYS A . n 
A 1 169 ASN 169 151 151 ASN ASN A . n 
A 1 170 ALA 170 152 152 ALA ALA A . n 
A 1 171 ILE 171 153 153 ILE ILE A . n 
A 1 172 ASN 172 154 154 ASN ASN A . n 
A 1 173 ILE 173 155 155 ILE ILE A . n 
A 1 174 GLU 174 156 156 GLU GLU A . n 
A 1 175 GLU 175 157 157 GLU GLU A . n 
A 1 176 LEU 176 158 158 LEU LEU A . n 
A 1 177 PHE 177 159 159 PHE PHE A . n 
A 1 178 GLN 178 160 160 GLN GLN A . n 
A 1 179 GLY 179 161 161 GLY GLY A . n 
A 1 180 ILE 180 162 162 ILE ILE A . n 
A 1 181 SER 181 163 163 SER SER A . n 
A 1 182 ARG 182 164 164 ARG ARG A . n 
A 1 183 GLN 183 165 165 GLN GLN A . n 
A 1 184 ILE 184 166 166 ILE ILE A . n 
A 1 185 PRO 185 167 167 PRO PRO A . n 
A 1 186 PRO 186 168 ?   ?   ?   A . n 
A 1 187 LEU 187 169 ?   ?   ?   A . n 
A 1 188 ASP 188 170 ?   ?   ?   A . n 
A 1 189 PRO 189 171 ?   ?   ?   A . n 
A 1 190 HIS 190 172 ?   ?   ?   A . n 
A 1 191 GLU 191 173 ?   ?   ?   A . n 
A 1 192 ASN 192 174 ?   ?   ?   A . n 
# 
loop_
_pdbx_nonpoly_scheme.asym_id 
_pdbx_nonpoly_scheme.entity_id 
_pdbx_nonpoly_scheme.mon_id 
_pdbx_nonpoly_scheme.ndb_seq_num 
_pdbx_nonpoly_scheme.pdb_seq_num 
_pdbx_nonpoly_scheme.auth_seq_num 
_pdbx_nonpoly_scheme.pdb_mon_id 
_pdbx_nonpoly_scheme.auth_mon_id 
_pdbx_nonpoly_scheme.pdb_strand_id 
_pdbx_nonpoly_scheme.pdb_ins_code 
B 2 MG  1 301 301 MG  MG  A . 
C 3 GNP 1 302 302 GNP GNP A . 
D 4 HOH 1 401 401 HOH HOH A . 
D 4 HOH 2 402 402 HOH HOH A . 
D 4 HOH 3 403 403 HOH HOH A . 
D 4 HOH 4 404 404 HOH HOH A . 
D 4 HOH 5 405 405 HOH HOH A . 
D 4 HOH 6 406 406 HOH HOH A . 
D 4 HOH 7 407 407 HOH HOH A . 
D 4 HOH 8 408 408 HOH HOH A . 
# 
loop_
_pdbx_unobs_or_zero_occ_atoms.id 
_pdbx_unobs_or_zero_occ_atoms.PDB_model_num 
_pdbx_unobs_or_zero_occ_atoms.polymer_flag 
_pdbx_unobs_or_zero_occ_atoms.occupancy_flag 
_pdbx_unobs_or_zero_occ_atoms.auth_asym_id 
_pdbx_unobs_or_zero_occ_atoms.auth_comp_id 
_pdbx_unobs_or_zero_occ_atoms.auth_seq_id 
_pdbx_unobs_or_zero_occ_atoms.PDB_ins_code 
_pdbx_unobs_or_zero_occ_atoms.auth_atom_id 
_pdbx_unobs_or_zero_occ_atoms.label_alt_id 
_pdbx_unobs_or_zero_occ_atoms.label_asym_id 
_pdbx_unobs_or_zero_occ_atoms.label_comp_id 
_pdbx_unobs_or_zero_occ_atoms.label_seq_id 
_pdbx_unobs_or_zero_occ_atoms.label_atom_id 
1  1 Y 1 A GLU 65  ? CD  ? A GLU 83  CD  
2  1 Y 1 A GLU 65  ? OE1 ? A GLU 83  OE1 
3  1 Y 1 A GLU 65  ? OE2 ? A GLU 83  OE2 
4  1 Y 1 A LYS 98  ? CG  ? A LYS 116 CG  
5  1 Y 1 A LYS 98  ? CD  ? A LYS 116 CD  
6  1 Y 1 A LYS 98  ? CE  ? A LYS 116 CE  
7  1 Y 1 A LYS 98  ? NZ  ? A LYS 116 NZ  
8  1 Y 1 A GLU 105 ? CG  ? A GLU 123 CG  
9  1 Y 1 A GLU 105 ? CD  ? A GLU 123 CD  
10 1 Y 1 A GLU 105 ? OE1 ? A GLU 123 OE1 
11 1 Y 1 A GLU 105 ? OE2 ? A GLU 123 OE2 
12 1 Y 1 A GLU 109 ? CG  ? A GLU 127 CG  
13 1 Y 1 A GLU 109 ? CD  ? A GLU 127 CD  
14 1 Y 1 A GLU 109 ? OE1 ? A GLU 127 OE1 
15 1 Y 1 A GLU 109 ? OE2 ? A GLU 127 OE2 
16 1 Y 1 A ASN 110 ? CG  ? A ASN 128 CG  
17 1 Y 1 A ASN 110 ? OD1 ? A ASN 128 OD1 
18 1 Y 1 A ASN 110 ? ND2 ? A ASN 128 ND2 
19 1 Y 1 A LYS 131 ? CD  ? A LYS 149 CD  
20 1 Y 1 A LYS 131 ? CE  ? A LYS 149 CE  
21 1 Y 1 A LYS 131 ? NZ  ? A LYS 149 NZ  
22 1 Y 1 A ARG 164 ? CG  ? A ARG 182 CG  
23 1 Y 1 A ARG 164 ? CD  ? A ARG 182 CD  
24 1 Y 1 A ARG 164 ? NE  ? A ARG 182 NE  
25 1 Y 1 A ARG 164 ? CZ  ? A ARG 182 CZ  
26 1 Y 1 A ARG 164 ? NH1 ? A ARG 182 NH1 
27 1 Y 1 A ARG 164 ? NH2 ? A ARG 182 NH2 
# 
loop_
_software.name 
_software.version 
_software.date 
_software.type 
_software.contact_author 
_software.contact_author_email 
_software.classification 
_software.location 
_software.language 
_software.citation_id 
_software.pdbx_ordinal 
DENZO       .               ?               package 'Zbyszek Otwinowski' zbyszek@mix.swmed.edu       'data reduction'  
http://www.lnls.br/infra/linhasluz/denzo-hkl.htm ?       ? 1 
SCALEPACK   .               ?               package 'Zbyszek Otwinowski' zbyszek@mix.swmed.edu       'data scaling'    
http://www.lnls.br/infra/linhasluz/denzo-hkl.htm ?       ? 2 
PHASER      .               ?               ?       'R. J. Read'         cimr-phaser@lists.cam.ac.uk phasing           
http://www-structmed.cimr.cam.ac.uk/phaser/      ?       ? 3 
REFMAC      refmac_5.2.0019 24/04/2001      ?       'Murshudov, G.N.'    ccp4@dl.ac.uk               refinement        
http://www.ccp4.ac.uk/main.html                  Fortran ? 4 
PDB_EXTRACT 1.700           'Jul. 11, 2005' package PDB                  sw-help@rcsb.rutgers.edu    'data extraction' 
http://pdb.rutgers.edu/software/                 C++     ? 5 
# 
_cell.length_a           87.769 
_cell.length_b           87.769 
_cell.length_c           87.769 
_cell.angle_alpha        90.00 
_cell.angle_beta         90.00 
_cell.angle_gamma        90.00 
_cell.entry_id           2FG5 
_cell.pdbx_unique_axis   ? 
_cell.Z_PDB              12 
_cell.length_a_esd       ? 
_cell.length_b_esd       ? 
_cell.length_c_esd       ? 
_cell.angle_alpha_esd    ? 
_cell.angle_beta_esd     ? 
_cell.angle_gamma_esd    ? 
# 
_symmetry.space_group_name_H-M             'P 21 3' 
_symmetry.Int_Tables_number                198 
_symmetry.entry_id                         2FG5 
_symmetry.pdbx_full_space_group_name_H-M   ? 
_symmetry.cell_setting                     ? 
_symmetry.space_group_name_Hall            ? 
# 
_exptl.crystals_number   1 
_exptl.method            'X-RAY DIFFRACTION' 
_exptl.entry_id          2FG5 
# 
_exptl_crystal.id                    1 
_exptl_crystal.density_percent_sol   53.44 
_exptl_crystal.density_Matthews      2.64 
_exptl_crystal.density_meas          ? 
_exptl_crystal.description           ? 
_exptl_crystal.F_000                 ? 
_exptl_crystal.preparation           ? 
# 
_exptl_crystal_grow.crystal_id      1 
_exptl_crystal_grow.method          'VAPOR DIFFUSION, SITTING DROP' 
_exptl_crystal_grow.pH              6.5 
_exptl_crystal_grow.temp            291 
_exptl_crystal_grow.pdbx_details    
'20% isopropanol, 16% PEG 4k, 0.1M BisTris, pH 6.5, VAPOR DIFFUSION, SITTING DROP, temperature 291K' 
_exptl_crystal_grow.temp_details    ? 
_exptl_crystal_grow.pdbx_pH_range   . 
# 
_diffrn.id                     1 
_diffrn.ambient_temp           100 
_diffrn.ambient_temp_details   ? 
_diffrn.crystal_id             1 
# 
_diffrn_detector.diffrn_id              1 
_diffrn_detector.detector               CCD 
_diffrn_detector.type                   'ADSC QUANTUM 210' 
_diffrn_detector.pdbx_collection_date   2005-12-10 
_diffrn_detector.details                ? 
# 
_diffrn_radiation.diffrn_id                        1 
_diffrn_radiation.pdbx_diffrn_protocol             'SINGLE WAVELENGTH' 
_diffrn_radiation.wavelength_id                    1 
_diffrn_radiation.monochromator                    ? 
_diffrn_radiation.pdbx_monochromatic_or_laue_m_l   M 
_diffrn_radiation.pdbx_scattering_type             x-ray 
# 
_diffrn_radiation_wavelength.id           1 
_diffrn_radiation_wavelength.wavelength   1.000 
_diffrn_radiation_wavelength.wt           1.0 
# 
_diffrn_source.diffrn_id                   1 
_diffrn_source.source                      SYNCHROTRON 
_diffrn_source.type                        'APS BEAMLINE 17-ID' 
_diffrn_source.pdbx_wavelength_list        1.000 
_diffrn_source.pdbx_wavelength             ? 
_diffrn_source.pdbx_synchrotron_site       APS 
_diffrn_source.pdbx_synchrotron_beamline   17-ID 
# 
_reflns.entry_id                     2FG5 
_reflns.d_resolution_low             30.00 
_reflns.d_resolution_high            2.80 
_reflns.number_obs                   5772 
_reflns.percent_possible_obs         99.800 
_reflns.pdbx_Rmerge_I_obs            0.058 
_reflns.pdbx_chi_squared             1.165 
_reflns.pdbx_redundancy              9.000 
_reflns.pdbx_scaling_rejects         ? 
_reflns.pdbx_netI_over_sigmaI        ? 
_reflns.pdbx_Rsym_value              ? 
_reflns.observed_criterion_sigma_F   ? 
_reflns.observed_criterion_sigma_I   ? 
_reflns.number_all                   ? 
_reflns.B_iso_Wilson_estimate        ? 
_reflns.R_free_details               ? 
_reflns.limit_h_max                  ? 
_reflns.limit_h_min                  ? 
_reflns.limit_k_max                  ? 
_reflns.limit_k_min                  ? 
_reflns.limit_l_max                  ? 
_reflns.limit_l_min                  ? 
_reflns.observed_criterion_F_max     ? 
_reflns.observed_criterion_F_min     ? 
_reflns.pdbx_diffrn_id               1 
_reflns.pdbx_ordinal                 1 
# 
loop_
_reflns_shell.d_res_low 
_reflns_shell.d_res_high 
_reflns_shell.number_measured_obs 
_reflns_shell.percent_possible_obs 
_reflns_shell.Rmerge_I_obs 
_reflns_shell.pdbx_chi_squared 
_reflns_shell.pdbx_redundancy 
_reflns_shell.number_unique_obs 
_reflns_shell.meanI_over_sigI_obs 
_reflns_shell.pdbx_Rsym_value 
_reflns_shell.percent_possible_all 
_reflns_shell.number_unique_all 
_reflns_shell.number_measured_all 
_reflns_shell.pdbx_diffrn_id 
_reflns_shell.pdbx_ordinal 
2.90  2.80 548 98.600  0.745 0.856 7.600 ? ? ? ? ? ? ? 1  
3.02  2.90 574 100.000 0.456 0.906 9.000 ? ? ? ? ? ? ? 2  
3.15  3.02 569 100.000 0.366 0.957 9.400 ? ? ? ? ? ? ? 3  
3.32  3.15 564 100.000 0.191 1.082 9.400 ? ? ? ? ? ? ? 4  
3.53  3.32 577 100.000 0.133 1.174 9.400 ? ? ? ? ? ? ? 5  
3.80  3.53 563 100.000 0.083 1.361 9.300 ? ? ? ? ? ? ? 6  
4.18  3.80 580 100.000 0.062 1.438 9.200 ? ? ? ? ? ? ? 7  
4.78  4.18 587 100.000 0.045 1.636 9.200 ? ? ? ? ? ? ? 8  
6.02  4.78 579 100.000 0.033 1.045 9.100 ? ? ? ? ? ? ? 9  
30.00 6.02 631 99.800  0.021 1.103 8.500 ? ? ? ? ? ? ? 10 
# 
_refine.details                                  ? 
_refine.B_iso_mean                               74.810 
_refine.solvent_model_details                    'MASK BULK SOLVENT' 
_refine.pdbx_solvent_vdw_probe_radii             1.200 
_refine.pdbx_solvent_ion_probe_radii             0.800 
_refine.pdbx_solvent_shrinkage_radii             0.800 
_refine.ls_d_res_high                            2.801 
_refine.ls_d_res_low                             30.0 
_refine.ls_number_reflns_R_free                  260 
_refine.ls_number_reflns_obs                     5728 
_refine.ls_R_factor_R_work                       0.1999 
_refine.ls_R_factor_R_free                       0.2738 
_refine.ls_R_factor_all                          0.203 
_refine.ls_wR_factor_R_work                      0.185 
_refine.ls_wR_factor_R_free                      0.258 
_refine.ls_percent_reflns_obs                    99.427 
_refine.ls_percent_reflns_R_free                 4.539 
_refine.correlation_coeff_Fo_to_Fc               0.954 
_refine.correlation_coeff_Fo_to_Fc_free          0.906 
_refine.pdbx_overall_ESU_R                       1.366 
_refine.pdbx_overall_ESU_R_Free                  0.382 
_refine.overall_SU_ML                            0.272 
_refine.overall_SU_B                             13.926 
_refine.entry_id                                 2FG5 
_refine.pdbx_ls_sigma_F                          ? 
_refine.pdbx_ls_sigma_I                          ? 
_refine.ls_number_reflns_all                     ? 
_refine.ls_R_factor_obs                          ? 
_refine.ls_redundancy_reflns_obs                 ? 
_refine.pdbx_data_cutoff_high_absF               ? 
_refine.pdbx_data_cutoff_low_absF                ? 
_refine.ls_number_parameters                     ? 
_refine.ls_number_restraints                     ? 
_refine.ls_R_factor_R_free_error                 ? 
_refine.ls_R_factor_R_free_error_details         ? 
_refine.pdbx_method_to_determine_struct          'MOLECULAR REPLACEMENT' 
_refine.pdbx_starting_model                      PDB1YVD 
_refine.pdbx_ls_cross_valid_method               ? 
_refine.pdbx_R_Free_selection_details            ? 
_refine.pdbx_stereochem_target_val_spec_case     ? 
_refine.pdbx_stereochemistry_target_values       ? 
_refine.solvent_model_param_bsol                 ? 
_refine.solvent_model_param_ksol                 ? 
_refine.occupancy_max                            ? 
_refine.occupancy_min                            ? 
_refine.pdbx_isotropic_thermal_model             ? 
_refine.aniso_B[1][1]                            ? 
_refine.aniso_B[1][2]                            ? 
_refine.aniso_B[1][3]                            ? 
_refine.aniso_B[2][2]                            ? 
_refine.aniso_B[2][3]                            ? 
_refine.aniso_B[3][3]                            ? 
_refine.B_iso_min                                ? 
_refine.B_iso_max                                ? 
_refine.overall_SU_R_Cruickshank_DPI             ? 
_refine.overall_SU_R_free                        ? 
_refine.pdbx_data_cutoff_high_rms_absF           ? 
_refine.overall_FOM_free_R_set                   ? 
_refine.overall_FOM_work_R_set                   ? 
_refine.pdbx_refine_id                           'X-RAY DIFFRACTION' 
_refine.pdbx_diffrn_id                           1 
_refine.pdbx_TLS_residual_ADP_flag               ? 
_refine.pdbx_overall_phase_error                 ? 
_refine.pdbx_overall_SU_R_free_Cruickshank_DPI   ? 
_refine.pdbx_overall_SU_R_Blow_DPI               ? 
_refine.pdbx_overall_SU_R_free_Blow_DPI          ? 
# 
_refine_hist.pdbx_refine_id                   'X-RAY DIFFRACTION' 
_refine_hist.cycle_id                         LAST 
_refine_hist.pdbx_number_atoms_protein        1265 
_refine_hist.pdbx_number_atoms_nucleic_acid   0 
_refine_hist.pdbx_number_atoms_ligand         33 
_refine_hist.number_atoms_solvent             8 
_refine_hist.number_atoms_total               1306 
_refine_hist.d_res_high                       2.801 
_refine_hist.d_res_low                        30.0 
# 
loop_
_refine_ls_restr.type 
_refine_ls_restr.number 
_refine_ls_restr.dev_ideal 
_refine_ls_restr.dev_ideal_target 
_refine_ls_restr.weight 
_refine_ls_restr.pdbx_refine_id 
_refine_ls_restr.pdbx_restraint_function 
r_bond_refined_d         1329 0.015  0.022  ? 'X-RAY DIFFRACTION' ? 
r_angle_refined_deg      1809 1.240  1.982  ? 'X-RAY DIFFRACTION' ? 
r_dihedral_angle_1_deg   164  3.722  5.000  ? 'X-RAY DIFFRACTION' ? 
r_dihedral_angle_2_deg   52   29.927 24.423 ? 'X-RAY DIFFRACTION' ? 
r_dihedral_angle_3_deg   222  13.083 15.000 ? 'X-RAY DIFFRACTION' ? 
r_dihedral_angle_4_deg   5    9.162  15.000 ? 'X-RAY DIFFRACTION' ? 
r_chiral_restr           207  0.081  0.200  ? 'X-RAY DIFFRACTION' ? 
r_gen_planes_refined     968  0.003  0.020  ? 'X-RAY DIFFRACTION' ? 
r_nbd_refined            577  0.208  0.200  ? 'X-RAY DIFFRACTION' ? 
r_nbtor_refined          889  0.305  0.200  ? 'X-RAY DIFFRACTION' ? 
r_xyhbond_nbd_refined    50   0.146  0.200  ? 'X-RAY DIFFRACTION' ? 
r_metal_ion_refined      1    0.085  0.200  ? 'X-RAY DIFFRACTION' ? 
r_symmetry_vdw_refined   16   0.189  0.200  ? 'X-RAY DIFFRACTION' ? 
r_symmetry_hbond_refined 3    0.089  0.200  ? 'X-RAY DIFFRACTION' ? 
r_mcbond_it              851  1.757  2.000  ? 'X-RAY DIFFRACTION' ? 
r_mcangle_it             1326 3.011  3.000  ? 'X-RAY DIFFRACTION' ? 
r_scbond_it              562  1.525  2.000  ? 'X-RAY DIFFRACTION' ? 
r_scangle_it             483  2.239  3.000  ? 'X-RAY DIFFRACTION' ? 
# 
loop_
_refine_ls_shell.pdbx_total_number_of_bins_used 
_refine_ls_shell.d_res_low 
_refine_ls_shell.d_res_high 
_refine_ls_shell.number_reflns_all 
_refine_ls_shell.percent_reflns_obs 
_refine_ls_shell.number_reflns_R_work 
_refine_ls_shell.R_factor_R_work 
_refine_ls_shell.R_factor_all 
_refine_ls_shell.number_reflns_R_free 
_refine_ls_shell.R_factor_R_free 
_refine_ls_shell.number_reflns_obs 
_refine_ls_shell.R_factor_R_free_error 
_refine_ls_shell.percent_reflns_R_free 
_refine_ls_shell.redundancy_reflns_obs 
_refine_ls_shell.pdbx_refine_id 
20 2.873  2.801  419 99.523  394 0.254 0.260 23 0.377 . . . . 'X-RAY DIFFRACTION' 
20 2.952  2.873  410 100.000 393 0.289 0.288 17 0.26  . . . . 'X-RAY DIFFRACTION' 
20 3.037  2.952  397 100.000 389 0.285 0.286 8  0.314 . . . . 'X-RAY DIFFRACTION' 
20 3.131  3.037  384 100.000 366 0.288 0.294 18 0.411 . . . . 'X-RAY DIFFRACTION' 
20 3.233  3.131  375 100.000 358 0.262 0.264 17 0.307 . . . . 'X-RAY DIFFRACTION' 
20 3.346  3.233  361 99.723  350 0.241 0.244 10 0.352 . . . . 'X-RAY DIFFRACTION' 
20 3.472  3.346  342 99.708  323 0.239 0.247 18 0.392 . . . . 'X-RAY DIFFRACTION' 
20 3.613  3.472  328 99.085  310 0.213 0.214 15 0.241 . . . . 'X-RAY DIFFRACTION' 
20 3.773  3.613  338 98.225  312 0.204 0.207 20 0.256 . . . . 'X-RAY DIFFRACTION' 
20 3.957  3.773  303 98.020  279 0.163 0.168 18 0.267 . . . . 'X-RAY DIFFRACTION' 
20 4.170  3.957  299 98.997  283 0.17  0.174 13 0.246 . . . . 'X-RAY DIFFRACTION' 
20 4.422  4.170  283 99.293  274 0.166 0.167 7  0.218 . . . . 'X-RAY DIFFRACTION' 
20 4.725  4.422  262 99.237  250 0.178 0.176 10 0.148 . . . . 'X-RAY DIFFRACTION' 
20 5.101  4.725  252 100.000 237 0.153 0.162 15 0.336 . . . . 'X-RAY DIFFRACTION' 
20 5.585  5.101  232 100.000 224 0.174 0.178 8  0.299 . . . . 'X-RAY DIFFRACTION' 
20 6.237  5.585  208 100.000 201 0.211 0.215 7  0.308 . . . . 'X-RAY DIFFRACTION' 
20 7.190  6.237  187 100.000 174 0.223 0.230 13 0.301 . . . . 'X-RAY DIFFRACTION' 
20 8.777  7.190  168 100.000 158 0.174 0.177 10 0.231 . . . . 'X-RAY DIFFRACTION' 
20 12.290 8.777  129 100.000 122 0.164 0.168 7  0.251 . . . . 'X-RAY DIFFRACTION' 
20 62.017 12.290 84  91.667  71  0.241 0.242 6  0.246 . . . . 'X-RAY DIFFRACTION' 
# 
_struct.entry_id                  2FG5 
_struct.title                     'Crystal structure of human RAB31 in complex with a GTP analogue' 
_struct.pdbx_model_details        ? 
_struct.pdbx_CASP_flag            ? 
_struct.pdbx_model_type_details   ? 
# 
_struct_keywords.text            
'G-PROTEIN, RAB, GTP ANALOGUE, Structural Genomics, Structural Genomics Consortium, SGC, SIGNALING PROTEIN' 
_struct_keywords.entry_id        2FG5 
_struct_keywords.pdbx_keywords   'SIGNALING PROTEIN' 
# 
loop_
_struct_asym.id 
_struct_asym.pdbx_blank_PDB_chainid_flag 
_struct_asym.pdbx_modified 
_struct_asym.entity_id 
_struct_asym.details 
A N N 1 ? 
B N N 2 ? 
C N N 3 ? 
D N N 4 ? 
# 
_struct_ref.id                         1 
_struct_ref.db_name                    UNP 
_struct_ref.db_code                    RAB31_HUMAN 
_struct_ref.pdbx_db_accession          Q13636 
_struct_ref.entity_id                  1 
_struct_ref.pdbx_seq_one_letter_code   
;AIRELKVCLLGDTGVGKSSIVCRFVQDHFDHNISPTIGASFMTKTVPCGNELHKFLIWDTAGQERFHSLAPMYYRGSAAA
VIVYDITKQDSFYTLKKWVKELKEHGPENIVMAIAGNKCDLSDIREVPLKDAKEYAESIGAIVVETSAKNAINIEELFQG
ISRQIPPLDPHEN
;
_struct_ref.pdbx_align_begin           2 
_struct_ref.pdbx_db_isoform            ? 
# 
_struct_ref_seq.align_id                      1 
_struct_ref_seq.ref_id                        1 
_struct_ref_seq.pdbx_PDB_id_code              2FG5 
_struct_ref_seq.pdbx_strand_id                A 
_struct_ref_seq.seq_align_beg                 20 
_struct_ref_seq.pdbx_seq_align_beg_ins_code   ? 
_struct_ref_seq.seq_align_end                 192 
_struct_ref_seq.pdbx_seq_align_end_ins_code   ? 
_struct_ref_seq.pdbx_db_accession             Q13636 
_struct_ref_seq.db_align_beg                  2 
_struct_ref_seq.pdbx_db_align_beg_ins_code    ? 
_struct_ref_seq.db_align_end                  174 
_struct_ref_seq.pdbx_db_align_end_ins_code    ? 
_struct_ref_seq.pdbx_auth_seq_align_beg       2 
_struct_ref_seq.pdbx_auth_seq_align_end       174 
# 
loop_
_struct_ref_seq_dif.align_id 
_struct_ref_seq_dif.pdbx_pdb_id_code 
_struct_ref_seq_dif.mon_id 
_struct_ref_seq_dif.pdbx_pdb_strand_id 
_struct_ref_seq_dif.seq_num 
_struct_ref_seq_dif.pdbx_pdb_ins_code 
_struct_ref_seq_dif.pdbx_seq_db_name 
_struct_ref_seq_dif.pdbx_seq_db_accession_code 
_struct_ref_seq_dif.db_mon_id 
_struct_ref_seq_dif.pdbx_seq_db_seq_num 
_struct_ref_seq_dif.details 
_struct_ref_seq_dif.pdbx_auth_seq_num 
_struct_ref_seq_dif.pdbx_ordinal 
1 2FG5 MET A 1  ? UNP Q13636 ? ? 'cloning artifact' -17 1  
1 2FG5 GLY A 2  ? UNP Q13636 ? ? 'cloning artifact' -16 2  
1 2FG5 SER A 3  ? UNP Q13636 ? ? 'cloning artifact' -15 3  
1 2FG5 SER A 4  ? UNP Q13636 ? ? 'cloning artifact' -14 4  
1 2FG5 HIS A 5  ? UNP Q13636 ? ? 'expression tag'   -13 5  
1 2FG5 HIS A 6  ? UNP Q13636 ? ? 'expression tag'   -12 6  
1 2FG5 HIS A 7  ? UNP Q13636 ? ? 'expression tag'   -11 7  
1 2FG5 HIS A 8  ? UNP Q13636 ? ? 'expression tag'   -10 8  
1 2FG5 HIS A 9  ? UNP Q13636 ? ? 'expression tag'   -9  9  
1 2FG5 HIS A 10 ? UNP Q13636 ? ? 'expression tag'   -8  10 
1 2FG5 SER A 11 ? UNP Q13636 ? ? 'cloning artifact' -7  11 
1 2FG5 SER A 12 ? UNP Q13636 ? ? 'cloning artifact' -6  12 
1 2FG5 GLY A 13 ? UNP Q13636 ? ? 'cloning artifact' -5  13 
1 2FG5 LEU A 14 ? UNP Q13636 ? ? 'cloning artifact' -4  14 
1 2FG5 VAL A 15 ? UNP Q13636 ? ? 'cloning artifact' -3  15 
1 2FG5 PRO A 16 ? UNP Q13636 ? ? 'cloning artifact' -2  16 
1 2FG5 ARG A 17 ? UNP Q13636 ? ? 'cloning artifact' -1  17 
1 2FG5 GLY A 18 ? UNP Q13636 ? ? 'cloning artifact' 0   18 
1 2FG5 SER A 19 ? UNP Q13636 ? ? 'cloning artifact' 1   19 
# 
_pdbx_struct_assembly.id                   1 
_pdbx_struct_assembly.details              author_defined_assembly 
_pdbx_struct_assembly.method_details       ? 
_pdbx_struct_assembly.oligomeric_details   monomeric 
_pdbx_struct_assembly.oligomeric_count     1 
# 
_pdbx_struct_assembly_gen.assembly_id       1 
_pdbx_struct_assembly_gen.oper_expression   1 
_pdbx_struct_assembly_gen.asym_id_list      A,B,C,D 
# 
_pdbx_struct_oper_list.id                   1 
_pdbx_struct_oper_list.type                 'identity operation' 
_pdbx_struct_oper_list.name                 1_555 
_pdbx_struct_oper_list.symmetry_operation   x,y,z 
_pdbx_struct_oper_list.matrix[1][1]         1.0000000000 
_pdbx_struct_oper_list.matrix[1][2]         0.0000000000 
_pdbx_struct_oper_list.matrix[1][3]         0.0000000000 
_pdbx_struct_oper_list.vector[1]            0.0000000000 
_pdbx_struct_oper_list.matrix[2][1]         0.0000000000 
_pdbx_struct_oper_list.matrix[2][2]         1.0000000000 
_pdbx_struct_oper_list.matrix[2][3]         0.0000000000 
_pdbx_struct_oper_list.vector[2]            0.0000000000 
_pdbx_struct_oper_list.matrix[3][1]         0.0000000000 
_pdbx_struct_oper_list.matrix[3][2]         0.0000000000 
_pdbx_struct_oper_list.matrix[3][3]         1.0000000000 
_pdbx_struct_oper_list.vector[3]            0.0000000000 
# 
_struct_biol.id                    1 
_struct_biol.details               'not known' 
_struct_biol.pdbx_parent_biol_id   ? 
# 
loop_
_struct_conf.conf_type_id 
_struct_conf.id 
_struct_conf.pdbx_PDB_helix_id 
_struct_conf.beg_label_comp_id 
_struct_conf.beg_label_asym_id 
_struct_conf.beg_label_seq_id 
_struct_conf.pdbx_beg_PDB_ins_code 
_struct_conf.end_label_comp_id 
_struct_conf.end_label_asym_id 
_struct_conf.end_label_seq_id 
_struct_conf.pdbx_end_PDB_ins_code 
_struct_conf.beg_auth_comp_id 
_struct_conf.beg_auth_asym_id 
_struct_conf.beg_auth_seq_id 
_struct_conf.end_auth_comp_id 
_struct_conf.end_auth_asym_id 
_struct_conf.end_auth_seq_id 
_struct_conf.pdbx_PDB_helix_class 
_struct_conf.details 
_struct_conf.pdbx_PDB_helix_length 
HELX_P HELX_P1 1 GLY A 35  ? ASP A 46  ? GLY A 17  ASP A 28  1 ? 12 
HELX_P HELX_P2 2 GLN A 82  ? LEU A 88  ? GLN A 64  LEU A 70  5 ? 7  
HELX_P HELX_P3 3 ALA A 89  ? ARG A 94  ? ALA A 71  ARG A 76  1 ? 6  
HELX_P HELX_P4 4 GLN A 108 ? GLY A 125 ? GLN A 90  GLY A 107 1 ? 18 
HELX_P HELX_P5 5 LYS A 137 ? ARG A 144 ? LYS A 119 ARG A 126 5 ? 8  
HELX_P HELX_P6 6 PRO A 147 ? SER A 157 ? PRO A 129 SER A 139 1 ? 11 
HELX_P HELX_P7 7 ASN A 172 ? GLN A 183 ? ASN A 154 GLN A 165 1 ? 12 
# 
_struct_conf_type.id          HELX_P 
_struct_conf_type.criteria    ? 
_struct_conf_type.reference   ? 
# 
loop_
_struct_conn.id 
_struct_conn.conn_type_id 
_struct_conn.pdbx_leaving_atom_flag 
_struct_conn.pdbx_PDB_id 
_struct_conn.ptnr1_label_asym_id 
_struct_conn.ptnr1_label_comp_id 
_struct_conn.ptnr1_label_seq_id 
_struct_conn.ptnr1_label_atom_id 
_struct_conn.pdbx_ptnr1_label_alt_id 
_struct_conn.pdbx_ptnr1_PDB_ins_code 
_struct_conn.pdbx_ptnr1_standard_comp_id 
_struct_conn.ptnr1_symmetry 
_struct_conn.ptnr2_label_asym_id 
_struct_conn.ptnr2_label_comp_id 
_struct_conn.ptnr2_label_seq_id 
_struct_conn.ptnr2_label_atom_id 
_struct_conn.pdbx_ptnr2_label_alt_id 
_struct_conn.pdbx_ptnr2_PDB_ins_code 
_struct_conn.ptnr1_auth_asym_id 
_struct_conn.ptnr1_auth_comp_id 
_struct_conn.ptnr1_auth_seq_id 
_struct_conn.ptnr2_auth_asym_id 
_struct_conn.ptnr2_auth_comp_id 
_struct_conn.ptnr2_auth_seq_id 
_struct_conn.ptnr2_symmetry 
_struct_conn.pdbx_ptnr3_label_atom_id 
_struct_conn.pdbx_ptnr3_label_seq_id 
_struct_conn.pdbx_ptnr3_label_comp_id 
_struct_conn.pdbx_ptnr3_label_asym_id 
_struct_conn.pdbx_ptnr3_label_alt_id 
_struct_conn.pdbx_ptnr3_PDB_ins_code 
_struct_conn.details 
_struct_conn.pdbx_dist_value 
_struct_conn.pdbx_value_order 
_struct_conn.pdbx_role 
metalc1 metalc ? ? A SER 37 OG  ? ? ? 1_555 B MG  . MG  ? ? A SER 19  A MG  301 1_555 ? ? ? ? ? ? ? 2.045 ? ? 
metalc2 metalc ? ? A THR 55 OG1 ? ? ? 1_555 B MG  . MG  ? ? A THR 37  A MG  301 1_555 ? ? ? ? ? ? ? 2.138 ? ? 
metalc3 metalc ? ? B MG  .  MG  ? ? ? 1_555 C GNP . N3B ? ? A MG  301 A GNP 302 1_555 ? ? ? ? ? ? ? 3.053 ? ? 
metalc4 metalc ? ? B MG  .  MG  ? ? ? 1_555 C GNP . O2B ? ? A MG  301 A GNP 302 1_555 ? ? ? ? ? ? ? 2.349 ? ? 
metalc5 metalc ? ? B MG  .  MG  ? ? ? 1_555 C GNP . O2G ? ? A MG  301 A GNP 302 1_555 ? ? ? ? ? ? ? 1.905 ? ? 
metalc6 metalc ? ? B MG  .  MG  ? ? ? 1_555 D HOH . O   ? ? A MG  301 A HOH 401 1_555 ? ? ? ? ? ? ? 2.508 ? ? 
metalc7 metalc ? ? B MG  .  MG  ? ? ? 1_555 D HOH . O   ? ? A MG  301 A HOH 402 1_555 ? ? ? ? ? ? ? 2.406 ? ? 
# 
_struct_conn_type.id          metalc 
_struct_conn_type.criteria    ? 
_struct_conn_type.reference   ? 
# 
loop_
_pdbx_struct_conn_angle.id 
_pdbx_struct_conn_angle.ptnr1_label_atom_id 
_pdbx_struct_conn_angle.ptnr1_label_alt_id 
_pdbx_struct_conn_angle.ptnr1_label_asym_id 
_pdbx_struct_conn_angle.ptnr1_label_comp_id 
_pdbx_struct_conn_angle.ptnr1_label_seq_id 
_pdbx_struct_conn_angle.ptnr1_auth_atom_id 
_pdbx_struct_conn_angle.ptnr1_auth_asym_id 
_pdbx_struct_conn_angle.ptnr1_auth_comp_id 
_pdbx_struct_conn_angle.ptnr1_auth_seq_id 
_pdbx_struct_conn_angle.ptnr1_PDB_ins_code 
_pdbx_struct_conn_angle.ptnr1_symmetry 
_pdbx_struct_conn_angle.ptnr2_label_atom_id 
_pdbx_struct_conn_angle.ptnr2_label_alt_id 
_pdbx_struct_conn_angle.ptnr2_label_asym_id 
_pdbx_struct_conn_angle.ptnr2_label_comp_id 
_pdbx_struct_conn_angle.ptnr2_label_seq_id 
_pdbx_struct_conn_angle.ptnr2_auth_atom_id 
_pdbx_struct_conn_angle.ptnr2_auth_asym_id 
_pdbx_struct_conn_angle.ptnr2_auth_comp_id 
_pdbx_struct_conn_angle.ptnr2_auth_seq_id 
_pdbx_struct_conn_angle.ptnr2_PDB_ins_code 
_pdbx_struct_conn_angle.ptnr2_symmetry 
_pdbx_struct_conn_angle.ptnr3_label_atom_id 
_pdbx_struct_conn_angle.ptnr3_label_alt_id 
_pdbx_struct_conn_angle.ptnr3_label_asym_id 
_pdbx_struct_conn_angle.ptnr3_label_comp_id 
_pdbx_struct_conn_angle.ptnr3_label_seq_id 
_pdbx_struct_conn_angle.ptnr3_auth_atom_id 
_pdbx_struct_conn_angle.ptnr3_auth_asym_id 
_pdbx_struct_conn_angle.ptnr3_auth_comp_id 
_pdbx_struct_conn_angle.ptnr3_auth_seq_id 
_pdbx_struct_conn_angle.ptnr3_PDB_ins_code 
_pdbx_struct_conn_angle.ptnr3_symmetry 
_pdbx_struct_conn_angle.value 
_pdbx_struct_conn_angle.value_esd 
1  OG  ? A SER 37 ? A SER 19  ? 1_555 MG ? B MG . ? A MG 301 ? 1_555 OG1 ? A THR 55 ? A THR 37  ? 1_555 88.8  ? 
2  OG  ? A SER 37 ? A SER 19  ? 1_555 MG ? B MG . ? A MG 301 ? 1_555 N3B ? C GNP .  ? A GNP 302 ? 1_555 131.6 ? 
3  OG1 ? A THR 55 ? A THR 37  ? 1_555 MG ? B MG . ? A MG 301 ? 1_555 N3B ? C GNP .  ? A GNP 302 ? 1_555 139.6 ? 
4  OG  ? A SER 37 ? A SER 19  ? 1_555 MG ? B MG . ? A MG 301 ? 1_555 O2B ? C GNP .  ? A GNP 302 ? 1_555 81.2  ? 
5  OG1 ? A THR 55 ? A THR 37  ? 1_555 MG ? B MG . ? A MG 301 ? 1_555 O2B ? C GNP .  ? A GNP 302 ? 1_555 160.6 ? 
6  N3B ? C GNP .  ? A GNP 302 ? 1_555 MG ? B MG . ? A MG 301 ? 1_555 O2B ? C GNP .  ? A GNP 302 ? 1_555 52.1  ? 
7  OG  ? A SER 37 ? A SER 19  ? 1_555 MG ? B MG . ? A MG 301 ? 1_555 O2G ? C GNP .  ? A GNP 302 ? 1_555 159.2 ? 
8  OG1 ? A THR 55 ? A THR 37  ? 1_555 MG ? B MG . ? A MG 301 ? 1_555 O2G ? C GNP .  ? A GNP 302 ? 1_555 86.2  ? 
9  N3B ? C GNP .  ? A GNP 302 ? 1_555 MG ? B MG . ? A MG 301 ? 1_555 O2G ? C GNP .  ? A GNP 302 ? 1_555 55.6  ? 
10 O2B ? C GNP .  ? A GNP 302 ? 1_555 MG ? B MG . ? A MG 301 ? 1_555 O2G ? C GNP .  ? A GNP 302 ? 1_555 97.3  ? 
11 OG  ? A SER 37 ? A SER 19  ? 1_555 MG ? B MG . ? A MG 301 ? 1_555 O   ? D HOH .  ? A HOH 401 ? 1_555 83.1  ? 
12 OG1 ? A THR 55 ? A THR 37  ? 1_555 MG ? B MG . ? A MG 301 ? 1_555 O   ? D HOH .  ? A HOH 401 ? 1_555 104.6 ? 
13 N3B ? C GNP .  ? A GNP 302 ? 1_555 MG ? B MG . ? A MG 301 ? 1_555 O   ? D HOH .  ? A HOH 401 ? 1_555 85.1  ? 
14 O2B ? C GNP .  ? A GNP 302 ? 1_555 MG ? B MG . ? A MG 301 ? 1_555 O   ? D HOH .  ? A HOH 401 ? 1_555 90.7  ? 
15 O2G ? C GNP .  ? A GNP 302 ? 1_555 MG ? B MG . ? A MG 301 ? 1_555 O   ? D HOH .  ? A HOH 401 ? 1_555 117.6 ? 
16 OG  ? A SER 37 ? A SER 19  ? 1_555 MG ? B MG . ? A MG 301 ? 1_555 O   ? D HOH .  ? A HOH 402 ? 1_555 83.4  ? 
17 OG1 ? A THR 55 ? A THR 37  ? 1_555 MG ? B MG . ? A MG 301 ? 1_555 O   ? D HOH .  ? A HOH 402 ? 1_555 73.9  ? 
18 N3B ? C GNP .  ? A GNP 302 ? 1_555 MG ? B MG . ? A MG 301 ? 1_555 O   ? D HOH .  ? A HOH 402 ? 1_555 104.9 ? 
19 O2B ? C GNP .  ? A GNP 302 ? 1_555 MG ? B MG . ? A MG 301 ? 1_555 O   ? D HOH .  ? A HOH 402 ? 1_555 88.5  ? 
20 O2G ? C GNP .  ? A GNP 302 ? 1_555 MG ? B MG . ? A MG 301 ? 1_555 O   ? D HOH .  ? A HOH 402 ? 1_555 75.9  ? 
21 O   ? D HOH .  ? A HOH 401 ? 1_555 MG ? B MG . ? A MG 301 ? 1_555 O   ? D HOH .  ? A HOH 402 ? 1_555 166.5 ? 
# 
_struct_sheet.id               A 
_struct_sheet.type             ? 
_struct_sheet.number_strands   6 
_struct_sheet.details          ? 
# 
loop_
_struct_sheet_order.sheet_id 
_struct_sheet_order.range_id_1 
_struct_sheet_order.range_id_2 
_struct_sheet_order.offset 
_struct_sheet_order.sense 
A 1 2 ? anti-parallel 
A 2 3 ? parallel      
A 3 4 ? parallel      
A 4 5 ? parallel      
A 5 6 ? parallel      
# 
loop_
_struct_sheet_range.sheet_id 
_struct_sheet_range.id 
_struct_sheet_range.beg_label_comp_id 
_struct_sheet_range.beg_label_asym_id 
_struct_sheet_range.beg_label_seq_id 
_struct_sheet_range.pdbx_beg_PDB_ins_code 
_struct_sheet_range.end_label_comp_id 
_struct_sheet_range.end_label_asym_id 
_struct_sheet_range.end_label_seq_id 
_struct_sheet_range.pdbx_end_PDB_ins_code 
_struct_sheet_range.beg_auth_comp_id 
_struct_sheet_range.beg_auth_asym_id 
_struct_sheet_range.beg_auth_seq_id 
_struct_sheet_range.end_auth_comp_id 
_struct_sheet_range.end_auth_asym_id 
_struct_sheet_range.end_auth_seq_id 
A 1 ALA A 58  ? PRO A 66  ? ALA A 40  PRO A 48  
A 2 LEU A 71  ? THR A 79  ? LEU A 53  THR A 61  
A 3 ARG A 22  ? GLY A 30  ? ARG A 4   GLY A 12  
A 4 ALA A 98  ? ASP A 104 ? ALA A 80  ASP A 86  
A 5 VAL A 130 ? ASN A 136 ? VAL A 112 ASN A 118 
A 6 ILE A 161 ? GLU A 164 ? ILE A 143 GLU A 146 
# 
loop_
_pdbx_struct_sheet_hbond.sheet_id 
_pdbx_struct_sheet_hbond.range_id_1 
_pdbx_struct_sheet_hbond.range_id_2 
_pdbx_struct_sheet_hbond.range_1_label_atom_id 
_pdbx_struct_sheet_hbond.range_1_label_comp_id 
_pdbx_struct_sheet_hbond.range_1_label_asym_id 
_pdbx_struct_sheet_hbond.range_1_label_seq_id 
_pdbx_struct_sheet_hbond.range_1_PDB_ins_code 
_pdbx_struct_sheet_hbond.range_1_auth_atom_id 
_pdbx_struct_sheet_hbond.range_1_auth_comp_id 
_pdbx_struct_sheet_hbond.range_1_auth_asym_id 
_pdbx_struct_sheet_hbond.range_1_auth_seq_id 
_pdbx_struct_sheet_hbond.range_2_label_atom_id 
_pdbx_struct_sheet_hbond.range_2_label_comp_id 
_pdbx_struct_sheet_hbond.range_2_label_asym_id 
_pdbx_struct_sheet_hbond.range_2_label_seq_id 
_pdbx_struct_sheet_hbond.range_2_PDB_ins_code 
_pdbx_struct_sheet_hbond.range_2_auth_atom_id 
_pdbx_struct_sheet_hbond.range_2_auth_comp_id 
_pdbx_struct_sheet_hbond.range_2_auth_asym_id 
_pdbx_struct_sheet_hbond.range_2_auth_seq_id 
A 1 2 N SER A 59  ? N SER A 41  O ASP A 78  ? O ASP A 60  
A 2 3 O LEU A 75  ? O LEU A 57  N LEU A 24  ? N LEU A 6   
A 3 4 N LEU A 29  ? N LEU A 11  O VAL A 100 ? O VAL A 82  
A 4 5 N ILE A 101 ? N ILE A 83  O ALA A 132 ? O ALA A 114 
A 5 6 N ILE A 133 ? N ILE A 115 O ILE A 161 ? O ILE A 143 
# 
loop_
_struct_site.id 
_struct_site.pdbx_evidence_code 
_struct_site.pdbx_auth_asym_id 
_struct_site.pdbx_auth_comp_id 
_struct_site.pdbx_auth_seq_id 
_struct_site.pdbx_auth_ins_code 
_struct_site.pdbx_num_residues 
_struct_site.details 
AC1 Software A MG  301 ? 5  'BINDING SITE FOR RESIDUE MG A 301'  
AC2 Software A GNP 302 ? 28 'BINDING SITE FOR RESIDUE GNP A 302' 
# 
loop_
_struct_site_gen.id 
_struct_site_gen.site_id 
_struct_site_gen.pdbx_num_res 
_struct_site_gen.label_comp_id 
_struct_site_gen.label_asym_id 
_struct_site_gen.label_seq_id 
_struct_site_gen.pdbx_auth_ins_code 
_struct_site_gen.auth_comp_id 
_struct_site_gen.auth_asym_id 
_struct_site_gen.auth_seq_id 
_struct_site_gen.label_atom_id 
_struct_site_gen.label_alt_id 
_struct_site_gen.symmetry 
_struct_site_gen.details 
1  AC1 5  SER A 37  ? SER A 19  . ? 1_555 ? 
2  AC1 5  THR A 55  ? THR A 37  . ? 1_555 ? 
3  AC1 5  GNP C .   ? GNP A 302 . ? 1_555 ? 
4  AC1 5  HOH D .   ? HOH A 401 . ? 1_555 ? 
5  AC1 5  HOH D .   ? HOH A 402 . ? 1_555 ? 
6  AC2 28 ASP A 31  ? ASP A 13  . ? 1_555 ? 
7  AC2 28 THR A 32  ? THR A 14  . ? 1_555 ? 
8  AC2 28 GLY A 33  ? GLY A 15  . ? 1_555 ? 
9  AC2 28 VAL A 34  ? VAL A 16  . ? 1_555 ? 
10 AC2 28 GLY A 35  ? GLY A 17  . ? 1_555 ? 
11 AC2 28 LYS A 36  ? LYS A 18  . ? 1_555 ? 
12 AC2 28 SER A 37  ? SER A 19  . ? 1_555 ? 
13 AC2 28 SER A 38  ? SER A 20  . ? 1_555 ? 
14 AC2 28 PHE A 48  ? PHE A 30  . ? 1_555 ? 
15 AC2 28 ASP A 49  ? ASP A 31  . ? 1_555 ? 
16 AC2 28 HIS A 50  ? HIS A 32  . ? 1_555 ? 
17 AC2 28 ILE A 52  ? ILE A 34  . ? 1_555 ? 
18 AC2 28 PRO A 54  ? PRO A 36  . ? 1_555 ? 
19 AC2 28 THR A 55  ? THR A 37  . ? 1_555 ? 
20 AC2 28 GLY A 81  ? GLY A 63  . ? 1_555 ? 
21 AC2 28 ASN A 136 ? ASN A 118 . ? 1_555 ? 
22 AC2 28 LYS A 137 ? LYS A 119 . ? 1_555 ? 
23 AC2 28 ASP A 139 ? ASP A 121 . ? 1_555 ? 
24 AC2 28 LEU A 140 ? LEU A 122 . ? 1_555 ? 
25 AC2 28 SER A 141 ? SER A 123 . ? 5_555 ? 
26 AC2 28 ASP A 142 ? ASP A 124 . ? 5_555 ? 
27 AC2 28 SER A 166 ? SER A 148 . ? 1_555 ? 
28 AC2 28 ALA A 167 ? ALA A 149 . ? 1_555 ? 
29 AC2 28 LYS A 168 ? LYS A 150 . ? 1_555 ? 
30 AC2 28 MG  B .   ? MG  A 301 . ? 1_555 ? 
31 AC2 28 HOH D .   ? HOH A 401 . ? 1_555 ? 
32 AC2 28 HOH D .   ? HOH A 402 . ? 1_555 ? 
33 AC2 28 HOH D .   ? HOH A 407 . ? 1_555 ? 
# 
loop_
_pdbx_validate_torsion.id 
_pdbx_validate_torsion.PDB_model_num 
_pdbx_validate_torsion.auth_comp_id 
_pdbx_validate_torsion.auth_asym_id 
_pdbx_validate_torsion.auth_seq_id 
_pdbx_validate_torsion.PDB_ins_code 
_pdbx_validate_torsion.label_alt_id 
_pdbx_validate_torsion.phi 
_pdbx_validate_torsion.psi 
1 1 ASN A 51  ? ? -111.13 51.70  
2 1 ILE A 87  ? ? -57.39  -9.88  
3 1 PRO A 108 ? ? -31.76  128.60 
4 1 ASN A 110 ? ? -111.39 78.71  
5 1 LEU A 122 ? ? -95.88  44.73  
# 
_pdbx_SG_project.id                    1 
_pdbx_SG_project.project_name          ? 
_pdbx_SG_project.full_name_of_center   'Structural Genomics Consortium' 
_pdbx_SG_project.initial_of_center     SGC 
# 
_phasing.method   mr 
# 
_pdbx_database_remark.id     300 
_pdbx_database_remark.text   
;BIOMOLECULE:
THIS ENTRY CONTAINS THE CRYSTALLOGRAPHIC ASYMMETRIC UNIT
WHICH CONSISTS OF 1 CHAIN(S). THE BIOLOGICAL MOLECULE
FOR THE PROTEIN IS UNKNOWN.
;
# 
loop_
_pdbx_unobs_or_zero_occ_residues.id 
_pdbx_unobs_or_zero_occ_residues.PDB_model_num 
_pdbx_unobs_or_zero_occ_residues.polymer_flag 
_pdbx_unobs_or_zero_occ_residues.occupancy_flag 
_pdbx_unobs_or_zero_occ_residues.auth_asym_id 
_pdbx_unobs_or_zero_occ_residues.auth_comp_id 
_pdbx_unobs_or_zero_occ_residues.auth_seq_id 
_pdbx_unobs_or_zero_occ_residues.PDB_ins_code 
_pdbx_unobs_or_zero_occ_residues.label_asym_id 
_pdbx_unobs_or_zero_occ_residues.label_comp_id 
_pdbx_unobs_or_zero_occ_residues.label_seq_id 
1  1 Y 1 A MET -17 ? A MET 1   
2  1 Y 1 A GLY -16 ? A GLY 2   
3  1 Y 1 A SER -15 ? A SER 3   
4  1 Y 1 A SER -14 ? A SER 4   
5  1 Y 1 A HIS -13 ? A HIS 5   
6  1 Y 1 A HIS -12 ? A HIS 6   
7  1 Y 1 A HIS -11 ? A HIS 7   
8  1 Y 1 A HIS -10 ? A HIS 8   
9  1 Y 1 A HIS -9  ? A HIS 9   
10 1 Y 1 A HIS -8  ? A HIS 10  
11 1 Y 1 A SER -7  ? A SER 11  
12 1 Y 1 A SER -6  ? A SER 12  
13 1 Y 1 A GLY -5  ? A GLY 13  
14 1 Y 1 A LEU -4  ? A LEU 14  
15 1 Y 1 A VAL -3  ? A VAL 15  
16 1 Y 1 A PRO -2  ? A PRO 16  
17 1 Y 1 A ARG -1  ? A ARG 17  
18 1 Y 1 A GLY 0   ? A GLY 18  
19 1 Y 1 A SER 1   ? A SER 19  
20 1 Y 1 A ALA 2   ? A ALA 20  
21 1 Y 1 A PRO 168 ? A PRO 186 
22 1 Y 1 A LEU 169 ? A LEU 187 
23 1 Y 1 A ASP 170 ? A ASP 188 
24 1 Y 1 A PRO 171 ? A PRO 189 
25 1 Y 1 A HIS 172 ? A HIS 190 
26 1 Y 1 A GLU 173 ? A GLU 191 
27 1 Y 1 A ASN 174 ? A ASN 192 
# 
loop_
_chem_comp_atom.comp_id 
_chem_comp_atom.atom_id 
_chem_comp_atom.type_symbol 
_chem_comp_atom.pdbx_aromatic_flag 
_chem_comp_atom.pdbx_stereo_config 
_chem_comp_atom.pdbx_ordinal 
ALA N      N  N N 1   
ALA CA     C  N S 2   
ALA C      C  N N 3   
ALA O      O  N N 4   
ALA CB     C  N N 5   
ALA OXT    O  N N 6   
ALA H      H  N N 7   
ALA H2     H  N N 8   
ALA HA     H  N N 9   
ALA HB1    H  N N 10  
ALA HB2    H  N N 11  
ALA HB3    H  N N 12  
ALA HXT    H  N N 13  
ARG N      N  N N 14  
ARG CA     C  N S 15  
ARG C      C  N N 16  
ARG O      O  N N 17  
ARG CB     C  N N 18  
ARG CG     C  N N 19  
ARG CD     C  N N 20  
ARG NE     N  N N 21  
ARG CZ     C  N N 22  
ARG NH1    N  N N 23  
ARG NH2    N  N N 24  
ARG OXT    O  N N 25  
ARG H      H  N N 26  
ARG H2     H  N N 27  
ARG HA     H  N N 28  
ARG HB2    H  N N 29  
ARG HB3    H  N N 30  
ARG HG2    H  N N 31  
ARG HG3    H  N N 32  
ARG HD2    H  N N 33  
ARG HD3    H  N N 34  
ARG HE     H  N N 35  
ARG HH11   H  N N 36  
ARG HH12   H  N N 37  
ARG HH21   H  N N 38  
ARG HH22   H  N N 39  
ARG HXT    H  N N 40  
ASN N      N  N N 41  
ASN CA     C  N S 42  
ASN C      C  N N 43  
ASN O      O  N N 44  
ASN CB     C  N N 45  
ASN CG     C  N N 46  
ASN OD1    O  N N 47  
ASN ND2    N  N N 48  
ASN OXT    O  N N 49  
ASN H      H  N N 50  
ASN H2     H  N N 51  
ASN HA     H  N N 52  
ASN HB2    H  N N 53  
ASN HB3    H  N N 54  
ASN HD21   H  N N 55  
ASN HD22   H  N N 56  
ASN HXT    H  N N 57  
ASP N      N  N N 58  
ASP CA     C  N S 59  
ASP C      C  N N 60  
ASP O      O  N N 61  
ASP CB     C  N N 62  
ASP CG     C  N N 63  
ASP OD1    O  N N 64  
ASP OD2    O  N N 65  
ASP OXT    O  N N 66  
ASP H      H  N N 67  
ASP H2     H  N N 68  
ASP HA     H  N N 69  
ASP HB2    H  N N 70  
ASP HB3    H  N N 71  
ASP HD2    H  N N 72  
ASP HXT    H  N N 73  
CYS N      N  N N 74  
CYS CA     C  N R 75  
CYS C      C  N N 76  
CYS O      O  N N 77  
CYS CB     C  N N 78  
CYS SG     S  N N 79  
CYS OXT    O  N N 80  
CYS H      H  N N 81  
CYS H2     H  N N 82  
CYS HA     H  N N 83  
CYS HB2    H  N N 84  
CYS HB3    H  N N 85  
CYS HG     H  N N 86  
CYS HXT    H  N N 87  
GLN N      N  N N 88  
GLN CA     C  N S 89  
GLN C      C  N N 90  
GLN O      O  N N 91  
GLN CB     C  N N 92  
GLN CG     C  N N 93  
GLN CD     C  N N 94  
GLN OE1    O  N N 95  
GLN NE2    N  N N 96  
GLN OXT    O  N N 97  
GLN H      H  N N 98  
GLN H2     H  N N 99  
GLN HA     H  N N 100 
GLN HB2    H  N N 101 
GLN HB3    H  N N 102 
GLN HG2    H  N N 103 
GLN HG3    H  N N 104 
GLN HE21   H  N N 105 
GLN HE22   H  N N 106 
GLN HXT    H  N N 107 
GLU N      N  N N 108 
GLU CA     C  N S 109 
GLU C      C  N N 110 
GLU O      O  N N 111 
GLU CB     C  N N 112 
GLU CG     C  N N 113 
GLU CD     C  N N 114 
GLU OE1    O  N N 115 
GLU OE2    O  N N 116 
GLU OXT    O  N N 117 
GLU H      H  N N 118 
GLU H2     H  N N 119 
GLU HA     H  N N 120 
GLU HB2    H  N N 121 
GLU HB3    H  N N 122 
GLU HG2    H  N N 123 
GLU HG3    H  N N 124 
GLU HE2    H  N N 125 
GLU HXT    H  N N 126 
GLY N      N  N N 127 
GLY CA     C  N N 128 
GLY C      C  N N 129 
GLY O      O  N N 130 
GLY OXT    O  N N 131 
GLY H      H  N N 132 
GLY H2     H  N N 133 
GLY HA2    H  N N 134 
GLY HA3    H  N N 135 
GLY HXT    H  N N 136 
GNP PG     P  N N 137 
GNP O1G    O  N N 138 
GNP O2G    O  N N 139 
GNP O3G    O  N N 140 
GNP N3B    N  N N 141 
GNP PB     P  N R 142 
GNP O1B    O  N N 143 
GNP O2B    O  N N 144 
GNP O3A    O  N N 145 
GNP PA     P  N S 146 
GNP O1A    O  N N 147 
GNP O2A    O  N N 148 
GNP "O5'"  O  N N 149 
GNP "C5'"  C  N N 150 
GNP "C4'"  C  N R 151 
GNP "O4'"  O  N N 152 
GNP "C3'"  C  N S 153 
GNP "O3'"  O  N N 154 
GNP "C2'"  C  N R 155 
GNP "O2'"  O  N N 156 
GNP "C1'"  C  N R 157 
GNP N9     N  Y N 158 
GNP C8     C  Y N 159 
GNP N7     N  Y N 160 
GNP C5     C  Y N 161 
GNP C6     C  Y N 162 
GNP O6     O  N N 163 
GNP N1     N  Y N 164 
GNP C2     C  Y N 165 
GNP N2     N  N N 166 
GNP N3     N  Y N 167 
GNP C4     C  Y N 168 
GNP HOG2   H  N N 169 
GNP HOG3   H  N N 170 
GNP HNB3   H  N N 171 
GNP HOB2   H  N N 172 
GNP HOA2   H  N N 173 
GNP "H5'2" H  N N 174 
GNP "H5'1" H  N N 175 
GNP "H4'"  H  N N 176 
GNP "H3'"  H  N N 177 
GNP "HO3'" H  N N 178 
GNP "H2'"  H  N N 179 
GNP "HO2'" H  N N 180 
GNP "H1'"  H  N N 181 
GNP H8     H  N N 182 
GNP HN1    H  N N 183 
GNP HN21   H  N N 184 
GNP HN22   H  N N 185 
HIS N      N  N N 186 
HIS CA     C  N S 187 
HIS C      C  N N 188 
HIS O      O  N N 189 
HIS CB     C  N N 190 
HIS CG     C  Y N 191 
HIS ND1    N  Y N 192 
HIS CD2    C  Y N 193 
HIS CE1    C  Y N 194 
HIS NE2    N  Y N 195 
HIS OXT    O  N N 196 
HIS H      H  N N 197 
HIS H2     H  N N 198 
HIS HA     H  N N 199 
HIS HB2    H  N N 200 
HIS HB3    H  N N 201 
HIS HD1    H  N N 202 
HIS HD2    H  N N 203 
HIS HE1    H  N N 204 
HIS HE2    H  N N 205 
HIS HXT    H  N N 206 
HOH O      O  N N 207 
HOH H1     H  N N 208 
HOH H2     H  N N 209 
ILE N      N  N N 210 
ILE CA     C  N S 211 
ILE C      C  N N 212 
ILE O      O  N N 213 
ILE CB     C  N S 214 
ILE CG1    C  N N 215 
ILE CG2    C  N N 216 
ILE CD1    C  N N 217 
ILE OXT    O  N N 218 
ILE H      H  N N 219 
ILE H2     H  N N 220 
ILE HA     H  N N 221 
ILE HB     H  N N 222 
ILE HG12   H  N N 223 
ILE HG13   H  N N 224 
ILE HG21   H  N N 225 
ILE HG22   H  N N 226 
ILE HG23   H  N N 227 
ILE HD11   H  N N 228 
ILE HD12   H  N N 229 
ILE HD13   H  N N 230 
ILE HXT    H  N N 231 
LEU N      N  N N 232 
LEU CA     C  N S 233 
LEU C      C  N N 234 
LEU O      O  N N 235 
LEU CB     C  N N 236 
LEU CG     C  N N 237 
LEU CD1    C  N N 238 
LEU CD2    C  N N 239 
LEU OXT    O  N N 240 
LEU H      H  N N 241 
LEU H2     H  N N 242 
LEU HA     H  N N 243 
LEU HB2    H  N N 244 
LEU HB3    H  N N 245 
LEU HG     H  N N 246 
LEU HD11   H  N N 247 
LEU HD12   H  N N 248 
LEU HD13   H  N N 249 
LEU HD21   H  N N 250 
LEU HD22   H  N N 251 
LEU HD23   H  N N 252 
LEU HXT    H  N N 253 
LYS N      N  N N 254 
LYS CA     C  N S 255 
LYS C      C  N N 256 
LYS O      O  N N 257 
LYS CB     C  N N 258 
LYS CG     C  N N 259 
LYS CD     C  N N 260 
LYS CE     C  N N 261 
LYS NZ     N  N N 262 
LYS OXT    O  N N 263 
LYS H      H  N N 264 
LYS H2     H  N N 265 
LYS HA     H  N N 266 
LYS HB2    H  N N 267 
LYS HB3    H  N N 268 
LYS HG2    H  N N 269 
LYS HG3    H  N N 270 
LYS HD2    H  N N 271 
LYS HD3    H  N N 272 
LYS HE2    H  N N 273 
LYS HE3    H  N N 274 
LYS HZ1    H  N N 275 
LYS HZ2    H  N N 276 
LYS HZ3    H  N N 277 
LYS HXT    H  N N 278 
MET N      N  N N 279 
MET CA     C  N S 280 
MET C      C  N N 281 
MET O      O  N N 282 
MET CB     C  N N 283 
MET CG     C  N N 284 
MET SD     S  N N 285 
MET CE     C  N N 286 
MET OXT    O  N N 287 
MET H      H  N N 288 
MET H2     H  N N 289 
MET HA     H  N N 290 
MET HB2    H  N N 291 
MET HB3    H  N N 292 
MET HG2    H  N N 293 
MET HG3    H  N N 294 
MET HE1    H  N N 295 
MET HE2    H  N N 296 
MET HE3    H  N N 297 
MET HXT    H  N N 298 
MG  MG     MG N N 299 
PHE N      N  N N 300 
PHE CA     C  N S 301 
PHE C      C  N N 302 
PHE O      O  N N 303 
PHE CB     C  N N 304 
PHE CG     C  Y N 305 
PHE CD1    C  Y N 306 
PHE CD2    C  Y N 307 
PHE CE1    C  Y N 308 
PHE CE2    C  Y N 309 
PHE CZ     C  Y N 310 
PHE OXT    O  N N 311 
PHE H      H  N N 312 
PHE H2     H  N N 313 
PHE HA     H  N N 314 
PHE HB2    H  N N 315 
PHE HB3    H  N N 316 
PHE HD1    H  N N 317 
PHE HD2    H  N N 318 
PHE HE1    H  N N 319 
PHE HE2    H  N N 320 
PHE HZ     H  N N 321 
PHE HXT    H  N N 322 
PRO N      N  N N 323 
PRO CA     C  N S 324 
PRO C      C  N N 325 
PRO O      O  N N 326 
PRO CB     C  N N 327 
PRO CG     C  N N 328 
PRO CD     C  N N 329 
PRO OXT    O  N N 330 
PRO H      H  N N 331 
PRO HA     H  N N 332 
PRO HB2    H  N N 333 
PRO HB3    H  N N 334 
PRO HG2    H  N N 335 
PRO HG3    H  N N 336 
PRO HD2    H  N N 337 
PRO HD3    H  N N 338 
PRO HXT    H  N N 339 
SER N      N  N N 340 
SER CA     C  N S 341 
SER C      C  N N 342 
SER O      O  N N 343 
SER CB     C  N N 344 
SER OG     O  N N 345 
SER OXT    O  N N 346 
SER H      H  N N 347 
SER H2     H  N N 348 
SER HA     H  N N 349 
SER HB2    H  N N 350 
SER HB3    H  N N 351 
SER HG     H  N N 352 
SER HXT    H  N N 353 
THR N      N  N N 354 
THR CA     C  N S 355 
THR C      C  N N 356 
THR O      O  N N 357 
THR CB     C  N R 358 
THR OG1    O  N N 359 
THR CG2    C  N N 360 
THR OXT    O  N N 361 
THR H      H  N N 362 
THR H2     H  N N 363 
THR HA     H  N N 364 
THR HB     H  N N 365 
THR HG1    H  N N 366 
THR HG21   H  N N 367 
THR HG22   H  N N 368 
THR HG23   H  N N 369 
THR HXT    H  N N 370 
TRP N      N  N N 371 
TRP CA     C  N S 372 
TRP C      C  N N 373 
TRP O      O  N N 374 
TRP CB     C  N N 375 
TRP CG     C  Y N 376 
TRP CD1    C  Y N 377 
TRP CD2    C  Y N 378 
TRP NE1    N  Y N 379 
TRP CE2    C  Y N 380 
TRP CE3    C  Y N 381 
TRP CZ2    C  Y N 382 
TRP CZ3    C  Y N 383 
TRP CH2    C  Y N 384 
TRP OXT    O  N N 385 
TRP H      H  N N 386 
TRP H2     H  N N 387 
TRP HA     H  N N 388 
TRP HB2    H  N N 389 
TRP HB3    H  N N 390 
TRP HD1    H  N N 391 
TRP HE1    H  N N 392 
TRP HE3    H  N N 393 
TRP HZ2    H  N N 394 
TRP HZ3    H  N N 395 
TRP HH2    H  N N 396 
TRP HXT    H  N N 397 
TYR N      N  N N 398 
TYR CA     C  N S 399 
TYR C      C  N N 400 
TYR O      O  N N 401 
TYR CB     C  N N 402 
TYR CG     C  Y N 403 
TYR CD1    C  Y N 404 
TYR CD2    C  Y N 405 
TYR CE1    C  Y N 406 
TYR CE2    C  Y N 407 
TYR CZ     C  Y N 408 
TYR OH     O  N N 409 
TYR OXT    O  N N 410 
TYR H      H  N N 411 
TYR H2     H  N N 412 
TYR HA     H  N N 413 
TYR HB2    H  N N 414 
TYR HB3    H  N N 415 
TYR HD1    H  N N 416 
TYR HD2    H  N N 417 
TYR HE1    H  N N 418 
TYR HE2    H  N N 419 
TYR HH     H  N N 420 
TYR HXT    H  N N 421 
VAL N      N  N N 422 
VAL CA     C  N S 423 
VAL C      C  N N 424 
VAL O      O  N N 425 
VAL CB     C  N N 426 
VAL CG1    C  N N 427 
VAL CG2    C  N N 428 
VAL OXT    O  N N 429 
VAL H      H  N N 430 
VAL H2     H  N N 431 
VAL HA     H  N N 432 
VAL HB     H  N N 433 
VAL HG11   H  N N 434 
VAL HG12   H  N N 435 
VAL HG13   H  N N 436 
VAL HG21   H  N N 437 
VAL HG22   H  N N 438 
VAL HG23   H  N N 439 
VAL HXT    H  N N 440 
# 
loop_
_chem_comp_bond.comp_id 
_chem_comp_bond.atom_id_1 
_chem_comp_bond.atom_id_2 
_chem_comp_bond.value_order 
_chem_comp_bond.pdbx_aromatic_flag 
_chem_comp_bond.pdbx_stereo_config 
_chem_comp_bond.pdbx_ordinal 
ALA N     CA     sing N N 1   
ALA N     H      sing N N 2   
ALA N     H2     sing N N 3   
ALA CA    C      sing N N 4   
ALA CA    CB     sing N N 5   
ALA CA    HA     sing N N 6   
ALA C     O      doub N N 7   
ALA C     OXT    sing N N 8   
ALA CB    HB1    sing N N 9   
ALA CB    HB2    sing N N 10  
ALA CB    HB3    sing N N 11  
ALA OXT   HXT    sing N N 12  
ARG N     CA     sing N N 13  
ARG N     H      sing N N 14  
ARG N     H2     sing N N 15  
ARG CA    C      sing N N 16  
ARG CA    CB     sing N N 17  
ARG CA    HA     sing N N 18  
ARG C     O      doub N N 19  
ARG C     OXT    sing N N 20  
ARG CB    CG     sing N N 21  
ARG CB    HB2    sing N N 22  
ARG CB    HB3    sing N N 23  
ARG CG    CD     sing N N 24  
ARG CG    HG2    sing N N 25  
ARG CG    HG3    sing N N 26  
ARG CD    NE     sing N N 27  
ARG CD    HD2    sing N N 28  
ARG CD    HD3    sing N N 29  
ARG NE    CZ     sing N N 30  
ARG NE    HE     sing N N 31  
ARG CZ    NH1    sing N N 32  
ARG CZ    NH2    doub N N 33  
ARG NH1   HH11   sing N N 34  
ARG NH1   HH12   sing N N 35  
ARG NH2   HH21   sing N N 36  
ARG NH2   HH22   sing N N 37  
ARG OXT   HXT    sing N N 38  
ASN N     CA     sing N N 39  
ASN N     H      sing N N 40  
ASN N     H2     sing N N 41  
ASN CA    C      sing N N 42  
ASN CA    CB     sing N N 43  
ASN CA    HA     sing N N 44  
ASN C     O      doub N N 45  
ASN C     OXT    sing N N 46  
ASN CB    CG     sing N N 47  
ASN CB    HB2    sing N N 48  
ASN CB    HB3    sing N N 49  
ASN CG    OD1    doub N N 50  
ASN CG    ND2    sing N N 51  
ASN ND2   HD21   sing N N 52  
ASN ND2   HD22   sing N N 53  
ASN OXT   HXT    sing N N 54  
ASP N     CA     sing N N 55  
ASP N     H      sing N N 56  
ASP N     H2     sing N N 57  
ASP CA    C      sing N N 58  
ASP CA    CB     sing N N 59  
ASP CA    HA     sing N N 60  
ASP C     O      doub N N 61  
ASP C     OXT    sing N N 62  
ASP CB    CG     sing N N 63  
ASP CB    HB2    sing N N 64  
ASP CB    HB3    sing N N 65  
ASP CG    OD1    doub N N 66  
ASP CG    OD2    sing N N 67  
ASP OD2   HD2    sing N N 68  
ASP OXT   HXT    sing N N 69  
CYS N     CA     sing N N 70  
CYS N     H      sing N N 71  
CYS N     H2     sing N N 72  
CYS CA    C      sing N N 73  
CYS CA    CB     sing N N 74  
CYS CA    HA     sing N N 75  
CYS C     O      doub N N 76  
CYS C     OXT    sing N N 77  
CYS CB    SG     sing N N 78  
CYS CB    HB2    sing N N 79  
CYS CB    HB3    sing N N 80  
CYS SG    HG     sing N N 81  
CYS OXT   HXT    sing N N 82  
GLN N     CA     sing N N 83  
GLN N     H      sing N N 84  
GLN N     H2     sing N N 85  
GLN CA    C      sing N N 86  
GLN CA    CB     sing N N 87  
GLN CA    HA     sing N N 88  
GLN C     O      doub N N 89  
GLN C     OXT    sing N N 90  
GLN CB    CG     sing N N 91  
GLN CB    HB2    sing N N 92  
GLN CB    HB3    sing N N 93  
GLN CG    CD     sing N N 94  
GLN CG    HG2    sing N N 95  
GLN CG    HG3    sing N N 96  
GLN CD    OE1    doub N N 97  
GLN CD    NE2    sing N N 98  
GLN NE2   HE21   sing N N 99  
GLN NE2   HE22   sing N N 100 
GLN OXT   HXT    sing N N 101 
GLU N     CA     sing N N 102 
GLU N     H      sing N N 103 
GLU N     H2     sing N N 104 
GLU CA    C      sing N N 105 
GLU CA    CB     sing N N 106 
GLU CA    HA     sing N N 107 
GLU C     O      doub N N 108 
GLU C     OXT    sing N N 109 
GLU CB    CG     sing N N 110 
GLU CB    HB2    sing N N 111 
GLU CB    HB3    sing N N 112 
GLU CG    CD     sing N N 113 
GLU CG    HG2    sing N N 114 
GLU CG    HG3    sing N N 115 
GLU CD    OE1    doub N N 116 
GLU CD    OE2    sing N N 117 
GLU OE2   HE2    sing N N 118 
GLU OXT   HXT    sing N N 119 
GLY N     CA     sing N N 120 
GLY N     H      sing N N 121 
GLY N     H2     sing N N 122 
GLY CA    C      sing N N 123 
GLY CA    HA2    sing N N 124 
GLY CA    HA3    sing N N 125 
GLY C     O      doub N N 126 
GLY C     OXT    sing N N 127 
GLY OXT   HXT    sing N N 128 
GNP PG    O1G    doub N N 129 
GNP PG    O2G    sing N N 130 
GNP PG    O3G    sing N N 131 
GNP PG    N3B    sing N N 132 
GNP O2G   HOG2   sing N N 133 
GNP O3G   HOG3   sing N N 134 
GNP N3B   PB     sing N N 135 
GNP N3B   HNB3   sing N N 136 
GNP PB    O1B    doub N N 137 
GNP PB    O2B    sing N N 138 
GNP PB    O3A    sing N N 139 
GNP O2B   HOB2   sing N N 140 
GNP O3A   PA     sing N N 141 
GNP PA    O1A    doub N N 142 
GNP PA    O2A    sing N N 143 
GNP PA    "O5'"  sing N N 144 
GNP O2A   HOA2   sing N N 145 
GNP "O5'" "C5'"  sing N N 146 
GNP "C5'" "C4'"  sing N N 147 
GNP "C5'" "H5'2" sing N N 148 
GNP "C5'" "H5'1" sing N N 149 
GNP "C4'" "O4'"  sing N N 150 
GNP "C4'" "C3'"  sing N N 151 
GNP "C4'" "H4'"  sing N N 152 
GNP "O4'" "C1'"  sing N N 153 
GNP "C3'" "O3'"  sing N N 154 
GNP "C3'" "C2'"  sing N N 155 
GNP "C3'" "H3'"  sing N N 156 
GNP "O3'" "HO3'" sing N N 157 
GNP "C2'" "O2'"  sing N N 158 
GNP "C2'" "C1'"  sing N N 159 
GNP "C2'" "H2'"  sing N N 160 
GNP "O2'" "HO2'" sing N N 161 
GNP "C1'" N9     sing N N 162 
GNP "C1'" "H1'"  sing N N 163 
GNP N9    C8     sing Y N 164 
GNP N9    C4     sing Y N 165 
GNP C8    N7     doub Y N 166 
GNP C8    H8     sing N N 167 
GNP N7    C5     sing Y N 168 
GNP C5    C6     sing Y N 169 
GNP C5    C4     doub Y N 170 
GNP C6    O6     doub N N 171 
GNP C6    N1     sing Y N 172 
GNP N1    C2     sing Y N 173 
GNP N1    HN1    sing N N 174 
GNP C2    N2     sing N N 175 
GNP C2    N3     doub Y N 176 
GNP N2    HN21   sing N N 177 
GNP N2    HN22   sing N N 178 
GNP N3    C4     sing Y N 179 
HIS N     CA     sing N N 180 
HIS N     H      sing N N 181 
HIS N     H2     sing N N 182 
HIS CA    C      sing N N 183 
HIS CA    CB     sing N N 184 
HIS CA    HA     sing N N 185 
HIS C     O      doub N N 186 
HIS C     OXT    sing N N 187 
HIS CB    CG     sing N N 188 
HIS CB    HB2    sing N N 189 
HIS CB    HB3    sing N N 190 
HIS CG    ND1    sing Y N 191 
HIS CG    CD2    doub Y N 192 
HIS ND1   CE1    doub Y N 193 
HIS ND1   HD1    sing N N 194 
HIS CD2   NE2    sing Y N 195 
HIS CD2   HD2    sing N N 196 
HIS CE1   NE2    sing Y N 197 
HIS CE1   HE1    sing N N 198 
HIS NE2   HE2    sing N N 199 
HIS OXT   HXT    sing N N 200 
HOH O     H1     sing N N 201 
HOH O     H2     sing N N 202 
ILE N     CA     sing N N 203 
ILE N     H      sing N N 204 
ILE N     H2     sing N N 205 
ILE CA    C      sing N N 206 
ILE CA    CB     sing N N 207 
ILE CA    HA     sing N N 208 
ILE C     O      doub N N 209 
ILE C     OXT    sing N N 210 
ILE CB    CG1    sing N N 211 
ILE CB    CG2    sing N N 212 
ILE CB    HB     sing N N 213 
ILE CG1   CD1    sing N N 214 
ILE CG1   HG12   sing N N 215 
ILE CG1   HG13   sing N N 216 
ILE CG2   HG21   sing N N 217 
ILE CG2   HG22   sing N N 218 
ILE CG2   HG23   sing N N 219 
ILE CD1   HD11   sing N N 220 
ILE CD1   HD12   sing N N 221 
ILE CD1   HD13   sing N N 222 
ILE OXT   HXT    sing N N 223 
LEU N     CA     sing N N 224 
LEU N     H      sing N N 225 
LEU N     H2     sing N N 226 
LEU CA    C      sing N N 227 
LEU CA    CB     sing N N 228 
LEU CA    HA     sing N N 229 
LEU C     O      doub N N 230 
LEU C     OXT    sing N N 231 
LEU CB    CG     sing N N 232 
LEU CB    HB2    sing N N 233 
LEU CB    HB3    sing N N 234 
LEU CG    CD1    sing N N 235 
LEU CG    CD2    sing N N 236 
LEU CG    HG     sing N N 237 
LEU CD1   HD11   sing N N 238 
LEU CD1   HD12   sing N N 239 
LEU CD1   HD13   sing N N 240 
LEU CD2   HD21   sing N N 241 
LEU CD2   HD22   sing N N 242 
LEU CD2   HD23   sing N N 243 
LEU OXT   HXT    sing N N 244 
LYS N     CA     sing N N 245 
LYS N     H      sing N N 246 
LYS N     H2     sing N N 247 
LYS CA    C      sing N N 248 
LYS CA    CB     sing N N 249 
LYS CA    HA     sing N N 250 
LYS C     O      doub N N 251 
LYS C     OXT    sing N N 252 
LYS CB    CG     sing N N 253 
LYS CB    HB2    sing N N 254 
LYS CB    HB3    sing N N 255 
LYS CG    CD     sing N N 256 
LYS CG    HG2    sing N N 257 
LYS CG    HG3    sing N N 258 
LYS CD    CE     sing N N 259 
LYS CD    HD2    sing N N 260 
LYS CD    HD3    sing N N 261 
LYS CE    NZ     sing N N 262 
LYS CE    HE2    sing N N 263 
LYS CE    HE3    sing N N 264 
LYS NZ    HZ1    sing N N 265 
LYS NZ    HZ2    sing N N 266 
LYS NZ    HZ3    sing N N 267 
LYS OXT   HXT    sing N N 268 
MET N     CA     sing N N 269 
MET N     H      sing N N 270 
MET N     H2     sing N N 271 
MET CA    C      sing N N 272 
MET CA    CB     sing N N 273 
MET CA    HA     sing N N 274 
MET C     O      doub N N 275 
MET C     OXT    sing N N 276 
MET CB    CG     sing N N 277 
MET CB    HB2    sing N N 278 
MET CB    HB3    sing N N 279 
MET CG    SD     sing N N 280 
MET CG    HG2    sing N N 281 
MET CG    HG3    sing N N 282 
MET SD    CE     sing N N 283 
MET CE    HE1    sing N N 284 
MET CE    HE2    sing N N 285 
MET CE    HE3    sing N N 286 
MET OXT   HXT    sing N N 287 
PHE N     CA     sing N N 288 
PHE N     H      sing N N 289 
PHE N     H2     sing N N 290 
PHE CA    C      sing N N 291 
PHE CA    CB     sing N N 292 
PHE CA    HA     sing N N 293 
PHE C     O      doub N N 294 
PHE C     OXT    sing N N 295 
PHE CB    CG     sing N N 296 
PHE CB    HB2    sing N N 297 
PHE CB    HB3    sing N N 298 
PHE CG    CD1    doub Y N 299 
PHE CG    CD2    sing Y N 300 
PHE CD1   CE1    sing Y N 301 
PHE CD1   HD1    sing N N 302 
PHE CD2   CE2    doub Y N 303 
PHE CD2   HD2    sing N N 304 
PHE CE1   CZ     doub Y N 305 
PHE CE1   HE1    sing N N 306 
PHE CE2   CZ     sing Y N 307 
PHE CE2   HE2    sing N N 308 
PHE CZ    HZ     sing N N 309 
PHE OXT   HXT    sing N N 310 
PRO N     CA     sing N N 311 
PRO N     CD     sing N N 312 
PRO N     H      sing N N 313 
PRO CA    C      sing N N 314 
PRO CA    CB     sing N N 315 
PRO CA    HA     sing N N 316 
PRO C     O      doub N N 317 
PRO C     OXT    sing N N 318 
PRO CB    CG     sing N N 319 
PRO CB    HB2    sing N N 320 
PRO CB    HB3    sing N N 321 
PRO CG    CD     sing N N 322 
PRO CG    HG2    sing N N 323 
PRO CG    HG3    sing N N 324 
PRO CD    HD2    sing N N 325 
PRO CD    HD3    sing N N 326 
PRO OXT   HXT    sing N N 327 
SER N     CA     sing N N 328 
SER N     H      sing N N 329 
SER N     H2     sing N N 330 
SER CA    C      sing N N 331 
SER CA    CB     sing N N 332 
SER CA    HA     sing N N 333 
SER C     O      doub N N 334 
SER C     OXT    sing N N 335 
SER CB    OG     sing N N 336 
SER CB    HB2    sing N N 337 
SER CB    HB3    sing N N 338 
SER OG    HG     sing N N 339 
SER OXT   HXT    sing N N 340 
THR N     CA     sing N N 341 
THR N     H      sing N N 342 
THR N     H2     sing N N 343 
THR CA    C      sing N N 344 
THR CA    CB     sing N N 345 
THR CA    HA     sing N N 346 
THR C     O      doub N N 347 
THR C     OXT    sing N N 348 
THR CB    OG1    sing N N 349 
THR CB    CG2    sing N N 350 
THR CB    HB     sing N N 351 
THR OG1   HG1    sing N N 352 
THR CG2   HG21   sing N N 353 
THR CG2   HG22   sing N N 354 
THR CG2   HG23   sing N N 355 
THR OXT   HXT    sing N N 356 
TRP N     CA     sing N N 357 
TRP N     H      sing N N 358 
TRP N     H2     sing N N 359 
TRP CA    C      sing N N 360 
TRP CA    CB     sing N N 361 
TRP CA    HA     sing N N 362 
TRP C     O      doub N N 363 
TRP C     OXT    sing N N 364 
TRP CB    CG     sing N N 365 
TRP CB    HB2    sing N N 366 
TRP CB    HB3    sing N N 367 
TRP CG    CD1    doub Y N 368 
TRP CG    CD2    sing Y N 369 
TRP CD1   NE1    sing Y N 370 
TRP CD1   HD1    sing N N 371 
TRP CD2   CE2    doub Y N 372 
TRP CD2   CE3    sing Y N 373 
TRP NE1   CE2    sing Y N 374 
TRP NE1   HE1    sing N N 375 
TRP CE2   CZ2    sing Y N 376 
TRP CE3   CZ3    doub Y N 377 
TRP CE3   HE3    sing N N 378 
TRP CZ2   CH2    doub Y N 379 
TRP CZ2   HZ2    sing N N 380 
TRP CZ3   CH2    sing Y N 381 
TRP CZ3   HZ3    sing N N 382 
TRP CH2   HH2    sing N N 383 
TRP OXT   HXT    sing N N 384 
TYR N     CA     sing N N 385 
TYR N     H      sing N N 386 
TYR N     H2     sing N N 387 
TYR CA    C      sing N N 388 
TYR CA    CB     sing N N 389 
TYR CA    HA     sing N N 390 
TYR C     O      doub N N 391 
TYR C     OXT    sing N N 392 
TYR CB    CG     sing N N 393 
TYR CB    HB2    sing N N 394 
TYR CB    HB3    sing N N 395 
TYR CG    CD1    doub Y N 396 
TYR CG    CD2    sing Y N 397 
TYR CD1   CE1    sing Y N 398 
TYR CD1   HD1    sing N N 399 
TYR CD2   CE2    doub Y N 400 
TYR CD2   HD2    sing N N 401 
TYR CE1   CZ     doub Y N 402 
TYR CE1   HE1    sing N N 403 
TYR CE2   CZ     sing Y N 404 
TYR CE2   HE2    sing N N 405 
TYR CZ    OH     sing N N 406 
TYR OH    HH     sing N N 407 
TYR OXT   HXT    sing N N 408 
VAL N     CA     sing N N 409 
VAL N     H      sing N N 410 
VAL N     H2     sing N N 411 
VAL CA    C      sing N N 412 
VAL CA    CB     sing N N 413 
VAL CA    HA     sing N N 414 
VAL C     O      doub N N 415 
VAL C     OXT    sing N N 416 
VAL CB    CG1    sing N N 417 
VAL CB    CG2    sing N N 418 
VAL CB    HB     sing N N 419 
VAL CG1   HG11   sing N N 420 
VAL CG1   HG12   sing N N 421 
VAL CG1   HG13   sing N N 422 
VAL CG2   HG21   sing N N 423 
VAL CG2   HG22   sing N N 424 
VAL CG2   HG23   sing N N 425 
VAL OXT   HXT    sing N N 426 
# 
_pdbx_initial_refinement_model.accession_code   1YVD 
_pdbx_initial_refinement_model.id               1 
_pdbx_initial_refinement_model.entity_id_list   ? 
_pdbx_initial_refinement_model.type             'experimental model' 
_pdbx_initial_refinement_model.source_name      PDB 
_pdbx_initial_refinement_model.details          ? 
# 
_atom_sites.entry_id                    2FG5 
_atom_sites.fract_transf_matrix[1][1]   0.00953987 
_atom_sites.fract_transf_matrix[1][2]   -0.00504584 
_atom_sites.fract_transf_matrix[1][3]   -0.00364176 
_atom_sites.fract_transf_matrix[2][1]   0.00413300 
_atom_sites.fract_transf_matrix[2][2]   0.01012095 
_atom_sites.fract_transf_matrix[2][3]   -0.00319638 
_atom_sites.fract_transf_matrix[3][1]   0.00465202 
_atom_sites.fract_transf_matrix[3][2]   0.00135572 
_atom_sites.fract_transf_matrix[3][3]   0.01030790 
_atom_sites.fract_transf_vector[1]      0.268054 
_atom_sites.fract_transf_vector[2]      -0.064564 
_atom_sites.fract_transf_vector[3]      0.010604 
# 
loop_
_atom_type.symbol 
C  
MG 
N  
O  
P  
S  
# 
loop_
_atom_site.group_PDB 
_atom_site.id 
_atom_site.type_symbol 
_atom_site.label_atom_id 
_atom_site.label_alt_id 
_atom_site.label_comp_id 
_atom_site.label_asym_id 
_atom_site.label_entity_id 
_atom_site.label_seq_id 
_atom_site.pdbx_PDB_ins_code 
_atom_site.Cartn_x 
_atom_site.Cartn_y 
_atom_site.Cartn_z 
_atom_site.occupancy 
_atom_site.B_iso_or_equiv 
_atom_site.pdbx_formal_charge 
_atom_site.auth_seq_id 
_atom_site.auth_comp_id 
_atom_site.auth_asym_id 
_atom_site.auth_atom_id 
_atom_site.pdbx_PDB_model_num 
ATOM   1    N  N     . ILE A 1 21  ? 16.846  -15.283 -5.610  1.00 88.27  ? 3   ILE A N     1 
ATOM   2    C  CA    . ILE A 1 21  ? 15.909  -14.146 -5.836  1.00 89.48  ? 3   ILE A CA    1 
ATOM   3    C  C     . ILE A 1 21  ? 14.478  -14.654 -5.953  1.00 89.40  ? 3   ILE A C     1 
ATOM   4    O  O     . ILE A 1 21  ? 14.200  -15.577 -6.717  1.00 91.50  ? 3   ILE A O     1 
ATOM   5    C  CB    . ILE A 1 21  ? 16.283  -13.311 -7.103  1.00 89.82  ? 3   ILE A CB    1 
ATOM   6    C  CG1   . ILE A 1 21  ? 17.696  -12.698 -6.957  1.00 90.92  ? 3   ILE A CG1   1 
ATOM   7    C  CG2   . ILE A 1 21  ? 15.221  -12.216 -7.362  1.00 90.39  ? 3   ILE A CG2   1 
ATOM   8    C  CD1   . ILE A 1 21  ? 18.259  -11.970 -8.229  1.00 90.14  ? 3   ILE A CD1   1 
ATOM   9    N  N     . ARG A 1 22  ? 13.577  -14.060 -5.180  1.00 88.31  ? 4   ARG A N     1 
ATOM   10   C  CA    . ARG A 1 22  ? 12.177  -14.423 -5.235  1.00 86.64  ? 4   ARG A CA    1 
ATOM   11   C  C     . ARG A 1 22  ? 11.393  -13.183 -5.615  1.00 85.43  ? 4   ARG A C     1 
ATOM   12   O  O     . ARG A 1 22  ? 11.260  -12.240 -4.814  1.00 85.64  ? 4   ARG A O     1 
ATOM   13   C  CB    . ARG A 1 22  ? 11.722  -14.990 -3.909  1.00 86.88  ? 4   ARG A CB    1 
ATOM   14   C  CG    . ARG A 1 22  ? 10.423  -15.732 -3.972  1.00 89.32  ? 4   ARG A CG    1 
ATOM   15   C  CD    . ARG A 1 22  ? 10.304  -16.589 -2.737  1.00 91.25  ? 4   ARG A CD    1 
ATOM   16   N  NE    . ARG A 1 22  ? 8.989   -17.196 -2.571  1.00 92.47  ? 4   ARG A NE    1 
ATOM   17   C  CZ    . ARG A 1 22  ? 8.578   -17.779 -1.445  1.00 94.04  ? 4   ARG A CZ    1 
ATOM   18   N  NH1   . ARG A 1 22  ? 9.385   -17.830 -0.378  1.00 95.11  ? 4   ARG A NH1   1 
ATOM   19   N  NH2   . ARG A 1 22  ? 7.358   -18.301 -1.374  1.00 93.96  ? 4   ARG A NH2   1 
ATOM   20   N  N     . GLU A 1 23  ? 10.912  -13.180 -6.860  1.00 82.96  ? 5   GLU A N     1 
ATOM   21   C  CA    . GLU A 1 23  ? 10.166  -12.065 -7.425  1.00 81.33  ? 5   GLU A CA    1 
ATOM   22   C  C     . GLU A 1 23  ? 8.757   -12.002 -6.842  1.00 80.28  ? 5   GLU A C     1 
ATOM   23   O  O     . GLU A 1 23  ? 8.015   -12.984 -6.881  1.00 79.15  ? 5   GLU A O     1 
ATOM   24   C  CB    . GLU A 1 23  ? 10.121  -12.157 -8.968  1.00 81.71  ? 5   GLU A CB    1 
ATOM   25   C  CG    . GLU A 1 23  ? 11.494  -11.952 -9.682  1.00 81.91  ? 5   GLU A CG    1 
ATOM   26   C  CD    . GLU A 1 23  ? 11.388  -11.797 -11.228 1.00 82.10  ? 5   GLU A CD    1 
ATOM   27   O  OE1   . GLU A 1 23  ? 10.397  -12.271 -11.837 1.00 81.99  ? 5   GLU A OE1   1 
ATOM   28   O  OE2   . GLU A 1 23  ? 12.310  -11.200 -11.828 1.00 82.00  ? 5   GLU A OE2   1 
ATOM   29   N  N     . LEU A 1 24  ? 8.402   -10.843 -6.288  1.00 80.27  ? 6   LEU A N     1 
ATOM   30   C  CA    . LEU A 1 24  ? 7.079   -10.645 -5.682  1.00 79.66  ? 6   LEU A CA    1 
ATOM   31   C  C     . LEU A 1 24  ? 6.350   -9.442  -6.272  1.00 79.41  ? 6   LEU A C     1 
ATOM   32   O  O     . LEU A 1 24  ? 6.792   -8.289  -6.118  1.00 79.45  ? 6   LEU A O     1 
ATOM   33   C  CB    . LEU A 1 24  ? 7.192   -10.512 -4.160  1.00 79.99  ? 6   LEU A CB    1 
ATOM   34   C  CG    . LEU A 1 24  ? 7.712   -11.726 -3.391  1.00 80.22  ? 6   LEU A CG    1 
ATOM   35   C  CD1   . LEU A 1 24  ? 7.792   -11.414 -1.933  1.00 79.82  ? 6   LEU A CD1   1 
ATOM   36   C  CD2   . LEU A 1 24  ? 6.820   -12.957 -3.629  1.00 81.18  ? 6   LEU A CD2   1 
ATOM   37   N  N     . LYS A 1 25  ? 5.237   -9.716  -6.953  1.00 78.29  ? 7   LYS A N     1 
ATOM   38   C  CA    . LYS A 1 25  ? 4.438   -8.665  -7.541  1.00 77.82  ? 7   LYS A CA    1 
ATOM   39   C  C     . LYS A 1 25  ? 3.541   -8.058  -6.470  1.00 77.40  ? 7   LYS A C     1 
ATOM   40   O  O     . LYS A 1 25  ? 2.786   -8.761  -5.774  1.00 77.95  ? 7   LYS A O     1 
ATOM   41   C  CB    . LYS A 1 25  ? 3.640   -9.170  -8.751  1.00 78.21  ? 7   LYS A CB    1 
ATOM   42   C  CG    . LYS A 1 25  ? 2.961   -8.047  -9.581  1.00 79.30  ? 7   LYS A CG    1 
ATOM   43   C  CD    . LYS A 1 25  ? 2.875   -8.417  -11.075 1.00 79.02  ? 7   LYS A CD    1 
ATOM   44   C  CE    . LYS A 1 25  ? 1.918   -7.504  -11.838 1.00 78.23  ? 7   LYS A CE    1 
ATOM   45   N  NZ    . LYS A 1 25  ? 1.737   -7.947  -13.253 1.00 75.44  ? 7   LYS A NZ    1 
ATOM   46   N  N     . VAL A 1 26  ? 3.662   -6.744  -6.329  1.00 75.75  ? 8   VAL A N     1 
ATOM   47   C  CA    . VAL A 1 26  ? 2.911   -5.987  -5.359  1.00 74.77  ? 8   VAL A CA    1 
ATOM   48   C  C     . VAL A 1 26  ? 2.200   -4.858  -6.069  1.00 73.37  ? 8   VAL A C     1 
ATOM   49   O  O     . VAL A 1 26  ? 2.783   -4.188  -6.939  1.00 74.73  ? 8   VAL A O     1 
ATOM   50   C  CB    . VAL A 1 26  ? 3.844   -5.385  -4.263  1.00 74.71  ? 8   VAL A CB    1 
ATOM   51   C  CG1   . VAL A 1 26  ? 3.029   -4.651  -3.217  1.00 73.94  ? 8   VAL A CG1   1 
ATOM   52   C  CG2   . VAL A 1 26  ? 4.686   -6.480  -3.597  1.00 74.17  ? 8   VAL A CG2   1 
ATOM   53   N  N     . CYS A 1 27  ? 0.945   -4.636  -5.701  1.00 70.99  ? 9   CYS A N     1 
ATOM   54   C  CA    . CYS A 1 27  ? 0.180   -3.550  -6.282  1.00 69.74  ? 9   CYS A CA    1 
ATOM   55   C  C     . CYS A 1 27  ? -0.316  -2.573  -5.209  1.00 69.87  ? 9   CYS A C     1 
ATOM   56   O  O     . CYS A 1 27  ? -0.685  -2.975  -4.101  1.00 70.97  ? 9   CYS A O     1 
ATOM   57   C  CB    A CYS A 1 27  ? -0.985  -4.094  -7.086  0.65 67.73  ? 9   CYS A CB    1 
ATOM   58   C  CB    B CYS A 1 27  ? -0.997  -4.091  -7.093  0.35 70.04  ? 9   CYS A CB    1 
ATOM   59   S  SG    A CYS A 1 27  ? -2.077  -5.068  -6.121  0.65 67.50  ? 9   CYS A SG    1 
ATOM   60   S  SG    B CYS A 1 27  ? -1.835  -2.833  -8.085  0.35 72.12  ? 9   CYS A SG    1 
ATOM   61   N  N     . LEU A 1 28  ? -0.301  -1.285  -5.539  1.00 69.59  ? 10  LEU A N     1 
ATOM   62   C  CA    . LEU A 1 28  ? -0.775  -0.271  -4.612  1.00 70.72  ? 10  LEU A CA    1 
ATOM   63   C  C     . LEU A 1 28  ? -2.148  0.225   -4.969  1.00 71.01  ? 10  LEU A C     1 
ATOM   64   O  O     . LEU A 1 28  ? -2.401  0.680   -6.095  1.00 71.56  ? 10  LEU A O     1 
ATOM   65   C  CB    . LEU A 1 28  ? 0.207   0.892   -4.487  1.00 70.50  ? 10  LEU A CB    1 
ATOM   66   C  CG    . LEU A 1 28  ? 1.376   0.647   -3.529  1.00 70.61  ? 10  LEU A CG    1 
ATOM   67   C  CD1   . LEU A 1 28  ? 2.448   -0.202  -4.165  1.00 70.72  ? 10  LEU A CD1   1 
ATOM   68   C  CD2   . LEU A 1 28  ? 1.940   1.935   -3.140  1.00 71.09  ? 10  LEU A CD2   1 
ATOM   69   N  N     . LEU A 1 29  ? -3.045  0.119   -4.001  1.00 70.19  ? 11  LEU A N     1 
ATOM   70   C  CA    . LEU A 1 29  ? -4.410  0.535   -4.192  1.00 69.91  ? 11  LEU A CA    1 
ATOM   71   C  C     . LEU A 1 29  ? -4.776  1.553   -3.151  1.00 69.46  ? 11  LEU A C     1 
ATOM   72   O  O     . LEU A 1 29  ? -4.384  1.446   -1.984  1.00 69.69  ? 11  LEU A O     1 
ATOM   73   C  CB    . LEU A 1 29  ? -5.350  -0.661  -4.088  1.00 71.12  ? 11  LEU A CB    1 
ATOM   74   C  CG    . LEU A 1 29  ? -5.027  -1.883  -4.948  1.00 71.53  ? 11  LEU A CG    1 
ATOM   75   C  CD1   . LEU A 1 29  ? -5.771  -3.090  -4.424  1.00 70.43  ? 11  LEU A CD1   1 
ATOM   76   C  CD2   . LEU A 1 29  ? -5.334  -1.610  -6.423  1.00 72.70  ? 11  LEU A CD2   1 
ATOM   77   N  N     . GLY A 1 30  ? -5.537  2.546   -3.576  1.00 68.57  ? 12  GLY A N     1 
ATOM   78   C  CA    . GLY A 1 30  ? -5.990  3.565   -2.679  1.00 69.62  ? 12  GLY A CA    1 
ATOM   79   C  C     . GLY A 1 30  ? -6.465  4.775   -3.412  1.00 70.35  ? 12  GLY A C     1 
ATOM   80   O  O     . GLY A 1 30  ? -6.169  4.967   -4.592  1.00 71.05  ? 12  GLY A O     1 
ATOM   81   N  N     . ASP A 1 31  ? -7.192  5.608   -2.696  1.00 71.34  ? 13  ASP A N     1 
ATOM   82   C  CA    . ASP A 1 31  ? -7.754  6.803   -3.253  1.00 72.98  ? 13  ASP A CA    1 
ATOM   83   C  C     . ASP A 1 31  ? -6.625  7.775   -3.659  1.00 70.56  ? 13  ASP A C     1 
ATOM   84   O  O     . ASP A 1 31  ? -5.470  7.564   -3.297  1.00 71.50  ? 13  ASP A O     1 
ATOM   85   C  CB    . ASP A 1 31  ? -8.662  7.422   -2.212  1.00 76.45  ? 13  ASP A CB    1 
ATOM   86   C  CG    . ASP A 1 31  ? -9.881  8.045   -2.812  1.00 81.76  ? 13  ASP A CG    1 
ATOM   87   O  OD1   . ASP A 1 31  ? -9.909  8.265   -4.062  1.00 83.07  ? 13  ASP A OD1   1 
ATOM   88   O  OD2   . ASP A 1 31  ? -10.829 8.317   -2.031  1.00 84.58  ? 13  ASP A OD2   1 
ATOM   89   N  N     . THR A 1 32  ? -6.950  8.810   -4.422  1.00 66.33  ? 14  THR A N     1 
ATOM   90   C  CA    . THR A 1 32  ? -5.949  9.798   -4.820  1.00 67.19  ? 14  THR A CA    1 
ATOM   91   C  C     . THR A 1 32  ? -5.482  10.573  -3.610  1.00 67.17  ? 14  THR A C     1 
ATOM   92   O  O     . THR A 1 32  ? -6.250  10.804  -2.684  1.00 70.34  ? 14  THR A O     1 
ATOM   93   C  CB    . THR A 1 32  ? -6.536  10.809  -5.811  1.00 68.23  ? 14  THR A CB    1 
ATOM   94   O  OG1   . THR A 1 32  ? -7.159  10.100  -6.866  1.00 71.74  ? 14  THR A OG1   1 
ATOM   95   C  CG2   . THR A 1 32  ? -5.461  11.725  -6.393  1.00 67.59  ? 14  THR A CG2   1 
ATOM   96   N  N     . GLY A 1 33  ? -4.224  10.973  -3.610  1.00 64.52  ? 15  GLY A N     1 
ATOM   97   C  CA    . GLY A 1 33  ? -3.722  11.810  -2.553  1.00 60.88  ? 15  GLY A CA    1 
ATOM   98   C  C     . GLY A 1 33  ? -3.315  11.108  -1.282  1.00 60.78  ? 15  GLY A C     1 
ATOM   99   O  O     . GLY A 1 33  ? -2.695  11.730  -0.410  1.00 64.19  ? 15  GLY A O     1 
ATOM   100  N  N     . VAL A 1 34  ? -3.634  9.819   -1.154  1.00 58.92  ? 16  VAL A N     1 
ATOM   101  C  CA    . VAL A 1 34  ? -3.292  9.082   0.081   1.00 55.23  ? 16  VAL A CA    1 
ATOM   102  C  C     . VAL A 1 34  ? -1.809  8.878   0.290   1.00 53.40  ? 16  VAL A C     1 
ATOM   103  O  O     . VAL A 1 34  ? -1.378  8.816   1.417   1.00 54.87  ? 16  VAL A O     1 
ATOM   104  C  CB    . VAL A 1 34  ? -4.055  7.744   0.257   1.00 55.65  ? 16  VAL A CB    1 
ATOM   105  C  CG1   . VAL A 1 34  ? -5.550  8.004   0.513   1.00 52.74  ? 16  VAL A CG1   1 
ATOM   106  C  CG2   . VAL A 1 34  ? -3.825  6.807   -0.937  1.00 56.30  ? 16  VAL A CG2   1 
ATOM   107  N  N     . GLY A 1 35  ? -1.024  8.800   -0.795  1.00 53.98  ? 17  GLY A N     1 
ATOM   108  C  CA    . GLY A 1 35  ? 0.447   8.722   -0.674  1.00 50.13  ? 17  GLY A CA    1 
ATOM   109  C  C     . GLY A 1 35  ? 1.080   7.465   -1.214  1.00 50.13  ? 17  GLY A C     1 
ATOM   110  O  O     . GLY A 1 35  ? 2.224   7.097   -0.840  1.00 48.66  ? 17  GLY A O     1 
ATOM   111  N  N     . LYS A 1 36  ? 0.357   6.806   -2.105  1.00 49.08  ? 18  LYS A N     1 
ATOM   112  C  CA    . LYS A 1 36  ? 0.840   5.570   -2.718  1.00 49.73  ? 18  LYS A CA    1 
ATOM   113  C  C     . LYS A 1 36  ? 2.196   5.780   -3.390  1.00 49.98  ? 18  LYS A C     1 
ATOM   114  O  O     . LYS A 1 36  ? 3.136   5.038   -3.134  1.00 52.07  ? 18  LYS A O     1 
ATOM   115  C  CB    . LYS A 1 36  ? -0.179  5.057   -3.727  1.00 51.17  ? 18  LYS A CB    1 
ATOM   116  C  CG    . LYS A 1 36  ? -1.553  4.744   -3.115  1.00 51.24  ? 18  LYS A CG    1 
ATOM   117  C  CD    . LYS A 1 36  ? -2.533  4.285   -4.174  1.00 53.53  ? 18  LYS A CD    1 
ATOM   118  C  CE    . LYS A 1 36  ? -2.735  5.324   -5.259  1.00 54.53  ? 18  LYS A CE    1 
ATOM   119  N  NZ    . LYS A 1 36  ? -3.445  6.516   -4.747  1.00 56.84  ? 18  LYS A NZ    1 
ATOM   120  N  N     . SER A 1 37  ? 2.305   6.811   -4.223  1.00 47.51  ? 19  SER A N     1 
ATOM   121  C  CA    . SER A 1 37  ? 3.551   7.093   -4.885  1.00 50.23  ? 19  SER A CA    1 
ATOM   122  C  C     . SER A 1 37  ? 4.603   7.552   -3.920  1.00 52.87  ? 19  SER A C     1 
ATOM   123  O  O     . SER A 1 37  ? 5.787   7.276   -4.121  1.00 52.02  ? 19  SER A O     1 
ATOM   124  C  CB    . SER A 1 37  ? 3.368   8.145   -5.944  1.00 51.20  ? 19  SER A CB    1 
ATOM   125  O  OG    . SER A 1 37  ? 2.307   7.766   -6.805  1.00 54.48  ? 19  SER A OG    1 
ATOM   126  N  N     . SER A 1 38  ? 4.190   8.243   -2.860  1.00 53.66  ? 20  SER A N     1 
ATOM   127  C  CA    . SER A 1 38  ? 5.168   8.744   -1.920  1.00 54.00  ? 20  SER A CA    1 
ATOM   128  C  C     . SER A 1 38  ? 5.779   7.605   -1.175  1.00 53.12  ? 20  SER A C     1 
ATOM   129  O  O     . SER A 1 38  ? 6.974   7.597   -0.936  1.00 54.46  ? 20  SER A O     1 
ATOM   130  C  CB    . SER A 1 38  ? 4.560   9.767   -0.988  1.00 55.82  ? 20  SER A CB    1 
ATOM   131  O  OG    . SER A 1 38  ? 4.184   10.917  -1.722  1.00 58.35  ? 20  SER A OG    1 
ATOM   132  N  N     . ILE A 1 39  ? 4.951   6.625   -0.828  1.00 53.37  ? 21  ILE A N     1 
ATOM   133  C  CA    . ILE A 1 39  ? 5.417   5.421   -0.130  1.00 51.90  ? 21  ILE A CA    1 
ATOM   134  C  C     . ILE A 1 39  ? 6.440   4.651   -0.956  1.00 53.71  ? 21  ILE A C     1 
ATOM   135  O  O     . ILE A 1 39  ? 7.511   4.308   -0.458  1.00 55.67  ? 21  ILE A O     1 
ATOM   136  C  CB    . ILE A 1 39  ? 4.244   4.477   0.256   1.00 47.54  ? 21  ILE A CB    1 
ATOM   137  C  CG1   . ILE A 1 39  ? 3.409   5.111   1.344   1.00 45.68  ? 21  ILE A CG1   1 
ATOM   138  C  CG2   . ILE A 1 39  ? 4.772   3.119   0.747   1.00 46.20  ? 21  ILE A CG2   1 
ATOM   139  C  CD1   . ILE A 1 39  ? 2.138   4.350   1.671   1.00 47.83  ? 21  ILE A CD1   1 
ATOM   140  N  N     . VAL A 1 40  ? 6.107   4.372   -2.212  1.00 56.02  ? 22  VAL A N     1 
ATOM   141  C  CA    . VAL A 1 40  ? 7.017   3.610   -3.091  1.00 57.21  ? 22  VAL A CA    1 
ATOM   142  C  C     . VAL A 1 40  ? 8.294   4.401   -3.279  1.00 55.40  ? 22  VAL A C     1 
ATOM   143  O  O     . VAL A 1 40  ? 9.392   3.870   -3.142  1.00 55.80  ? 22  VAL A O     1 
ATOM   144  C  CB    . VAL A 1 40  ? 6.368   3.284   -4.463  1.00 58.44  ? 22  VAL A CB    1 
ATOM   145  C  CG1   . VAL A 1 40  ? 7.291   2.457   -5.293  1.00 59.22  ? 22  VAL A CG1   1 
ATOM   146  C  CG2   . VAL A 1 40  ? 5.065   2.530   -4.258  1.00 58.72  ? 22  VAL A CG2   1 
ATOM   147  N  N     . CYS A 1 41  ? 8.133   5.688   -3.550  1.00 54.59  ? 23  CYS A N     1 
ATOM   148  C  CA    . CYS A 1 41  ? 9.253   6.582   -3.722  1.00 52.78  ? 23  CYS A CA    1 
ATOM   149  C  C     . CYS A 1 41  ? 10.147  6.653   -2.481  1.00 54.19  ? 23  CYS A C     1 
ATOM   150  O  O     . CYS A 1 41  ? 11.372  6.819   -2.597  1.00 56.44  ? 23  CYS A O     1 
ATOM   151  C  CB    A CYS A 1 41  ? 8.733   7.952   -4.102  0.65 54.66  ? 23  CYS A CB    1 
ATOM   152  C  CB    B CYS A 1 41  ? 8.791   7.986   -4.095  0.35 48.80  ? 23  CYS A CB    1 
ATOM   153  S  SG    A CYS A 1 41  ? 9.972   9.147   -4.253  0.65 58.24  ? 23  CYS A SG    1 
ATOM   154  S  SG    B CYS A 1 41  ? 8.244   8.156   -5.776  0.35 40.70  ? 23  CYS A SG    1 
ATOM   155  N  N     . ARG A 1 42  ? 9.552   6.532   -1.298  1.00 54.70  ? 24  ARG A N     1 
ATOM   156  C  CA    . ARG A 1 42  ? 10.354  6.504   -0.086  1.00 55.26  ? 24  ARG A CA    1 
ATOM   157  C  C     . ARG A 1 42  ? 11.065  5.168   0.014   1.00 53.96  ? 24  ARG A C     1 
ATOM   158  O  O     . ARG A 1 42  ? 12.260  5.104   0.272   1.00 53.46  ? 24  ARG A O     1 
ATOM   159  C  CB    . ARG A 1 42  ? 9.505   6.726   1.151   1.00 55.75  ? 24  ARG A CB    1 
ATOM   160  C  CG    . ARG A 1 42  ? 10.241  6.363   2.457   1.00 59.77  ? 24  ARG A CG    1 
ATOM   161  C  CD    . ARG A 1 42  ? 11.512  7.185   2.655   1.00 59.77  ? 24  ARG A CD    1 
ATOM   162  N  NE    . ARG A 1 42  ? 11.180  8.557   3.003   1.00 63.69  ? 24  ARG A NE    1 
ATOM   163  C  CZ    . ARG A 1 42  ? 12.058  9.552   3.078   1.00 63.94  ? 24  ARG A CZ    1 
ATOM   164  N  NH1   . ARG A 1 42  ? 13.341  9.334   2.811   1.00 66.00  ? 24  ARG A NH1   1 
ATOM   165  N  NH2   . ARG A 1 42  ? 11.649  10.769  3.398   1.00 61.30  ? 24  ARG A NH2   1 
ATOM   166  N  N     . PHE A 1 43  ? 10.311  4.101   -0.195  1.00 53.90  ? 25  PHE A N     1 
ATOM   167  C  CA    . PHE A 1 43  ? 10.840  2.778   -0.079  1.00 53.61  ? 25  PHE A CA    1 
ATOM   168  C  C     . PHE A 1 43  ? 12.009  2.559   -1.016  1.00 54.98  ? 25  PHE A C     1 
ATOM   169  O  O     . PHE A 1 43  ? 13.071  2.149   -0.582  1.00 54.94  ? 25  PHE A O     1 
ATOM   170  C  CB    . PHE A 1 43  ? 9.754   1.758   -0.346  1.00 54.12  ? 25  PHE A CB    1 
ATOM   171  C  CG    . PHE A 1 43  ? 10.185  0.348   -0.113  1.00 56.95  ? 25  PHE A CG    1 
ATOM   172  C  CD1   . PHE A 1 43  ? 10.803  -0.023  1.099   1.00 58.09  ? 25  PHE A CD1   1 
ATOM   173  C  CD2   . PHE A 1 43  ? 9.958   -0.632  -1.079  1.00 58.20  ? 25  PHE A CD2   1 
ATOM   174  C  CE1   . PHE A 1 43  ? 11.200  -1.322  1.326   1.00 56.24  ? 25  PHE A CE1   1 
ATOM   175  C  CE2   . PHE A 1 43  ? 10.350  -1.959  -0.853  1.00 57.69  ? 25  PHE A CE2   1 
ATOM   176  C  CZ    . PHE A 1 43  ? 10.968  -2.300  0.352   1.00 56.37  ? 25  PHE A CZ    1 
ATOM   177  N  N     . VAL A 1 44  ? 11.814  2.871   -2.298  1.00 56.81  ? 26  VAL A N     1 
ATOM   178  C  CA    . VAL A 1 44  ? 12.800  2.566   -3.330  1.00 55.65  ? 26  VAL A CA    1 
ATOM   179  C  C     . VAL A 1 44  ? 13.895  3.575   -3.399  1.00 56.77  ? 26  VAL A C     1 
ATOM   180  O  O     . VAL A 1 44  ? 15.067  3.207   -3.437  1.00 59.87  ? 26  VAL A O     1 
ATOM   181  C  CB    . VAL A 1 44  ? 12.149  2.459   -4.733  1.00 56.09  ? 26  VAL A CB    1 
ATOM   182  C  CG1   . VAL A 1 44  ? 13.203  2.142   -5.793  1.00 56.21  ? 26  VAL A CG1   1 
ATOM   183  C  CG2   . VAL A 1 44  ? 11.052  1.411   -4.743  1.00 53.73  ? 26  VAL A CG2   1 
ATOM   184  N  N     . GLN A 1 45  ? 13.526  4.850   -3.395  1.00 58.05  ? 27  GLN A N     1 
ATOM   185  C  CA    . GLN A 1 45  ? 14.483  5.930   -3.642  1.00 59.52  ? 27  GLN A CA    1 
ATOM   186  C  C     . GLN A 1 45  ? 14.937  6.724   -2.418  1.00 62.81  ? 27  GLN A C     1 
ATOM   187  O  O     . GLN A 1 45  ? 15.790  7.619   -2.544  1.00 64.87  ? 27  GLN A O     1 
ATOM   188  C  CB    . GLN A 1 45  ? 13.888  6.897   -4.649  1.00 57.04  ? 27  GLN A CB    1 
ATOM   189  C  CG    . GLN A 1 45  ? 13.369  6.221   -5.870  1.00 60.16  ? 27  GLN A CG    1 
ATOM   190  C  CD    . GLN A 1 45  ? 12.655  7.173   -6.816  1.00 58.80  ? 27  GLN A CD    1 
ATOM   191  O  OE1   . GLN A 1 45  ? 12.279  8.284   -6.440  1.00 57.17  ? 27  GLN A OE1   1 
ATOM   192  N  NE2   . GLN A 1 45  ? 12.459  6.730   -8.047  1.00 57.17  ? 27  GLN A NE2   1 
ATOM   193  N  N     . ASP A 1 46  ? 14.358  6.431   -1.254  1.00 65.40  ? 28  ASP A N     1 
ATOM   194  C  CA    . ASP A 1 46  ? 14.643  7.183   -0.017  1.00 68.10  ? 28  ASP A CA    1 
ATOM   195  C  C     . ASP A 1 46  ? 14.505  8.692   -0.259  1.00 68.41  ? 28  ASP A C     1 
ATOM   196  O  O     . ASP A 1 46  ? 15.374  9.478   0.121   1.00 71.13  ? 28  ASP A O     1 
ATOM   197  C  CB    . ASP A 1 46  ? 16.036  6.837   0.528   1.00 69.48  ? 28  ASP A CB    1 
ATOM   198  C  CG    . ASP A 1 46  ? 16.278  7.393   1.940   1.00 70.68  ? 28  ASP A CG    1 
ATOM   199  O  OD1   . ASP A 1 46  ? 15.420  7.136   2.833   1.00 69.28  ? 28  ASP A OD1   1 
ATOM   200  O  OD2   . ASP A 1 46  ? 17.339  8.061   2.145   1.00 68.51  ? 28  ASP A OD2   1 
ATOM   201  N  N     . HIS A 1 47  ? 13.405  9.080   -0.907  1.00 68.65  ? 29  HIS A N     1 
ATOM   202  C  CA    . HIS A 1 47  ? 13.163  10.475  -1.270  1.00 67.01  ? 29  HIS A CA    1 
ATOM   203  C  C     . HIS A 1 47  ? 11.694  10.868  -1.104  1.00 67.72  ? 29  HIS A C     1 
ATOM   204  O  O     . HIS A 1 47  ? 10.783  10.060  -1.331  1.00 70.85  ? 29  HIS A O     1 
ATOM   205  C  CB    . HIS A 1 47  ? 13.627  10.723  -2.706  1.00 66.42  ? 29  HIS A CB    1 
ATOM   206  C  CG    . HIS A 1 47  ? 13.408  12.127  -3.182  1.00 68.24  ? 29  HIS A CG    1 
ATOM   207  N  ND1   . HIS A 1 47  ? 12.483  12.448  -4.159  1.00 68.53  ? 29  HIS A ND1   1 
ATOM   208  C  CD2   . HIS A 1 47  ? 13.971  13.297  -2.798  1.00 67.97  ? 29  HIS A CD2   1 
ATOM   209  C  CE1   . HIS A 1 47  ? 12.497  13.753  -4.368  1.00 67.36  ? 29  HIS A CE1   1 
ATOM   210  N  NE2   . HIS A 1 47  ? 13.388  14.292  -3.553  1.00 69.68  ? 29  HIS A NE2   1 
ATOM   211  N  N     . PHE A 1 48  ? 11.473  12.116  -0.714  1.00 66.58  ? 30  PHE A N     1 
ATOM   212  C  CA    . PHE A 1 48  ? 10.139  12.638  -0.542  1.00 65.79  ? 30  PHE A CA    1 
ATOM   213  C  C     . PHE A 1 48  ? 10.000  14.003  -1.186  1.00 67.44  ? 30  PHE A C     1 
ATOM   214  O  O     . PHE A 1 48  ? 10.769  14.912  -0.909  1.00 68.21  ? 30  PHE A O     1 
ATOM   215  C  CB    . PHE A 1 48  ? 9.795   12.724  0.939   1.00 65.58  ? 30  PHE A CB    1 
ATOM   216  C  CG    . PHE A 1 48  ? 8.466   13.352  1.213   1.00 65.65  ? 30  PHE A CG    1 
ATOM   217  C  CD1   . PHE A 1 48  ? 7.294   12.609  1.094   1.00 64.17  ? 30  PHE A CD1   1 
ATOM   218  C  CD2   . PHE A 1 48  ? 8.380   14.700  1.603   1.00 66.39  ? 30  PHE A CD2   1 
ATOM   219  C  CE1   . PHE A 1 48  ? 6.045   13.187  1.354   1.00 65.30  ? 30  PHE A CE1   1 
ATOM   220  C  CE2   . PHE A 1 48  ? 7.150   15.287  1.869   1.00 66.24  ? 30  PHE A CE2   1 
ATOM   221  C  CZ    . PHE A 1 48  ? 5.967   14.524  1.745   1.00 66.15  ? 30  PHE A CZ    1 
ATOM   222  N  N     . ASP A 1 49  ? 9.012   14.141  -2.053  1.00 69.60  ? 31  ASP A N     1 
ATOM   223  C  CA    . ASP A 1 49  ? 8.742   15.403  -2.673  1.00 71.24  ? 31  ASP A CA    1 
ATOM   224  C  C     . ASP A 1 49  ? 7.337   15.849  -2.276  1.00 72.85  ? 31  ASP A C     1 
ATOM   225  O  O     . ASP A 1 49  ? 6.340   15.207  -2.630  1.00 73.15  ? 31  ASP A O     1 
ATOM   226  C  CB    . ASP A 1 49  ? 8.892   15.315  -4.201  1.00 72.88  ? 31  ASP A CB    1 
ATOM   227  C  CG    . ASP A 1 49  ? 8.635   16.657  -4.901  1.00 75.37  ? 31  ASP A CG    1 
ATOM   228  O  OD1   . ASP A 1 49  ? 8.933   17.713  -4.324  1.00 76.57  ? 31  ASP A OD1   1 
ATOM   229  O  OD2   . ASP A 1 49  ? 8.129   16.656  -6.035  1.00 78.28  ? 31  ASP A OD2   1 
ATOM   230  N  N     . HIS A 1 50  ? 7.272   16.941  -1.520  1.00 73.84  ? 32  HIS A N     1 
ATOM   231  C  CA    . HIS A 1 50  ? 6.003   17.548  -1.132  1.00 75.55  ? 32  HIS A CA    1 
ATOM   232  C  C     . HIS A 1 50  ? 5.167   17.900  -2.381  1.00 72.92  ? 32  HIS A C     1 
ATOM   233  O  O     . HIS A 1 50  ? 3.938   17.882  -2.341  1.00 69.83  ? 32  HIS A O     1 
ATOM   234  C  CB    . HIS A 1 50  ? 6.262   18.788  -0.256  1.00 79.30  ? 32  HIS A CB    1 
ATOM   235  C  CG    . HIS A 1 50  ? 5.019   19.497  0.180   1.00 84.64  ? 32  HIS A CG    1 
ATOM   236  N  ND1   . HIS A 1 50  ? 4.302   19.128  1.301   1.00 86.83  ? 32  HIS A ND1   1 
ATOM   237  C  CD2   . HIS A 1 50  ? 4.362   20.564  -0.353  1.00 86.46  ? 32  HIS A CD2   1 
ATOM   238  C  CE1   . HIS A 1 50  ? 3.255   19.931  1.436   1.00 87.81  ? 32  HIS A CE1   1 
ATOM   239  N  NE2   . HIS A 1 50  ? 3.268   20.809  0.444   1.00 86.29  ? 32  HIS A NE2   1 
ATOM   240  N  N     . ASN A 1 51  ? 5.846   18.189  -3.490  1.00 74.21  ? 33  ASN A N     1 
ATOM   241  C  CA    . ASN A 1 51  ? 5.159   18.571  -4.738  1.00 75.77  ? 33  ASN A CA    1 
ATOM   242  C  C     . ASN A 1 51  ? 5.114   17.498  -5.808  1.00 74.83  ? 33  ASN A C     1 
ATOM   243  O  O     . ASN A 1 51  ? 5.026   17.798  -7.000  1.00 75.33  ? 33  ASN A O     1 
ATOM   244  C  CB    . ASN A 1 51  ? 5.709   19.878  -5.266  1.00 76.39  ? 33  ASN A CB    1 
ATOM   245  C  CG    . ASN A 1 51  ? 5.394   21.012  -4.352  1.00 77.94  ? 33  ASN A CG    1 
ATOM   246  O  OD1   . ASN A 1 51  ? 4.218   21.367  -4.161  1.00 78.61  ? 33  ASN A OD1   1 
ATOM   247  N  ND2   . ASN A 1 51  ? 6.424   21.574  -3.732  1.00 78.01  ? 33  ASN A ND2   1 
ATOM   248  N  N     . ILE A 1 52  ? 5.170   16.248  -5.365  1.00 74.71  ? 34  ILE A N     1 
ATOM   249  C  CA    . ILE A 1 52  ? 5.018   15.101  -6.245  1.00 74.40  ? 34  ILE A CA    1 
ATOM   250  C  C     . ILE A 1 52  ? 3.663   15.234  -6.979  1.00 76.45  ? 34  ILE A C     1 
ATOM   251  O  O     . ILE A 1 52  ? 2.613   15.441  -6.354  1.00 77.85  ? 34  ILE A O     1 
ATOM   252  C  CB    . ILE A 1 52  ? 5.168   13.715  -5.450  1.00 72.03  ? 34  ILE A CB    1 
ATOM   253  C  CG1   . ILE A 1 52  ? 5.059   12.504  -6.385  1.00 71.95  ? 34  ILE A CG1   1 
ATOM   254  C  CG2   . ILE A 1 52  ? 4.169   13.606  -4.309  1.00 69.26  ? 34  ILE A CG2   1 
ATOM   255  C  CD1   . ILE A 1 52  ? 5.401   11.156  -5.727  1.00 71.53  ? 34  ILE A CD1   1 
ATOM   256  N  N     . SER A 1 53  ? 3.702   15.165  -8.302  1.00 76.45  ? 35  SER A N     1 
ATOM   257  C  CA    . SER A 1 53  ? 2.481   15.265  -9.099  1.00 76.90  ? 35  SER A CA    1 
ATOM   258  C  C     . SER A 1 53  ? 1.714   13.925  -9.078  1.00 76.86  ? 35  SER A C     1 
ATOM   259  O  O     . SER A 1 53  ? 2.289   12.898  -8.692  1.00 75.93  ? 35  SER A O     1 
ATOM   260  C  CB    . SER A 1 53  ? 2.814   15.740  -10.534 1.00 76.37  ? 35  SER A CB    1 
ATOM   261  O  OG    . SER A 1 53  ? 4.007   15.151  -11.015 1.00 72.89  ? 35  SER A OG    1 
ATOM   262  N  N     . PRO A 1 54  ? 0.397   13.936  -9.448  1.00 77.95  ? 36  PRO A N     1 
ATOM   263  C  CA    . PRO A 1 54  ? -0.370  12.668  -9.494  1.00 78.42  ? 36  PRO A CA    1 
ATOM   264  C  C     . PRO A 1 54  ? 0.135   11.704  -10.585 1.00 79.56  ? 36  PRO A C     1 
ATOM   265  O  O     . PRO A 1 54  ? 0.819   12.125  -11.532 1.00 80.20  ? 36  PRO A O     1 
ATOM   266  C  CB    . PRO A 1 54  ? -1.807  13.128  -9.819  1.00 76.58  ? 36  PRO A CB    1 
ATOM   267  C  CG    . PRO A 1 54  ? -1.834  14.584  -9.526  1.00 75.53  ? 36  PRO A CG    1 
ATOM   268  C  CD    . PRO A 1 54  ? -0.454  15.088  -9.806  1.00 76.61  ? 36  PRO A CD    1 
ATOM   269  N  N     . THR A 1 55  ? -0.205  10.429  -10.430 1.00 79.34  ? 37  THR A N     1 
ATOM   270  C  CA    . THR A 1 55  ? 0.194   9.393   -11.343 1.00 78.50  ? 37  THR A CA    1 
ATOM   271  C  C     . THR A 1 55  ? -0.849  9.288   -12.434 1.00 80.49  ? 37  THR A C     1 
ATOM   272  O  O     . THR A 1 55  ? -2.042  9.263   -12.149 1.00 78.82  ? 37  THR A O     1 
ATOM   273  C  CB    . THR A 1 55  ? 0.282   8.034   -10.606 1.00 77.92  ? 37  THR A CB    1 
ATOM   274  O  OG1   . THR A 1 55  ? 0.976   8.208   -9.374  1.00 77.33  ? 37  THR A OG1   1 
ATOM   275  C  CG2   . THR A 1 55  ? 1.012   6.993   -11.425 1.00 79.20  ? 37  THR A CG2   1 
ATOM   276  N  N     . ILE A 1 56  ? -0.387  9.249   -13.687 1.00 83.49  ? 38  ILE A N     1 
ATOM   277  C  CA    . ILE A 1 56  ? -1.259  9.039   -14.846 1.00 86.59  ? 38  ILE A CA    1 
ATOM   278  C  C     . ILE A 1 56  ? -0.930  7.671   -15.423 1.00 87.73  ? 38  ILE A C     1 
ATOM   279  O  O     . ILE A 1 56  ? 0.156   7.458   -15.973 1.00 88.18  ? 38  ILE A O     1 
ATOM   280  C  CB    . ILE A 1 56  ? -1.062  10.121  -15.959 1.00 88.91  ? 38  ILE A CB    1 
ATOM   281  C  CG1   . ILE A 1 56  ? -0.984  11.560  -15.372 1.00 89.50  ? 38  ILE A CG1   1 
ATOM   282  C  CG2   . ILE A 1 56  ? -2.140  9.962   -17.085 1.00 88.77  ? 38  ILE A CG2   1 
ATOM   283  C  CD1   . ILE A 1 56  ? -2.264  12.057  -14.616 1.00 89.41  ? 38  ILE A CD1   1 
ATOM   284  N  N     . GLY A 1 57  ? -1.870  6.741   -15.289 1.00 88.48  ? 39  GLY A N     1 
ATOM   285  C  CA    . GLY A 1 57  ? -1.658  5.359   -15.719 1.00 89.16  ? 39  GLY A CA    1 
ATOM   286  C  C     . GLY A 1 57  ? -1.117  4.528   -14.561 1.00 89.54  ? 39  GLY A C     1 
ATOM   287  O  O     . GLY A 1 57  ? -1.857  4.201   -13.614 1.00 92.28  ? 39  GLY A O     1 
ATOM   288  N  N     . ALA A 1 58  ? 0.166   4.183   -14.628 1.00 86.10  ? 40  ALA A N     1 
ATOM   289  C  CA    . ALA A 1 58  ? 0.813   3.424   -13.565 1.00 84.07  ? 40  ALA A CA    1 
ATOM   290  C  C     . ALA A 1 58  ? 2.302   3.697   -13.554 1.00 84.17  ? 40  ALA A C     1 
ATOM   291  O  O     . ALA A 1 58  ? 2.851   4.274   -14.503 1.00 85.68  ? 40  ALA A O     1 
ATOM   292  C  CB    . ALA A 1 58  ? 0.550   1.960   -13.717 1.00 83.81  ? 40  ALA A CB    1 
ATOM   293  N  N     . SER A 1 59  ? 2.952   3.282   -12.471 1.00 81.31  ? 41  SER A N     1 
ATOM   294  C  CA    . SER A 1 59  ? 4.366   3.517   -12.267 1.00 77.32  ? 41  SER A CA    1 
ATOM   295  C  C     . SER A 1 59  ? 4.957   2.260   -11.658 1.00 74.49  ? 41  SER A C     1 
ATOM   296  O  O     . SER A 1 59  ? 4.411   1.717   -10.693 1.00 74.09  ? 41  SER A O     1 
ATOM   297  C  CB    . SER A 1 59  ? 4.554   4.717   -11.335 1.00 77.27  ? 41  SER A CB    1 
ATOM   298  O  OG    . SER A 1 59  ? 5.909   4.909   -10.985 1.00 78.12  ? 41  SER A OG    1 
ATOM   299  N  N     . PHE A 1 60  ? 6.061   1.787   -12.230 1.00 70.15  ? 42  PHE A N     1 
ATOM   300  C  CA    . PHE A 1 60  ? 6.710   0.578   -11.742 1.00 67.07  ? 42  PHE A CA    1 
ATOM   301  C  C     . PHE A 1 60  ? 8.068   0.877   -11.166 1.00 68.17  ? 42  PHE A C     1 
ATOM   302  O  O     . PHE A 1 60  ? 8.882   1.589   -11.778 1.00 66.12  ? 42  PHE A O     1 
ATOM   303  C  CB    . PHE A 1 60  ? 6.849   -0.467  -12.857 1.00 65.08  ? 42  PHE A CB    1 
ATOM   304  C  CG    . PHE A 1 60  ? 7.673   -1.677  -12.471 1.00 62.80  ? 42  PHE A CG    1 
ATOM   305  C  CD1   . PHE A 1 60  ? 7.061   -2.822  -11.997 1.00 61.94  ? 42  PHE A CD1   1 
ATOM   306  C  CD2   . PHE A 1 60  ? 9.079   -1.663  -12.595 1.00 63.53  ? 42  PHE A CD2   1 
ATOM   307  C  CE1   . PHE A 1 60  ? 7.815   -3.934  -11.642 1.00 62.69  ? 42  PHE A CE1   1 
ATOM   308  C  CE2   . PHE A 1 60  ? 9.849   -2.770  -12.234 1.00 62.20  ? 42  PHE A CE2   1 
ATOM   309  C  CZ    . PHE A 1 60  ? 9.222   -3.907  -11.765 1.00 62.62  ? 42  PHE A CZ    1 
ATOM   310  N  N     . MET A 1 61  ? 8.317   0.310   -9.989  1.00 68.36  ? 43  MET A N     1 
ATOM   311  C  CA    . MET A 1 61  ? 9.605   0.422   -9.325  1.00 67.30  ? 43  MET A CA    1 
ATOM   312  C  C     . MET A 1 61  ? 9.913   -0.894  -8.672  1.00 67.90  ? 43  MET A C     1 
ATOM   313  O  O     . MET A 1 61  ? 9.007   -1.719  -8.433  1.00 70.20  ? 43  MET A O     1 
ATOM   314  C  CB    . MET A 1 61  ? 9.588   1.524   -8.287  1.00 66.96  ? 43  MET A CB    1 
ATOM   315  C  CG    . MET A 1 61  ? 9.334   2.873   -8.853  1.00 67.43  ? 43  MET A CG    1 
ATOM   316  S  SD    . MET A 1 61  ? 9.525   4.120   -7.607  1.00 68.37  ? 43  MET A SD    1 
ATOM   317  C  CE    . MET A 1 61  ? 9.246   5.592   -8.600  1.00 66.97  ? 43  MET A CE    1 
ATOM   318  N  N     . THR A 1 62  ? 11.181  -1.109  -8.378  1.00 66.87  ? 44  THR A N     1 
ATOM   319  C  CA    . THR A 1 62  ? 11.577  -2.351  -7.773  1.00 67.17  ? 44  THR A CA    1 
ATOM   320  C  C     . THR A 1 62  ? 12.680  -2.191  -6.707  1.00 66.43  ? 44  THR A C     1 
ATOM   321  O  O     . THR A 1 62  ? 13.554  -1.305  -6.795  1.00 63.55  ? 44  THR A O     1 
ATOM   322  C  CB    . THR A 1 62  ? 11.961  -3.407  -8.864  1.00 69.65  ? 44  THR A CB    1 
ATOM   323  O  OG1   . THR A 1 62  ? 12.161  -4.690  -8.254  1.00 71.41  ? 44  THR A OG1   1 
ATOM   324  C  CG2   . THR A 1 62  ? 13.230  -2.980  -9.664  1.00 69.77  ? 44  THR A CG2   1 
ATOM   325  N  N     . LYS A 1 63  ? 12.610  -3.046  -5.694  1.00 65.35  ? 45  LYS A N     1 
ATOM   326  C  CA    . LYS A 1 63  ? 13.601  -3.080  -4.641  1.00 63.51  ? 45  LYS A CA    1 
ATOM   327  C  C     . LYS A 1 63  ? 13.764  -4.500  -4.165  1.00 64.40  ? 45  LYS A C     1 
ATOM   328  O  O     . LYS A 1 63  ? 12.769  -5.223  -3.946  1.00 63.68  ? 45  LYS A O     1 
ATOM   329  C  CB    . LYS A 1 63  ? 13.196  -2.164  -3.483  1.00 63.84  ? 45  LYS A CB    1 
ATOM   330  C  CG    . LYS A 1 63  ? 14.146  -2.205  -2.272  1.00 61.95  ? 45  LYS A CG    1 
ATOM   331  C  CD    . LYS A 1 63  ? 13.916  -1.034  -1.334  1.00 61.38  ? 45  LYS A CD    1 
ATOM   332  C  CE    . LYS A 1 63  ? 14.754  -1.167  -0.071  1.00 59.67  ? 45  LYS A CE    1 
ATOM   333  N  NZ    . LYS A 1 63  ? 14.716  0.065   0.753   1.00 59.35  ? 45  LYS A NZ    1 
ATOM   334  N  N     . THR A 1 64  ? 15.018  -4.908  -4.013  1.00 66.72  ? 46  THR A N     1 
ATOM   335  C  CA    . THR A 1 64  ? 15.332  -6.234  -3.492  1.00 69.72  ? 46  THR A CA    1 
ATOM   336  C  C     . THR A 1 64  ? 15.732  -6.128  -2.018  1.00 70.26  ? 46  THR A C     1 
ATOM   337  O  O     . THR A 1 64  ? 16.588  -5.311  -1.645  1.00 69.78  ? 46  THR A O     1 
ATOM   338  C  CB    . THR A 1 64  ? 16.416  -6.939  -4.333  1.00 69.98  ? 46  THR A CB    1 
ATOM   339  O  OG1   . THR A 1 64  ? 15.980  -6.991  -5.694  1.00 71.28  ? 46  THR A OG1   1 
ATOM   340  C  CG2   . THR A 1 64  ? 16.642  -8.361  -3.844  1.00 71.47  ? 46  THR A CG2   1 
ATOM   341  N  N     . VAL A 1 65  ? 15.090  -6.951  -1.195  1.00 72.16  ? 47  VAL A N     1 
ATOM   342  C  CA    . VAL A 1 65  ? 15.280  -6.944  0.253   1.00 74.82  ? 47  VAL A CA    1 
ATOM   343  C  C     . VAL A 1 65  ? 15.544  -8.367  0.791   1.00 77.20  ? 47  VAL A C     1 
ATOM   344  O  O     . VAL A 1 65  ? 14.756  -9.295  0.518   1.00 77.71  ? 47  VAL A O     1 
ATOM   345  C  CB    . VAL A 1 65  ? 14.049  -6.266  0.972   1.00 74.39  ? 47  VAL A CB    1 
ATOM   346  C  CG1   . VAL A 1 65  ? 13.863  -6.765  2.381   1.00 74.95  ? 47  VAL A CG1   1 
ATOM   347  C  CG2   . VAL A 1 65  ? 14.201  -4.767  0.972   1.00 74.60  ? 47  VAL A CG2   1 
ATOM   348  N  N     . PRO A 1 66  ? 16.668  -8.551  1.535   1.00 79.42  ? 48  PRO A N     1 
ATOM   349  C  CA    . PRO A 1 66  ? 16.946  -9.857  2.145   1.00 80.23  ? 48  PRO A CA    1 
ATOM   350  C  C     . PRO A 1 66  ? 15.895  -10.152 3.187   1.00 81.88  ? 48  PRO A C     1 
ATOM   351  O  O     . PRO A 1 66  ? 15.583  -9.287  4.010   1.00 81.85  ? 48  PRO A O     1 
ATOM   352  C  CB    . PRO A 1 66  ? 18.318  -9.661  2.814   1.00 79.84  ? 48  PRO A CB    1 
ATOM   353  C  CG    . PRO A 1 66  ? 18.902  -8.426  2.184   1.00 80.98  ? 48  PRO A CG    1 
ATOM   354  C  CD    . PRO A 1 66  ? 17.731  -7.566  1.832   1.00 80.18  ? 48  PRO A CD    1 
ATOM   355  N  N     . CYS A 1 67  ? 15.329  -11.351 3.134   1.00 84.42  ? 49  CYS A N     1 
ATOM   356  C  CA    . CYS A 1 67  ? 14.318  -11.765 4.100   1.00 87.26  ? 49  CYS A CA    1 
ATOM   357  C  C     . CYS A 1 67  ? 14.504  -13.224 4.499   1.00 90.86  ? 49  CYS A C     1 
ATOM   358  O  O     . CYS A 1 67  ? 14.278  -14.138 3.688   1.00 92.84  ? 49  CYS A O     1 
ATOM   359  C  CB    . CYS A 1 67  ? 12.927  -11.556 3.539   1.00 86.68  ? 49  CYS A CB    1 
ATOM   360  S  SG    . CYS A 1 67  ? 11.680  -12.329 4.558   1.00 86.39  ? 49  CYS A SG    1 
ATOM   361  N  N     . GLY A 1 68  ? 14.890  -13.448 5.754   1.00 93.82  ? 50  GLY A N     1 
ATOM   362  C  CA    . GLY A 1 68  ? 15.207  -14.802 6.216   1.00 96.11  ? 50  GLY A CA    1 
ATOM   363  C  C     . GLY A 1 68  ? 16.453  -15.264 5.468   1.00 97.51  ? 50  GLY A C     1 
ATOM   364  O  O     . GLY A 1 68  ? 17.463  -14.543 5.423   1.00 96.11  ? 50  GLY A O     1 
ATOM   365  N  N     . ASN A 1 69  ? 16.379  -16.445 4.860   1.00 98.77  ? 51  ASN A N     1 
ATOM   366  C  CA    . ASN A 1 69  ? 17.500  -16.949 4.073   1.00 100.47 ? 51  ASN A CA    1 
ATOM   367  C  C     . ASN A 1 69  ? 17.160  -16.977 2.568   1.00 99.82  ? 51  ASN A C     1 
ATOM   368  O  O     . ASN A 1 69  ? 17.313  -18.008 1.901   1.00 100.93 ? 51  ASN A O     1 
ATOM   369  C  CB    . ASN A 1 69  ? 17.960  -18.325 4.595   1.00 101.93 ? 51  ASN A CB    1 
ATOM   370  C  CG    . ASN A 1 69  ? 19.430  -18.610 4.282   1.00 102.45 ? 51  ASN A CG    1 
ATOM   371  O  OD1   . ASN A 1 69  ? 19.823  -18.710 3.122   1.00 103.08 ? 51  ASN A OD1   1 
ATOM   372  N  ND2   . ASN A 1 69  ? 20.243  -18.745 5.327   1.00 102.02 ? 51  ASN A ND2   1 
ATOM   373  N  N     . GLU A 1 70  ? 16.683  -15.832 2.059   1.00 96.81  ? 52  GLU A N     1 
ATOM   374  C  CA    . GLU A 1 70  ? 16.294  -15.659 0.641   1.00 93.55  ? 52  GLU A CA    1 
ATOM   375  C  C     . GLU A 1 70  ? 16.061  -14.176 0.309   1.00 90.85  ? 52  GLU A C     1 
ATOM   376  O  O     . GLU A 1 70  ? 15.709  -13.392 1.193   1.00 90.91  ? 52  GLU A O     1 
ATOM   377  C  CB    . GLU A 1 70  ? 15.045  -16.495 0.287   1.00 92.93  ? 52  GLU A CB    1 
ATOM   378  C  CG    . GLU A 1 70  ? 13.800  -16.234 1.150   1.00 93.28  ? 52  GLU A CG    1 
ATOM   379  C  CD    . GLU A 1 70  ? 12.561  -17.006 0.666   1.00 94.38  ? 52  GLU A CD    1 
ATOM   380  O  OE1   . GLU A 1 70  ? 12.677  -17.785 -0.301  1.00 95.59  ? 52  GLU A OE1   1 
ATOM   381  O  OE2   . GLU A 1 70  ? 11.465  -16.835 1.251   1.00 94.93  ? 52  GLU A OE2   1 
ATOM   382  N  N     . LEU A 1 71  ? 16.267  -13.799 -0.961  1.00 87.59  ? 53  LEU A N     1 
ATOM   383  C  CA    . LEU A 1 71  ? 16.045  -12.407 -1.415  1.00 84.53  ? 53  LEU A CA    1 
ATOM   384  C  C     . LEU A 1 71  ? 14.630  -12.182 -1.966  1.00 83.01  ? 53  LEU A C     1 
ATOM   385  O  O     . LEU A 1 71  ? 14.094  -13.020 -2.699  1.00 82.75  ? 53  LEU A O     1 
ATOM   386  C  CB    . LEU A 1 71  ? 17.080  -11.984 -2.460  1.00 83.96  ? 53  LEU A CB    1 
ATOM   387  C  CG    . LEU A 1 71  ? 18.560  -11.897 -2.086  1.00 84.90  ? 53  LEU A CG    1 
ATOM   388  C  CD1   . LEU A 1 71  ? 19.352  -11.303 -3.244  1.00 84.30  ? 53  LEU A CD1   1 
ATOM   389  C  CD2   . LEU A 1 71  ? 18.797  -11.078 -0.806  1.00 86.13  ? 53  LEU A CD2   1 
ATOM   390  N  N     . HIS A 1 72  ? 14.033  -11.049 -1.597  1.00 80.89  ? 54  HIS A N     1 
ATOM   391  C  CA    . HIS A 1 72  ? 12.697  -10.680 -2.057  1.00 79.18  ? 54  HIS A CA    1 
ATOM   392  C  C     . HIS A 1 72  ? 12.782  -9.479  -2.983  1.00 77.67  ? 54  HIS A C     1 
ATOM   393  O  O     . HIS A 1 72  ? 13.014  -8.361  -2.530  1.00 76.49  ? 54  HIS A O     1 
ATOM   394  C  CB    . HIS A 1 72  ? 11.818  -10.359 -0.869  1.00 79.72  ? 54  HIS A CB    1 
ATOM   395  C  CG    . HIS A 1 72  ? 11.269  -11.562 -0.182  1.00 82.27  ? 54  HIS A CG    1 
ATOM   396  N  ND1   . HIS A 1 72  ? 10.024  -11.574 0.410   1.00 83.68  ? 54  HIS A ND1   1 
ATOM   397  C  CD2   . HIS A 1 72  ? 11.778  -12.806 -0.013  1.00 83.64  ? 54  HIS A CD2   1 
ATOM   398  C  CE1   . HIS A 1 72  ? 9.796   -12.767 0.931   1.00 83.91  ? 54  HIS A CE1   1 
ATOM   399  N  NE2   . HIS A 1 72  ? 10.842  -13.534 0.686   1.00 84.31  ? 54  HIS A NE2   1 
ATOM   400  N  N     . LYS A 1 73  ? 12.635  -9.713  -4.286  1.00 75.77  ? 55  LYS A N     1 
ATOM   401  C  CA    . LYS A 1 73  ? 12.637  -8.613  -5.241  1.00 74.33  ? 55  LYS A CA    1 
ATOM   402  C  C     . LYS A 1 73  ? 11.201  -8.182  -5.464  1.00 71.67  ? 55  LYS A C     1 
ATOM   403  O  O     . LYS A 1 73  ? 10.437  -8.871  -6.153  1.00 70.45  ? 55  LYS A O     1 
ATOM   404  C  CB    . LYS A 1 73  ? 13.295  -9.008  -6.568  1.00 75.55  ? 55  LYS A CB    1 
ATOM   405  C  CG    . LYS A 1 73  ? 13.441  -7.839  -7.565  1.00 76.35  ? 55  LYS A CG    1 
ATOM   406  C  CD    . LYS A 1 73  ? 14.067  -8.283  -8.887  1.00 76.95  ? 55  LYS A CD    1 
ATOM   407  C  CE    . LYS A 1 73  ? 14.648  -7.089  -9.645  1.00 78.83  ? 55  LYS A CE    1 
ATOM   408  N  NZ    . LYS A 1 73  ? 15.356  -7.497  -10.900 1.00 79.66  ? 55  LYS A NZ    1 
ATOM   409  N  N     . PHE A 1 74  ? 10.821  -7.056  -4.859  1.00 67.72  ? 56  PHE A N     1 
ATOM   410  C  CA    . PHE A 1 74  ? 9.475   -6.547  -5.023  1.00 65.60  ? 56  PHE A CA    1 
ATOM   411  C  C     . PHE A 1 74  ? 9.323   -5.870  -6.362  1.00 65.51  ? 56  PHE A C     1 
ATOM   412  O  O     . PHE A 1 74  ? 10.124  -4.991  -6.720  1.00 66.30  ? 56  PHE A O     1 
ATOM   413  C  CB    . PHE A 1 74  ? 9.125   -5.547  -3.934  1.00 63.86  ? 56  PHE A CB    1 
ATOM   414  C  CG    . PHE A 1 74  ? 9.046   -6.139  -2.566  1.00 62.44  ? 56  PHE A CG    1 
ATOM   415  C  CD1   . PHE A 1 74  ? 10.127  -6.036  -1.687  1.00 59.95  ? 56  PHE A CD1   1 
ATOM   416  C  CD2   . PHE A 1 74  ? 7.888   -6.793  -2.143  1.00 61.46  ? 56  PHE A CD2   1 
ATOM   417  C  CE1   . PHE A 1 74  ? 10.056  -6.582  -0.412  1.00 59.36  ? 56  PHE A CE1   1 
ATOM   418  C  CE2   . PHE A 1 74  ? 7.814   -7.342  -0.878  1.00 60.29  ? 56  PHE A CE2   1 
ATOM   419  C  CZ    . PHE A 1 74  ? 8.901   -7.233  -0.006  1.00 60.47  ? 56  PHE A CZ    1 
ATOM   420  N  N     . LEU A 1 75  ? 8.297   -6.284  -7.105  1.00 63.10  ? 57  LEU A N     1 
ATOM   421  C  CA    . LEU A 1 75  ? 7.959   -5.657  -8.371  1.00 62.30  ? 57  LEU A CA    1 
ATOM   422  C  C     . LEU A 1 75  ? 6.763   -4.809  -8.057  1.00 62.01  ? 57  LEU A C     1 
ATOM   423  O  O     . LEU A 1 75  ? 5.626   -5.304  -7.983  1.00 63.22  ? 57  LEU A O     1 
ATOM   424  C  CB    . LEU A 1 75  ? 7.628   -6.708  -9.433  1.00 60.55  ? 57  LEU A CB    1 
ATOM   425  C  CG    . LEU A 1 75  ? 8.622   -7.872  -9.563  1.00 58.69  ? 57  LEU A CG    1 
ATOM   426  C  CD1   . LEU A 1 75  ? 8.065   -8.870  -10.537 1.00 61.81  ? 57  LEU A CD1   1 
ATOM   427  C  CD2   . LEU A 1 75  ? 10.006  -7.431  -9.980  1.00 56.98  ? 57  LEU A CD2   1 
ATOM   428  N  N     . ILE A 1 76  ? 7.008   -3.526  -7.844  1.00 59.88  ? 58  ILE A N     1 
ATOM   429  C  CA    . ILE A 1 76  ? 5.944   -2.656  -7.364  1.00 59.59  ? 58  ILE A CA    1 
ATOM   430  C  C     . ILE A 1 76  ? 5.199   -1.883  -8.458  1.00 61.05  ? 58  ILE A C     1 
ATOM   431  O  O     . ILE A 1 76  ? 5.805   -1.072  -9.214  1.00 57.77  ? 58  ILE A O     1 
ATOM   432  C  CB    . ILE A 1 76  ? 6.461   -1.679  -6.286  1.00 56.98  ? 58  ILE A CB    1 
ATOM   433  C  CG1   . ILE A 1 76  ? 7.235   -2.439  -5.204  1.00 54.07  ? 58  ILE A CG1   1 
ATOM   434  C  CG2   . ILE A 1 76  ? 5.300   -0.910  -5.693  1.00 54.00  ? 58  ILE A CG2   1 
ATOM   435  C  CD1   . ILE A 1 76  ? 8.236   -1.592  -4.490  1.00 54.51  ? 58  ILE A CD1   1 
ATOM   436  N  N     . TRP A 1 77  ? 3.882   -2.144  -8.523  1.00 63.26  ? 59  TRP A N     1 
ATOM   437  C  CA    . TRP A 1 77  ? 2.961   -1.409  -9.410  1.00 64.54  ? 59  TRP A CA    1 
ATOM   438  C  C     . TRP A 1 77  ? 2.138   -0.387  -8.651  1.00 64.52  ? 59  TRP A C     1 
ATOM   439  O  O     . TRP A 1 77  ? 1.166   -0.721  -7.971  1.00 63.16  ? 59  TRP A O     1 
ATOM   440  C  CB    . TRP A 1 77  ? 2.084   -2.349  -10.251 1.00 65.72  ? 59  TRP A CB    1 
ATOM   441  C  CG    . TRP A 1 77  ? 2.850   -2.881  -11.427 1.00 66.18  ? 59  TRP A CG    1 
ATOM   442  C  CD1   . TRP A 1 77  ? 3.368   -4.155  -11.582 1.00 66.41  ? 59  TRP A CD1   1 
ATOM   443  C  CD2   . TRP A 1 77  ? 3.244   -2.143  -12.588 1.00 65.68  ? 59  TRP A CD2   1 
ATOM   444  N  NE1   . TRP A 1 77  ? 4.048   -4.243  -12.778 1.00 65.89  ? 59  TRP A NE1   1 
ATOM   445  C  CE2   . TRP A 1 77  ? 3.981   -3.026  -13.418 1.00 66.53  ? 59  TRP A CE2   1 
ATOM   446  C  CE3   . TRP A 1 77  ? 3.038   -0.817  -13.017 1.00 66.28  ? 59  TRP A CE3   1 
ATOM   447  C  CZ2   . TRP A 1 77  ? 4.511   -2.622  -14.660 1.00 66.67  ? 59  TRP A CZ2   1 
ATOM   448  C  CZ3   . TRP A 1 77  ? 3.557   -0.418  -14.248 1.00 66.25  ? 59  TRP A CZ3   1 
ATOM   449  C  CH2   . TRP A 1 77  ? 4.287   -1.318  -15.057 1.00 66.33  ? 59  TRP A CH2   1 
ATOM   450  N  N     . ASP A 1 78  ? 2.577   0.861   -8.764  1.00 67.81  ? 60  ASP A N     1 
ATOM   451  C  CA    . ASP A 1 78  ? 1.938   2.018   -8.152  1.00 71.56  ? 60  ASP A CA    1 
ATOM   452  C  C     . ASP A 1 78  ? 0.906   2.567   -9.130  1.00 73.94  ? 60  ASP A C     1 
ATOM   453  O  O     . ASP A 1 78  ? 1.244   3.219   -10.130 1.00 74.49  ? 60  ASP A O     1 
ATOM   454  C  CB    . ASP A 1 78  ? 3.010   3.063   -7.820  1.00 72.86  ? 60  ASP A CB    1 
ATOM   455  C  CG    . ASP A 1 78  ? 2.432   4.423   -7.439  1.00 73.65  ? 60  ASP A CG    1 
ATOM   456  O  OD1   . ASP A 1 78  ? 1.324   4.493   -6.857  1.00 74.94  ? 60  ASP A OD1   1 
ATOM   457  O  OD2   . ASP A 1 78  ? 3.118   5.429   -7.714  1.00 73.36  ? 60  ASP A OD2   1 
ATOM   458  N  N     . THR A 1 79  ? -0.355  2.280   -8.846  1.00 77.44  ? 61  THR A N     1 
ATOM   459  C  CA    . THR A 1 79  ? -1.459  2.682   -9.726  1.00 80.97  ? 61  THR A CA    1 
ATOM   460  C  C     . THR A 1 79  ? -1.950  4.092   -9.428  1.00 83.53  ? 61  THR A C     1 
ATOM   461  O  O     . THR A 1 79  ? -1.863  4.566   -8.279  1.00 83.81  ? 61  THR A O     1 
ATOM   462  C  CB    . THR A 1 79  ? -2.639  1.704   -9.623  1.00 80.34  ? 61  THR A CB    1 
ATOM   463  O  OG1   . THR A 1 79  ? -2.880  1.397   -8.240  1.00 79.93  ? 61  THR A OG1   1 
ATOM   464  C  CG2   . THR A 1 79  ? -2.331  0.414   -10.380 1.00 80.69  ? 61  THR A CG2   1 
ATOM   465  N  N     . ALA A 1 80  ? -2.453  4.764   -10.469 1.00 85.38  ? 62  ALA A N     1 
ATOM   466  C  CA    . ALA A 1 80  ? -3.033  6.097   -10.329 1.00 86.31  ? 62  ALA A CA    1 
ATOM   467  C  C     . ALA A 1 80  ? -4.346  5.962   -9.563  1.00 86.94  ? 62  ALA A C     1 
ATOM   468  O  O     . ALA A 1 80  ? -5.189  5.125   -9.911  1.00 87.06  ? 62  ALA A O     1 
ATOM   469  C  CB    . ALA A 1 80  ? -3.261  6.710   -11.682 1.00 85.84  ? 62  ALA A CB    1 
ATOM   470  N  N     . GLY A 1 81  ? -4.503  6.767   -8.512  1.00 88.11  ? 63  GLY A N     1 
ATOM   471  C  CA    . GLY A 1 81  ? -5.686  6.692   -7.646  1.00 90.45  ? 63  GLY A CA    1 
ATOM   472  C  C     . GLY A 1 81  ? -6.941  7.344   -8.195  1.00 92.69  ? 63  GLY A C     1 
ATOM   473  O  O     . GLY A 1 81  ? -8.050  6.957   -7.818  1.00 93.16  ? 63  GLY A O     1 
ATOM   474  N  N     . GLN A 1 82  ? -6.765  8.333   -9.084  1.00 94.59  ? 64  GLN A N     1 
ATOM   475  C  CA    . GLN A 1 82  ? -7.888  9.093   -9.686  1.00 96.31  ? 64  GLN A CA    1 
ATOM   476  C  C     . GLN A 1 82  ? -8.974  8.219   -10.339 1.00 98.65  ? 64  GLN A C     1 
ATOM   477  O  O     . GLN A 1 82  ? -8.666  7.205   -10.974 1.00 98.55  ? 64  GLN A O     1 
ATOM   478  C  CB    . GLN A 1 82  ? -7.371  10.212  -10.616 1.00 95.36  ? 64  GLN A CB    1 
ATOM   479  C  CG    . GLN A 1 82  ? -7.031  11.519  -9.840  1.00 95.83  ? 64  GLN A CG    1 
ATOM   480  C  CD    . GLN A 1 82  ? -6.179  12.519  -10.622 1.00 95.68  ? 64  GLN A CD    1 
ATOM   481  O  OE1   . GLN A 1 82  ? -5.005  12.269  -10.916 1.00 94.98  ? 64  GLN A OE1   1 
ATOM   482  N  NE2   . GLN A 1 82  ? -6.761  13.672  -10.923 1.00 95.32  ? 64  GLN A NE2   1 
ATOM   483  N  N     . GLU A 1 83  ? -10.238 8.640   -10.146 1.00 101.52 ? 65  GLU A N     1 
ATOM   484  C  CA    . GLU A 1 83  ? -11.471 7.915   -10.583 1.00 103.30 ? 65  GLU A CA    1 
ATOM   485  C  C     . GLU A 1 83  ? -11.444 7.273   -11.995 1.00 104.80 ? 65  GLU A C     1 
ATOM   486  O  O     . GLU A 1 83  ? -11.879 6.125   -12.157 1.00 106.48 ? 65  GLU A O     1 
ATOM   487  C  CB    . GLU A 1 83  ? -12.720 8.815   -10.411 1.00 103.17 ? 65  GLU A CB    1 
ATOM   488  C  CG    . GLU A 1 83  ? -14.072 8.106   -10.588 1.00 102.84 ? 65  GLU A CG    1 
ATOM   489  N  N     . ARG A 1 84  ? -10.935 8.015   -12.994 1.00 104.76 ? 66  ARG A N     1 
ATOM   490  C  CA    . ARG A 1 84  ? -10.846 7.536   -14.404 1.00 104.15 ? 66  ARG A CA    1 
ATOM   491  C  C     . ARG A 1 84  ? -9.949  6.290   -14.608 1.00 105.81 ? 66  ARG A C     1 
ATOM   492  O  O     . ARG A 1 84  ? -10.027 5.626   -15.649 1.00 107.29 ? 66  ARG A O     1 
ATOM   493  C  CB    . ARG A 1 84  ? -10.409 8.680   -15.346 1.00 102.53 ? 66  ARG A CB    1 
ATOM   494  C  CG    . ARG A 1 84  ? -9.156  9.417   -14.904 1.00 102.37 ? 66  ARG A CG    1 
ATOM   495  C  CD    . ARG A 1 84  ? -8.972  10.739  -15.634 1.00 103.01 ? 66  ARG A CD    1 
ATOM   496  N  NE    . ARG A 1 84  ? -8.301  11.742  -14.781 1.00 104.29 ? 66  ARG A NE    1 
ATOM   497  C  CZ    . ARG A 1 84  ? -7.011  12.100  -14.857 1.00 104.32 ? 66  ARG A CZ    1 
ATOM   498  N  NH1   . ARG A 1 84  ? -6.202  11.566  -15.767 1.00 104.14 ? 66  ARG A NH1   1 
ATOM   499  N  NH2   . ARG A 1 84  ? -6.532  13.016  -14.021 1.00 103.73 ? 66  ARG A NH2   1 
ATOM   500  N  N     . PHE A 1 85  ? -9.126  5.978   -13.606 1.00 107.18 ? 67  PHE A N     1 
ATOM   501  C  CA    . PHE A 1 85  ? -8.167  4.863   -13.683 1.00 107.80 ? 67  PHE A CA    1 
ATOM   502  C  C     . PHE A 1 85  ? -8.625  3.558   -13.018 1.00 108.55 ? 67  PHE A C     1 
ATOM   503  O  O     . PHE A 1 85  ? -7.989  2.523   -13.215 1.00 108.60 ? 67  PHE A O     1 
ATOM   504  C  CB    . PHE A 1 85  ? -6.795  5.286   -13.117 1.00 107.66 ? 67  PHE A CB    1 
ATOM   505  C  CG    . PHE A 1 85  ? -6.199  6.489   -13.800 1.00 107.30 ? 67  PHE A CG    1 
ATOM   506  C  CD1   . PHE A 1 85  ? -6.248  7.750   -13.191 1.00 106.65 ? 67  PHE A CD1   1 
ATOM   507  C  CD2   . PHE A 1 85  ? -5.589  6.367   -15.061 1.00 107.09 ? 67  PHE A CD2   1 
ATOM   508  C  CE1   . PHE A 1 85  ? -5.691  8.881   -13.824 1.00 106.57 ? 67  PHE A CE1   1 
ATOM   509  C  CE2   . PHE A 1 85  ? -5.033  7.493   -15.709 1.00 106.76 ? 67  PHE A CE2   1 
ATOM   510  C  CZ    . PHE A 1 85  ? -5.081  8.747   -15.089 1.00 106.81 ? 67  PHE A CZ    1 
ATOM   511  N  N     . HIS A 1 86  ? -9.710  3.601   -12.235 1.00 110.57 ? 68  HIS A N     1 
ATOM   512  C  CA    . HIS A 1 86  ? -10.235 2.382   -11.584 1.00 113.83 ? 68  HIS A CA    1 
ATOM   513  C  C     . HIS A 1 86  ? -10.473 1.282   -12.617 1.00 115.13 ? 68  HIS A C     1 
ATOM   514  O  O     . HIS A 1 86  ? -10.266 0.093   -12.340 1.00 115.81 ? 68  HIS A O     1 
ATOM   515  C  CB    . HIS A 1 86  ? -11.539 2.650   -10.810 1.00 115.39 ? 68  HIS A CB    1 
ATOM   516  C  CG    . HIS A 1 86  ? -11.447 3.770   -9.815  1.00 117.55 ? 68  HIS A CG    1 
ATOM   517  N  ND1   . HIS A 1 86  ? -10.298 4.048   -9.100  1.00 118.08 ? 68  HIS A ND1   1 
ATOM   518  C  CD2   . HIS A 1 86  ? -12.380 4.651   -9.379  1.00 117.91 ? 68  HIS A CD2   1 
ATOM   519  C  CE1   . HIS A 1 86  ? -10.520 5.070   -8.291  1.00 117.66 ? 68  HIS A CE1   1 
ATOM   520  N  NE2   . HIS A 1 86  ? -11.775 5.451   -8.439  1.00 118.22 ? 68  HIS A NE2   1 
ATOM   521  N  N     . SER A 1 87  ? -10.901 1.706   -13.813 1.00 116.53 ? 69  SER A N     1 
ATOM   522  C  CA    . SER A 1 87  ? -11.178 0.818   -14.953 1.00 116.51 ? 69  SER A CA    1 
ATOM   523  C  C     . SER A 1 87  ? -9.923  0.092   -15.487 1.00 117.08 ? 69  SER A C     1 
ATOM   524  O  O     . SER A 1 87  ? -10.029 -0.777  -16.360 1.00 117.63 ? 69  SER A O     1 
ATOM   525  C  CB    . SER A 1 87  ? -11.850 1.616   -16.089 1.00 115.93 ? 69  SER A CB    1 
ATOM   526  O  OG    . SER A 1 87  ? -10.998 2.653   -16.577 1.00 115.02 ? 69  SER A OG    1 
ATOM   527  N  N     . LEU A 1 88  ? -8.747  0.455   -14.958 1.00 116.70 ? 70  LEU A N     1 
ATOM   528  C  CA    . LEU A 1 88  ? -7.464  -0.144  -15.376 1.00 115.43 ? 70  LEU A CA    1 
ATOM   529  C  C     . LEU A 1 88  ? -6.821  -0.988  -14.253 1.00 114.07 ? 70  LEU A C     1 
ATOM   530  O  O     . LEU A 1 88  ? -5.831  -1.690  -14.483 1.00 113.58 ? 70  LEU A O     1 
ATOM   531  C  CB    . LEU A 1 88  ? -6.476  0.949   -15.845 1.00 115.04 ? 70  LEU A CB    1 
ATOM   532  C  CG    . LEU A 1 88  ? -6.916  2.055   -16.826 1.00 115.47 ? 70  LEU A CG    1 
ATOM   533  C  CD1   . LEU A 1 88  ? -5.789  3.075   -17.006 1.00 115.61 ? 70  LEU A CD1   1 
ATOM   534  C  CD2   . LEU A 1 88  ? -7.393  1.514   -18.190 1.00 114.99 ? 70  LEU A CD2   1 
ATOM   535  N  N     . ALA A 1 89  ? -7.410  -0.919  -13.055 1.00 112.65 ? 71  ALA A N     1 
ATOM   536  C  CA    . ALA A 1 89  ? -6.881  -1.583  -11.849 1.00 111.15 ? 71  ALA A CA    1 
ATOM   537  C  C     . ALA A 1 89  ? -6.725  -3.132  -11.880 1.00 110.17 ? 71  ALA A C     1 
ATOM   538  O  O     . ALA A 1 89  ? -5.674  -3.642  -11.467 1.00 110.42 ? 71  ALA A O     1 
ATOM   539  C  CB    . ALA A 1 89  ? -7.666  -1.135  -10.598 1.00 111.07 ? 71  ALA A CB    1 
ATOM   540  N  N     . PRO A 1 90  ? -7.757  -3.886  -12.359 1.00 108.36 ? 72  PRO A N     1 
ATOM   541  C  CA    . PRO A 1 90  ? -7.608  -5.364  -12.328 1.00 106.61 ? 72  PRO A CA    1 
ATOM   542  C  C     . PRO A 1 90  ? -6.380  -5.894  -13.084 1.00 104.54 ? 72  PRO A C     1 
ATOM   543  O  O     . PRO A 1 90  ? -5.842  -6.957  -12.734 1.00 105.65 ? 72  PRO A O     1 
ATOM   544  C  CB    . PRO A 1 90  ? -8.917  -5.877  -12.951 1.00 107.50 ? 72  PRO A CB    1 
ATOM   545  C  CG    . PRO A 1 90  ? -9.509  -4.700  -13.656 1.00 108.95 ? 72  PRO A CG    1 
ATOM   546  C  CD    . PRO A 1 90  ? -9.062  -3.481  -12.918 1.00 108.40 ? 72  PRO A CD    1 
ATOM   547  N  N     . MET A 1 91  ? -5.941  -5.145  -14.092 1.00 100.61 ? 73  MET A N     1 
ATOM   548  C  CA    . MET A 1 91  ? -4.748  -5.480  -14.871 1.00 97.52  ? 73  MET A CA    1 
ATOM   549  C  C     . MET A 1 91  ? -3.492  -5.624  -14.004 1.00 95.47  ? 73  MET A C     1 
ATOM   550  O  O     . MET A 1 91  ? -2.646  -6.488  -14.260 1.00 94.88  ? 73  MET A O     1 
ATOM   551  C  CB    . MET A 1 91  ? -4.521  -4.419  -15.964 1.00 96.86  ? 73  MET A CB    1 
ATOM   552  C  CG    . MET A 1 91  ? -3.120  -4.405  -16.554 1.00 95.64  ? 73  MET A CG    1 
ATOM   553  S  SD    . MET A 1 91  ? -2.895  -3.318  -17.977 1.00 96.92  ? 73  MET A SD    1 
ATOM   554  C  CE    . MET A 1 91  ? -3.528  -1.747  -17.396 1.00 96.73  ? 73  MET A CE    1 
ATOM   555  N  N     . TYR A 1 92  ? -3.384  -4.779  -12.980 1.00 93.40  ? 74  TYR A N     1 
ATOM   556  C  CA    . TYR A 1 92  ? -2.203  -4.755  -12.125 1.00 90.43  ? 74  TYR A CA    1 
ATOM   557  C  C     . TYR A 1 92  ? -2.309  -5.644  -10.910 1.00 90.20  ? 74  TYR A C     1 
ATOM   558  O  O     . TYR A 1 92  ? -1.315  -6.221  -10.490 1.00 89.75  ? 74  TYR A O     1 
ATOM   559  C  CB    . TYR A 1 92  ? -1.866  -3.321  -11.705 1.00 87.34  ? 74  TYR A CB    1 
ATOM   560  C  CG    . TYR A 1 92  ? -1.558  -2.399  -12.861 1.00 86.19  ? 74  TYR A CG    1 
ATOM   561  C  CD1   . TYR A 1 92  ? -2.516  -1.508  -13.331 1.00 86.51  ? 74  TYR A CD1   1 
ATOM   562  C  CD2   . TYR A 1 92  ? -0.302  -2.423  -13.498 1.00 85.25  ? 74  TYR A CD2   1 
ATOM   563  C  CE1   . TYR A 1 92  ? -2.244  -0.643  -14.404 1.00 86.45  ? 74  TYR A CE1   1 
ATOM   564  C  CE2   . TYR A 1 92  ? -0.019  -1.570  -14.575 1.00 85.47  ? 74  TYR A CE2   1 
ATOM   565  C  CZ    . TYR A 1 92  ? -1.000  -0.682  -15.026 1.00 86.37  ? 74  TYR A CZ    1 
ATOM   566  O  OH    . TYR A 1 92  ? -0.745  0.176   -16.088 1.00 85.85  ? 74  TYR A OH    1 
ATOM   567  N  N     . TYR A 1 93  ? -3.504  -5.767  -10.340 1.00 92.97  ? 75  TYR A N     1 
ATOM   568  C  CA    . TYR A 1 93  ? -3.650  -6.584  -9.127  1.00 96.04  ? 75  TYR A CA    1 
ATOM   569  C  C     . TYR A 1 93  ? -3.817  -8.066  -9.361  1.00 97.26  ? 75  TYR A C     1 
ATOM   570  O  O     . TYR A 1 93  ? -3.579  -8.864  -8.457  1.00 98.67  ? 75  TYR A O     1 
ATOM   571  C  CB    . TYR A 1 93  ? -4.698  -6.032  -8.128  1.00 97.38  ? 75  TYR A CB    1 
ATOM   572  C  CG    . TYR A 1 93  ? -6.157  -6.002  -8.549  1.00 97.97  ? 75  TYR A CG    1 
ATOM   573  C  CD1   . TYR A 1 93  ? -6.853  -7.184  -8.848  1.00 98.08  ? 75  TYR A CD1   1 
ATOM   574  C  CD2   . TYR A 1 93  ? -6.870  -4.789  -8.558  1.00 97.69  ? 75  TYR A CD2   1 
ATOM   575  C  CE1   . TYR A 1 93  ? -8.208  -7.155  -9.201  1.00 98.61  ? 75  TYR A CE1   1 
ATOM   576  C  CE2   . TYR A 1 93  ? -8.222  -4.744  -8.903  1.00 98.11  ? 75  TYR A CE2   1 
ATOM   577  C  CZ    . TYR A 1 93  ? -8.888  -5.932  -9.224  1.00 98.43  ? 75  TYR A CZ    1 
ATOM   578  O  OH    . TYR A 1 93  ? -10.215 -5.899  -9.571  1.00 97.92  ? 75  TYR A OH    1 
ATOM   579  N  N     . ARG A 1 94  ? -4.228  -8.455  -10.558 1.00 98.94  ? 76  ARG A N     1 
ATOM   580  C  CA    . ARG A 1 94  ? -4.308  -9.865  -10.842 1.00 99.74  ? 76  ARG A CA    1 
ATOM   581  C  C     . ARG A 1 94  ? -2.866  -10.355 -11.068 1.00 99.17  ? 76  ARG A C     1 
ATOM   582  O  O     . ARG A 1 94  ? -2.053  -9.678  -11.720 1.00 98.94  ? 76  ARG A O     1 
ATOM   583  C  CB    . ARG A 1 94  ? -5.233  -10.149 -12.022 1.00 102.18 ? 76  ARG A CB    1 
ATOM   584  C  CG    . ARG A 1 94  ? -5.948  -11.491 -11.888 1.00 105.55 ? 76  ARG A CG    1 
ATOM   585  C  CD    . ARG A 1 94  ? -7.296  -11.485 -12.595 1.00 107.77 ? 76  ARG A CD    1 
ATOM   586  N  NE    . ARG A 1 94  ? -8.238  -12.419 -11.956 1.00 109.12 ? 76  ARG A NE    1 
ATOM   587  C  CZ    . ARG A 1 94  ? -9.520  -12.580 -12.310 1.00 108.93 ? 76  ARG A CZ    1 
ATOM   588  N  NH1   . ARG A 1 94  ? -10.046 -11.878 -13.315 1.00 108.31 ? 76  ARG A NH1   1 
ATOM   589  N  NH2   . ARG A 1 94  ? -10.278 -13.451 -11.655 1.00 108.08 ? 76  ARG A NH2   1 
ATOM   590  N  N     . GLY A 1 95  ? -2.539  -11.503 -10.486 1.00 97.98  ? 77  GLY A N     1 
ATOM   591  C  CA    . GLY A 1 95  ? -1.181  -12.028 -10.569 1.00 95.43  ? 77  GLY A CA    1 
ATOM   592  C  C     . GLY A 1 95  ? -0.261  -11.424 -9.518  1.00 93.83  ? 77  GLY A C     1 
ATOM   593  O  O     . GLY A 1 95  ? 0.953   -11.642 -9.553  1.00 93.50  ? 77  GLY A O     1 
ATOM   594  N  N     . SER A 1 96  ? -0.844  -10.669 -8.578  1.00 91.27  ? 78  SER A N     1 
ATOM   595  C  CA    . SER A 1 96  ? -0.092  -10.030 -7.491  1.00 87.92  ? 78  SER A CA    1 
ATOM   596  C  C     . SER A 1 96  ? 0.017   -10.912 -6.250  1.00 85.57  ? 78  SER A C     1 
ATOM   597  O  O     . SER A 1 96  ? -0.980  -11.475 -5.770  1.00 85.84  ? 78  SER A O     1 
ATOM   598  C  CB    . SER A 1 96  ? -0.705  -8.665  -7.113  1.00 87.58  ? 78  SER A CB    1 
ATOM   599  O  OG    . SER A 1 96  ? -0.387  -7.659  -8.070  1.00 87.24  ? 78  SER A OG    1 
ATOM   600  N  N     . ALA A 1 97  ? 1.237   -11.021 -5.733  1.00 82.21  ? 79  ALA A N     1 
ATOM   601  C  CA    . ALA A 1 97  ? 1.497   -11.788 -4.525  1.00 80.19  ? 79  ALA A CA    1 
ATOM   602  C  C     . ALA A 1 97  ? 0.917   -11.044 -3.363  1.00 79.81  ? 79  ALA A C     1 
ATOM   603  O  O     . ALA A 1 97  ? 0.442   -11.650 -2.387  1.00 82.09  ? 79  ALA A O     1 
ATOM   604  C  CB    . ALA A 1 97  ? 2.987   -11.978 -4.327  1.00 78.69  ? 79  ALA A CB    1 
ATOM   605  N  N     . ALA A 1 98  ? 0.959   -9.715  -3.460  1.00 77.00  ? 80  ALA A N     1 
ATOM   606  C  CA    . ALA A 1 98  ? 0.450   -8.867  -2.404  1.00 73.48  ? 80  ALA A CA    1 
ATOM   607  C  C     . ALA A 1 98  ? -0.138  -7.572  -2.942  1.00 71.51  ? 80  ALA A C     1 
ATOM   608  O  O     . ALA A 1 98  ? 0.119   -7.172  -4.095  1.00 69.21  ? 80  ALA A O     1 
ATOM   609  C  CB    . ALA A 1 98  ? 1.545   -8.587  -1.378  1.00 71.41  ? 80  ALA A CB    1 
ATOM   610  N  N     . ALA A 1 99  ? -0.946  -6.935  -2.100  1.00 70.60  ? 81  ALA A N     1 
ATOM   611  C  CA    . ALA A 1 99  ? -1.562  -5.649  -2.409  1.00 71.90  ? 81  ALA A CA    1 
ATOM   612  C  C     . ALA A 1 99  ? -1.470  -4.731  -1.197  1.00 72.16  ? 81  ALA A C     1 
ATOM   613  O  O     . ALA A 1 99  ? -1.898  -5.098  -0.095  1.00 72.35  ? 81  ALA A O     1 
ATOM   614  C  CB    . ALA A 1 99  ? -3.007  -5.834  -2.809  1.00 70.74  ? 81  ALA A CB    1 
ATOM   615  N  N     . VAL A 1 100 ? -0.884  -3.553  -1.391  1.00 71.72  ? 82  VAL A N     1 
ATOM   616  C  CA    . VAL A 1 100 ? -0.821  -2.554  -0.325  1.00 68.86  ? 82  VAL A CA    1 
ATOM   617  C  C     . VAL A 1 100 ? -1.974  -1.589  -0.545  1.00 69.48  ? 82  VAL A C     1 
ATOM   618  O  O     . VAL A 1 100 ? -2.085  -0.942  -1.620  1.00 70.24  ? 82  VAL A O     1 
ATOM   619  C  CB    . VAL A 1 100 ? 0.512   -1.806  -0.306  1.00 67.10  ? 82  VAL A CB    1 
ATOM   620  C  CG1   . VAL A 1 100 ? 0.504   -0.719  0.756   1.00 64.64  ? 82  VAL A CG1   1 
ATOM   621  C  CG2   . VAL A 1 100 ? 1.657   -2.783  -0.067  1.00 66.40  ? 82  VAL A CG2   1 
ATOM   622  N  N     . ILE A 1 101 ? -2.857  -1.522  0.442   1.00 66.14  ? 83  ILE A N     1 
ATOM   623  C  CA    . ILE A 1 101 ? -4.004  -0.639  0.359   1.00 65.55  ? 83  ILE A CA    1 
ATOM   624  C  C     . ILE A 1 101 ? -3.775  0.484   1.354   1.00 64.55  ? 83  ILE A C     1 
ATOM   625  O  O     . ILE A 1 101 ? -3.603  0.248   2.561   1.00 63.95  ? 83  ILE A O     1 
ATOM   626  C  CB    . ILE A 1 101 ? -5.321  -1.374  0.611   1.00 66.23  ? 83  ILE A CB    1 
ATOM   627  C  CG1   . ILE A 1 101 ? -5.260  -2.784  -0.002  1.00 66.40  ? 83  ILE A CG1   1 
ATOM   628  C  CG2   . ILE A 1 101 ? -6.477  -0.573  0.013   1.00 67.26  ? 83  ILE A CG2   1 
ATOM   629  C  CD1   . ILE A 1 101 ? -6.129  -3.774  0.671   1.00 66.24  ? 83  ILE A CD1   1 
ATOM   630  N  N     . VAL A 1 102 ? -3.765  1.709   0.829   1.00 62.43  ? 84  VAL A N     1 
ATOM   631  C  CA    . VAL A 1 102 ? -3.361  2.871   1.589   1.00 58.97  ? 84  VAL A CA    1 
ATOM   632  C  C     . VAL A 1 102 ? -4.507  3.816   1.825   1.00 58.54  ? 84  VAL A C     1 
ATOM   633  O  O     . VAL A 1 102 ? -5.263  4.125   0.908   1.00 60.00  ? 84  VAL A O     1 
ATOM   634  C  CB    . VAL A 1 102 ? -2.250  3.661   0.825   1.00 57.62  ? 84  VAL A CB    1 
ATOM   635  C  CG1   . VAL A 1 102 ? -1.680  4.727   1.685   1.00 57.28  ? 84  VAL A CG1   1 
ATOM   636  C  CG2   . VAL A 1 102 ? -1.137  2.729   0.325   1.00 55.72  ? 84  VAL A CG2   1 
ATOM   637  N  N     . TYR A 1 103 ? -4.639  4.279   3.061   1.00 57.27  ? 85  TYR A N     1 
ATOM   638  C  CA    . TYR A 1 103 ? -5.555  5.371   3.356   1.00 55.70  ? 85  TYR A CA    1 
ATOM   639  C  C     . TYR A 1 103 ? -4.727  6.546   3.926   1.00 56.16  ? 85  TYR A C     1 
ATOM   640  O  O     . TYR A 1 103 ? -3.506  6.428   4.103   1.00 55.02  ? 85  TYR A O     1 
ATOM   641  C  CB    . TYR A 1 103 ? -6.716  4.933   4.277   1.00 53.91  ? 85  TYR A CB    1 
ATOM   642  C  CG    . TYR A 1 103 ? -6.301  4.525   5.664   1.00 53.80  ? 85  TYR A CG    1 
ATOM   643  C  CD1   . TYR A 1 103 ? -6.507  5.382   6.752   1.00 53.41  ? 85  TYR A CD1   1 
ATOM   644  C  CD2   . TYR A 1 103 ? -5.675  3.291   5.900   1.00 53.85  ? 85  TYR A CD2   1 
ATOM   645  C  CE1   . TYR A 1 103 ? -6.108  5.020   8.046   1.00 52.38  ? 85  TYR A CE1   1 
ATOM   646  C  CE2   . TYR A 1 103 ? -5.272  2.916   7.207   1.00 53.21  ? 85  TYR A CE2   1 
ATOM   647  C  CZ    . TYR A 1 103 ? -5.498  3.793   8.266   1.00 52.48  ? 85  TYR A CZ    1 
ATOM   648  O  OH    . TYR A 1 103 ? -5.103  3.450   9.534   1.00 52.75  ? 85  TYR A OH    1 
ATOM   649  N  N     . ASP A 1 104 ? -5.393  7.673   4.163   1.00 57.21  ? 86  ASP A N     1 
ATOM   650  C  CA    . ASP A 1 104 ? -4.785  8.874   4.710   1.00 56.00  ? 86  ASP A CA    1 
ATOM   651  C  C     . ASP A 1 104 ? -5.431  9.034   6.075   1.00 56.72  ? 86  ASP A C     1 
ATOM   652  O  O     . ASP A 1 104 ? -6.641  9.286   6.158   1.00 58.74  ? 86  ASP A O     1 
ATOM   653  C  CB    . ASP A 1 104 ? -5.115  10.047  3.767   1.00 57.33  ? 86  ASP A CB    1 
ATOM   654  C  CG    . ASP A 1 104 ? -4.741  11.439  4.335   1.00 59.11  ? 86  ASP A CG    1 
ATOM   655  O  OD1   . ASP A 1 104 ? -4.374  11.560  5.521   1.00 61.08  ? 86  ASP A OD1   1 
ATOM   656  O  OD2   . ASP A 1 104 ? -4.842  12.432  3.566   1.00 59.12  ? 86  ASP A OD2   1 
ATOM   657  N  N     . ILE A 1 105 ? -4.638  8.890   7.146   1.00 55.30  ? 87  ILE A N     1 
ATOM   658  C  CA    . ILE A 1 105 ? -5.168  8.944   8.547   1.00 55.06  ? 87  ILE A CA    1 
ATOM   659  C  C     . ILE A 1 105 ? -5.895  10.225  8.885   1.00 57.76  ? 87  ILE A C     1 
ATOM   660  O  O     . ILE A 1 105 ? -6.526  10.322  9.944   1.00 59.54  ? 87  ILE A O     1 
ATOM   661  C  CB    . ILE A 1 105 ? -4.060  8.736   9.653   1.00 54.18  ? 87  ILE A CB    1 
ATOM   662  C  CG1   . ILE A 1 105 ? -3.169  9.976   9.800   1.00 54.60  ? 87  ILE A CG1   1 
ATOM   663  C  CG2   . ILE A 1 105 ? -3.224  7.473   9.384   1.00 54.94  ? 87  ILE A CG2   1 
ATOM   664  C  CD1   . ILE A 1 105 ? -2.534  10.147  11.217  1.00 55.26  ? 87  ILE A CD1   1 
ATOM   665  N  N     . THR A 1 106 ? -5.803  11.213  7.994   1.00 58.92  ? 88  THR A N     1 
ATOM   666  C  CA    . THR A 1 106 ? -6.340  12.537  8.269   1.00 59.28  ? 88  THR A CA    1 
ATOM   667  C  C     . THR A 1 106 ? -7.680  12.776  7.608   1.00 59.78  ? 88  THR A C     1 
ATOM   668  O  O     . THR A 1 106 ? -8.322  13.777  7.872   1.00 60.76  ? 88  THR A O     1 
ATOM   669  C  CB    . THR A 1 106 ? -5.316  13.681  7.886   1.00 58.57  ? 88  THR A CB    1 
ATOM   670  O  OG1   . THR A 1 106 ? -5.275  13.854  6.473   1.00 56.81  ? 88  THR A OG1   1 
ATOM   671  C  CG2   . THR A 1 106 ? -3.918  13.350  8.393   1.00 56.80  ? 88  THR A CG2   1 
ATOM   672  N  N     . LYS A 1 107 ? -8.092  11.843  6.752   1.00 63.78  ? 89  LYS A N     1 
ATOM   673  C  CA    . LYS A 1 107 ? -9.381  11.912  6.024   1.00 65.71  ? 89  LYS A CA    1 
ATOM   674  C  C     . LYS A 1 107 ? -10.096 10.573  6.131   1.00 68.05  ? 89  LYS A C     1 
ATOM   675  O  O     . LYS A 1 107 ? -9.689  9.598   5.493   1.00 66.71  ? 89  LYS A O     1 
ATOM   676  C  CB    . LYS A 1 107 ? -9.148  12.245  4.552   1.00 65.68  ? 89  LYS A CB    1 
ATOM   677  C  CG    . LYS A 1 107 ? -8.360  13.500  4.346   1.00 66.82  ? 89  LYS A CG    1 
ATOM   678  C  CD    . LYS A 1 107 ? -7.969  13.713  2.901   1.00 67.16  ? 89  LYS A CD    1 
ATOM   679  C  CE    . LYS A 1 107 ? -7.042  14.930  2.777   1.00 68.10  ? 89  LYS A CE    1 
ATOM   680  N  NZ    . LYS A 1 107 ? -7.654  16.194  3.299   1.00 66.94  ? 89  LYS A NZ    1 
ATOM   681  N  N     . GLN A 1 108 ? -11.160 10.529  6.938   1.00 72.18  ? 90  GLN A N     1 
ATOM   682  C  CA    . GLN A 1 108 ? -11.913 9.283   7.170   1.00 75.97  ? 90  GLN A CA    1 
ATOM   683  C  C     . GLN A 1 108 ? -12.513 8.679   5.889   1.00 73.57  ? 90  GLN A C     1 
ATOM   684  O  O     . GLN A 1 108 ? -12.566 7.463   5.764   1.00 70.08  ? 90  GLN A O     1 
ATOM   685  C  CB    . GLN A 1 108 ? -12.964 9.445   8.293   1.00 78.49  ? 90  GLN A CB    1 
ATOM   686  C  CG    . GLN A 1 108 ? -13.938 10.641  8.124   1.00 81.71  ? 90  GLN A CG    1 
ATOM   687  C  CD    . GLN A 1 108 ? -14.840 10.885  9.367   1.00 82.00  ? 90  GLN A CD    1 
ATOM   688  O  OE1   . GLN A 1 108 ? -14.914 10.052  10.286  1.00 84.06  ? 90  GLN A OE1   1 
ATOM   689  N  NE2   . GLN A 1 108 ? -15.521 12.038  9.386   1.00 83.84  ? 90  GLN A NE2   1 
ATOM   690  N  N     . ASP A 1 109 ? -12.938 9.537   4.944   1.00 74.39  ? 91  ASP A N     1 
ATOM   691  C  CA    . ASP A 1 109 ? -13.394 9.077   3.604   1.00 76.57  ? 91  ASP A CA    1 
ATOM   692  C  C     . ASP A 1 109 ? -12.424 8.080   2.983   1.00 76.57  ? 91  ASP A C     1 
ATOM   693  O  O     . ASP A 1 109 ? -12.854 7.053   2.441   1.00 78.14  ? 91  ASP A O     1 
ATOM   694  C  CB    . ASP A 1 109 ? -13.520 10.242  2.616   1.00 79.13  ? 91  ASP A CB    1 
ATOM   695  C  CG    . ASP A 1 109 ? -14.678 11.162  2.922   1.00 82.99  ? 91  ASP A CG    1 
ATOM   696  O  OD1   . ASP A 1 109 ? -15.372 10.960  3.964   1.00 84.54  ? 91  ASP A OD1   1 
ATOM   697  O  OD2   . ASP A 1 109 ? -14.894 12.102  2.101   1.00 82.89  ? 91  ASP A OD2   1 
ATOM   698  N  N     . SER A 1 110 ? -11.116 8.386   3.062   1.00 73.77  ? 92  SER A N     1 
ATOM   699  C  CA    . SER A 1 110 ? -10.076 7.529   2.491   1.00 71.57  ? 92  SER A CA    1 
ATOM   700  C  C     . SER A 1 110 ? -10.061 6.158   3.141   1.00 71.61  ? 92  SER A C     1 
ATOM   701  O  O     . SER A 1 110 ? -9.560  5.207   2.547   1.00 71.67  ? 92  SER A O     1 
ATOM   702  C  CB    . SER A 1 110 ? -8.698  8.182   2.591   1.00 69.71  ? 92  SER A CB    1 
ATOM   703  O  OG    . SER A 1 110 ? -8.248  8.218   3.920   1.00 67.85  ? 92  SER A OG    1 
ATOM   704  N  N     . PHE A 1 111 ? -10.635 6.061   4.349   1.00 72.88  ? 93  PHE A N     1 
ATOM   705  C  CA    . PHE A 1 111 ? -10.731 4.791   5.081   1.00 74.46  ? 93  PHE A CA    1 
ATOM   706  C  C     . PHE A 1 111 ? -11.913 3.912   4.635   1.00 79.00  ? 93  PHE A C     1 
ATOM   707  O  O     . PHE A 1 111 ? -11.857 2.678   4.780   1.00 80.61  ? 93  PHE A O     1 
ATOM   708  C  CB    . PHE A 1 111 ? -10.761 5.021   6.595   1.00 71.84  ? 93  PHE A CB    1 
ATOM   709  C  CG    . PHE A 1 111 ? -10.597 3.747   7.421   1.00 72.80  ? 93  PHE A CG    1 
ATOM   710  C  CD1   . PHE A 1 111 ? -9.467  2.912   7.252   1.00 71.59  ? 93  PHE A CD1   1 
ATOM   711  C  CD2   . PHE A 1 111 ? -11.557 3.389   8.395   1.00 73.18  ? 93  PHE A CD2   1 
ATOM   712  C  CE1   . PHE A 1 111 ? -9.303  1.744   8.018   1.00 69.91  ? 93  PHE A CE1   1 
ATOM   713  C  CE2   . PHE A 1 111 ? -11.402 2.206   9.173   1.00 71.68  ? 93  PHE A CE2   1 
ATOM   714  C  CZ    . PHE A 1 111 ? -10.273 1.390   8.984   1.00 71.38  ? 93  PHE A CZ    1 
ATOM   715  N  N     . TYR A 1 112 ? -12.976 4.529   4.104   1.00 82.60  ? 94  TYR A N     1 
ATOM   716  C  CA    . TYR A 1 112 ? -14.117 3.755   3.559   1.00 85.73  ? 94  TYR A CA    1 
ATOM   717  C  C     . TYR A 1 112 ? -13.813 3.294   2.125   1.00 85.27  ? 94  TYR A C     1 
ATOM   718  O  O     . TYR A 1 112 ? -14.267 2.240   1.702   1.00 85.84  ? 94  TYR A O     1 
ATOM   719  C  CB    . TYR A 1 112 ? -15.436 4.535   3.641   1.00 90.34  ? 94  TYR A CB    1 
ATOM   720  C  CG    . TYR A 1 112 ? -15.653 5.226   4.981   1.00 92.19  ? 94  TYR A CG    1 
ATOM   721  C  CD1   . TYR A 1 112 ? -15.466 4.523   6.196   1.00 92.90  ? 94  TYR A CD1   1 
ATOM   722  C  CD2   . TYR A 1 112 ? -16.058 6.578   5.044   1.00 92.24  ? 94  TYR A CD2   1 
ATOM   723  C  CE1   . TYR A 1 112 ? -15.658 5.150   7.437   1.00 92.90  ? 94  TYR A CE1   1 
ATOM   724  C  CE2   . TYR A 1 112 ? -16.259 7.220   6.281   1.00 92.33  ? 94  TYR A CE2   1 
ATOM   725  C  CZ    . TYR A 1 112 ? -16.055 6.494   7.477   1.00 93.16  ? 94  TYR A CZ    1 
ATOM   726  O  OH    . TYR A 1 112 ? -16.241 7.099   8.705   1.00 93.76  ? 94  TYR A OH    1 
ATOM   727  N  N     . THR A 1 113 ? -13.034 4.094   1.393   1.00 84.59  ? 95  THR A N     1 
ATOM   728  C  CA    . THR A 1 113 ? -12.532 3.716   0.069   1.00 84.75  ? 95  THR A CA    1 
ATOM   729  C  C     . THR A 1 113 ? -11.628 2.487   0.203   1.00 85.74  ? 95  THR A C     1 
ATOM   730  O  O     . THR A 1 113 ? -11.585 1.625   -0.679  1.00 86.06  ? 95  THR A O     1 
ATOM   731  C  CB    . THR A 1 113 ? -11.744 4.866   -0.559  1.00 84.20  ? 95  THR A CB    1 
ATOM   732  O  OG1   . THR A 1 113 ? -12.612 5.981   -0.721  1.00 85.94  ? 95  THR A OG1   1 
ATOM   733  C  CG2   . THR A 1 113 ? -11.184 4.489   -1.929  1.00 84.40  ? 95  THR A CG2   1 
ATOM   734  N  N     . LEU A 1 114 ? -10.909 2.410   1.314   1.00 86.45  ? 96  LEU A N     1 
ATOM   735  C  CA    . LEU A 1 114 ? -10.058 1.269   1.584   1.00 88.36  ? 96  LEU A CA    1 
ATOM   736  C  C     . LEU A 1 114 ? -10.909 0.000   1.626   1.00 88.60  ? 96  LEU A C     1 
ATOM   737  O  O     . LEU A 1 114 ? -10.502 -1.043  1.134   1.00 89.73  ? 96  LEU A O     1 
ATOM   738  C  CB    . LEU A 1 114 ? -9.352  1.446   2.918   1.00 88.35  ? 96  LEU A CB    1 
ATOM   739  C  CG    . LEU A 1 114 ? -8.395  0.342   3.316   1.00 87.87  ? 96  LEU A CG    1 
ATOM   740  C  CD1   . LEU A 1 114 ? -7.007  0.813   3.075   1.00 89.59  ? 96  LEU A CD1   1 
ATOM   741  C  CD2   . LEU A 1 114 ? -8.581  0.078   4.758   1.00 88.32  ? 96  LEU A CD2   1 
ATOM   742  N  N     . LYS A 1 115 ? -12.096 0.110   2.215   1.00 88.57  ? 97  LYS A N     1 
ATOM   743  C  CA    . LYS A 1 115 ? -13.005 -1.027  2.350   1.00 88.34  ? 97  LYS A CA    1 
ATOM   744  C  C     . LYS A 1 115 ? -13.576 -1.462  1.009   1.00 88.23  ? 97  LYS A C     1 
ATOM   745  O  O     . LYS A 1 115 ? -13.723 -2.658  0.758   1.00 89.99  ? 97  LYS A O     1 
ATOM   746  C  CB    . LYS A 1 115 ? -14.094 -0.717  3.371   1.00 87.84  ? 97  LYS A CB    1 
ATOM   747  C  CG    . LYS A 1 115 ? -13.489 -0.409  4.726   1.00 88.86  ? 97  LYS A CG    1 
ATOM   748  C  CD    . LYS A 1 115 ? -14.490 -0.030  5.767   1.00 91.00  ? 97  LYS A CD    1 
ATOM   749  C  CE    . LYS A 1 115 ? -13.774 0.266   7.094   1.00 91.41  ? 97  LYS A CE    1 
ATOM   750  N  NZ    . LYS A 1 115 ? -14.701 0.794   8.149   1.00 92.73  ? 97  LYS A NZ    1 
ATOM   751  N  N     . LYS A 1 116 ? -13.859 -0.487  0.140   1.00 86.54  ? 98  LYS A N     1 
ATOM   752  C  CA    . LYS A 1 116 ? -14.345 -0.751  -1.215  1.00 84.96  ? 98  LYS A CA    1 
ATOM   753  C  C     . LYS A 1 116 ? -13.258 -1.390  -2.084  1.00 85.17  ? 98  LYS A C     1 
ATOM   754  O  O     . LYS A 1 116 ? -13.567 -2.141  -3.000  1.00 87.68  ? 98  LYS A O     1 
ATOM   755  C  CB    . LYS A 1 116 ? -14.875 0.529   -1.875  1.00 84.35  ? 98  LYS A CB    1 
ATOM   756  N  N     . TRP A 1 117 ? -11.990 -1.083  -1.800  1.00 84.74  ? 99  TRP A N     1 
ATOM   757  C  CA    . TRP A 1 117 ? -10.867 -1.704  -2.523  1.00 84.46  ? 99  TRP A CA    1 
ATOM   758  C  C     . TRP A 1 117 ? -10.642 -3.143  -2.054  1.00 84.92  ? 99  TRP A C     1 
ATOM   759  O  O     . TRP A 1 117 ? -10.350 -4.018  -2.860  1.00 85.19  ? 99  TRP A O     1 
ATOM   760  C  CB    . TRP A 1 117 ? -9.569  -0.886  -2.385  1.00 83.18  ? 99  TRP A CB    1 
ATOM   761  C  CG    . TRP A 1 117 ? -9.427  0.252   -3.382  1.00 82.45  ? 99  TRP A CG    1 
ATOM   762  C  CD1   . TRP A 1 117 ? -9.470  1.596   -3.112  1.00 81.87  ? 99  TRP A CD1   1 
ATOM   763  C  CD2   . TRP A 1 117 ? -9.225  0.136   -4.799  1.00 82.34  ? 99  TRP A CD2   1 
ATOM   764  N  NE1   . TRP A 1 117 ? -9.297  2.324   -4.268  1.00 81.20  ? 99  TRP A NE1   1 
ATOM   765  C  CE2   . TRP A 1 117 ? -9.148  1.459   -5.321  1.00 82.21  ? 99  TRP A CE2   1 
ATOM   766  C  CE3   . TRP A 1 117 ? -9.102  -0.957  -5.687  1.00 82.67  ? 99  TRP A CE3   1 
ATOM   767  C  CZ2   . TRP A 1 117 ? -8.953  1.725   -6.701  1.00 82.70  ? 99  TRP A CZ2   1 
ATOM   768  C  CZ3   . TRP A 1 117 ? -8.904  -0.695  -7.069  1.00 82.10  ? 99  TRP A CZ3   1 
ATOM   769  C  CH2   . TRP A 1 117 ? -8.833  0.640   -7.554  1.00 82.60  ? 99  TRP A CH2   1 
ATOM   770  N  N     . VAL A 1 118 ? -10.766 -3.361  -0.741  1.00 86.19  ? 100 VAL A N     1 
ATOM   771  C  CA    . VAL A 1 118 ? -10.656 -4.689  -0.120  1.00 86.22  ? 100 VAL A CA    1 
ATOM   772  C  C     . VAL A 1 118 ? -11.685 -5.638  -0.727  1.00 87.46  ? 100 VAL A C     1 
ATOM   773  O  O     . VAL A 1 118 ? -11.370 -6.782  -1.058  1.00 86.77  ? 100 VAL A O     1 
ATOM   774  C  CB    . VAL A 1 118 ? -10.861 -4.610  1.430   1.00 85.87  ? 100 VAL A CB    1 
ATOM   775  C  CG1   . VAL A 1 118 ? -11.187 -5.993  2.038   1.00 86.74  ? 100 VAL A CG1   1 
ATOM   776  C  CG2   . VAL A 1 118 ? -9.652  -4.006  2.098   1.00 85.19  ? 100 VAL A CG2   1 
ATOM   777  N  N     . LYS A 1 119 ? -12.915 -5.143  -0.874  1.00 89.23  ? 101 LYS A N     1 
ATOM   778  C  CA    . LYS A 1 119 ? -14.004 -5.920  -1.455  1.00 91.98  ? 101 LYS A CA    1 
ATOM   779  C  C     . LYS A 1 119 ? -13.658 -6.384  -2.876  1.00 91.22  ? 101 LYS A C     1 
ATOM   780  O  O     . LYS A 1 119 ? -13.599 -7.594  -3.147  1.00 92.12  ? 101 LYS A O     1 
ATOM   781  C  CB    . LYS A 1 119 ? -15.327 -5.130  -1.410  1.00 93.42  ? 101 LYS A CB    1 
ATOM   782  C  CG    . LYS A 1 119 ? -15.876 -4.960  0.010   1.00 93.65  ? 101 LYS A CG    1 
ATOM   783  C  CD    . LYS A 1 119 ? -17.089 -4.043  0.064   1.00 94.65  ? 101 LYS A CD    1 
ATOM   784  C  CE    . LYS A 1 119 ? -17.489 -3.751  1.535   1.00 95.91  ? 101 LYS A CE    1 
ATOM   785  N  NZ    . LYS A 1 119 ? -18.545 -2.691  1.660   1.00 96.16  ? 101 LYS A NZ    1 
ATOM   786  N  N     . GLU A 1 120 ? -13.397 -5.424  -3.763  1.00 89.26  ? 102 GLU A N     1 
ATOM   787  C  CA    . GLU A 1 120 ? -13.023 -5.718  -5.141  1.00 88.17  ? 102 GLU A CA    1 
ATOM   788  C  C     . GLU A 1 120 ? -11.840 -6.677  -5.197  1.00 89.18  ? 102 GLU A C     1 
ATOM   789  O  O     . GLU A 1 120 ? -11.750 -7.520  -6.083  1.00 89.25  ? 102 GLU A O     1 
ATOM   790  C  CB    . GLU A 1 120 ? -12.691 -4.427  -5.878  1.00 86.14  ? 102 GLU A CB    1 
ATOM   791  C  CG    . GLU A 1 120 ? -12.270 -4.613  -7.331  1.00 85.12  ? 102 GLU A CG    1 
ATOM   792  C  CD    . GLU A 1 120 ? -12.164 -3.296  -8.071  1.00 85.66  ? 102 GLU A CD    1 
ATOM   793  O  OE1   . GLU A 1 120 ? -12.723 -2.286  -7.578  1.00 88.10  ? 102 GLU A OE1   1 
ATOM   794  O  OE2   . GLU A 1 120 ? -11.537 -3.260  -9.147  1.00 83.32  ? 102 GLU A OE2   1 
ATOM   795  N  N     . LEU A 1 121 ? -10.952 -6.555  -4.228  1.00 91.93  ? 103 LEU A N     1 
ATOM   796  C  CA    . LEU A 1 121 ? -9.754  -7.366  -4.190  1.00 94.72  ? 103 LEU A CA    1 
ATOM   797  C  C     . LEU A 1 121 ? -10.053 -8.839  -3.828  1.00 97.30  ? 103 LEU A C     1 
ATOM   798  O  O     . LEU A 1 121 ? -9.454  -9.761  -4.403  1.00 97.72  ? 103 LEU A O     1 
ATOM   799  C  CB    . LEU A 1 121 ? -8.738  -6.734  -3.236  1.00 94.43  ? 103 LEU A CB    1 
ATOM   800  C  CG    . LEU A 1 121 ? -7.246  -6.977  -3.457  1.00 93.55  ? 103 LEU A CG    1 
ATOM   801  C  CD1   . LEU A 1 121 ? -6.791  -6.563  -4.876  1.00 92.35  ? 103 LEU A CD1   1 
ATOM   802  C  CD2   . LEU A 1 121 ? -6.480  -6.223  -2.404  1.00 93.09  ? 103 LEU A CD2   1 
ATOM   803  N  N     . LYS A 1 122 ? -10.981 -9.050  -2.893  1.00 99.32  ? 104 LYS A N     1 
ATOM   804  C  CA    . LYS A 1 122 ? -11.399 -10.409 -2.511  1.00 102.33 ? 104 LYS A CA    1 
ATOM   805  C  C     . LYS A 1 122 ? -12.303 -11.065 -3.577  1.00 103.56 ? 104 LYS A C     1 
ATOM   806  O  O     . LYS A 1 122 ? -12.495 -12.286 -3.574  1.00 104.19 ? 104 LYS A O     1 
ATOM   807  C  CB    . LYS A 1 122 ? -12.074 -10.415 -1.127  1.00 102.20 ? 104 LYS A CB    1 
ATOM   808  C  CG    . LYS A 1 122 ? -11.088 -10.211 0.014   1.00 103.02 ? 104 LYS A CG    1 
ATOM   809  C  CD    . LYS A 1 122 ? -11.729 -10.328 1.392   1.00 103.62 ? 104 LYS A CD    1 
ATOM   810  C  CE    . LYS A 1 122 ? -10.639 -10.327 2.478   1.00 104.36 ? 104 LYS A CE    1 
ATOM   811  N  NZ    . LYS A 1 122 ? -11.174 -10.371 3.852   1.00 104.93 ? 104 LYS A NZ    1 
ATOM   812  N  N     . GLU A 1 123 ? -12.828 -10.249 -4.491  1.00 104.21 ? 105 GLU A N     1 
ATOM   813  C  CA    . GLU A 1 123 ? -13.712 -10.725 -5.545  1.00 104.39 ? 105 GLU A CA    1 
ATOM   814  C  C     . GLU A 1 123 ? -13.016 -10.939 -6.907  1.00 106.07 ? 105 GLU A C     1 
ATOM   815  O  O     . GLU A 1 123 ? -13.423 -11.811 -7.678  1.00 107.63 ? 105 GLU A O     1 
ATOM   816  C  CB    . GLU A 1 123 ? -14.913 -9.781  -5.700  1.00 103.33 ? 105 GLU A CB    1 
ATOM   817  N  N     . HIS A 1 124 ? -11.968 -10.160 -7.197  1.00 106.27 ? 106 HIS A N     1 
ATOM   818  C  CA    . HIS A 1 124 ? -11.311 -10.218 -8.524  1.00 106.09 ? 106 HIS A CA    1 
ATOM   819  C  C     . HIS A 1 124 ? -9.784  -10.501 -8.516  1.00 105.98 ? 106 HIS A C     1 
ATOM   820  O  O     . HIS A 1 124 ? -9.145  -10.526 -9.576  1.00 106.28 ? 106 HIS A O     1 
ATOM   821  C  CB    . HIS A 1 124 ? -11.602 -8.929  -9.309  1.00 108.02 ? 106 HIS A CB    1 
ATOM   822  C  CG    . HIS A 1 124 ? -13.063 -8.678  -9.566  1.00 109.86 ? 106 HIS A CG    1 
ATOM   823  N  ND1   . HIS A 1 124 ? -13.950 -8.335  -8.565  1.00 110.32 ? 106 HIS A ND1   1 
ATOM   824  C  CD2   . HIS A 1 124 ? -13.780 -8.683  -10.715 1.00 110.27 ? 106 HIS A CD2   1 
ATOM   825  C  CE1   . HIS A 1 124 ? -15.152 -8.159  -9.084  1.00 110.41 ? 106 HIS A CE1   1 
ATOM   826  N  NE2   . HIS A 1 124 ? -15.076 -8.362  -10.388 1.00 110.39 ? 106 HIS A NE2   1 
ATOM   827  N  N     . GLY A 1 125 ? -9.208  -10.714 -7.336  1.00 105.55 ? 107 GLY A N     1 
ATOM   828  C  CA    . GLY A 1 125 ? -7.772  -10.977 -7.230  1.00 105.24 ? 107 GLY A CA    1 
ATOM   829  C  C     . GLY A 1 125 ? -7.449  -12.355 -6.691  1.00 105.50 ? 107 GLY A C     1 
ATOM   830  O  O     . GLY A 1 125 ? -8.308  -12.995 -6.103  1.00 105.11 ? 107 GLY A O     1 
ATOM   831  N  N     . PRO A 1 126 ? -6.200  -12.820 -6.903  1.00 106.83 ? 108 PRO A N     1 
ATOM   832  C  CA    . PRO A 1 126 ? -5.663  -14.110 -6.435  1.00 109.07 ? 108 PRO A CA    1 
ATOM   833  C  C     . PRO A 1 126 ? -6.258  -14.592 -5.103  1.00 110.44 ? 108 PRO A C     1 
ATOM   834  O  O     . PRO A 1 126 ? -6.265  -13.835 -4.121  1.00 111.30 ? 108 PRO A O     1 
ATOM   835  C  CB    . PRO A 1 126 ? -4.165  -13.820 -6.258  1.00 109.48 ? 108 PRO A CB    1 
ATOM   836  C  CG    . PRO A 1 126 ? -3.884  -12.570 -7.128  1.00 109.16 ? 108 PRO A CG    1 
ATOM   837  C  CD    . PRO A 1 126 ? -5.195  -12.077 -7.684  1.00 108.32 ? 108 PRO A CD    1 
ATOM   838  N  N     . GLU A 1 127 ? -6.738  -15.843 -5.083  1.00 111.19 ? 109 GLU A N     1 
ATOM   839  C  CA    . GLU A 1 127 ? -7.375  -16.455 -3.883  1.00 110.97 ? 109 GLU A CA    1 
ATOM   840  C  C     . GLU A 1 127 ? -6.531  -16.289 -2.622  1.00 110.77 ? 109 GLU A C     1 
ATOM   841  O  O     . GLU A 1 127 ? -7.060  -16.009 -1.536  1.00 110.94 ? 109 GLU A O     1 
ATOM   842  C  CB    . GLU A 1 127 ? -7.691  -17.943 -4.123  1.00 110.35 ? 109 GLU A CB    1 
ATOM   843  N  N     . ASN A 1 128 ? -5.220  -16.467 -2.775  1.00 109.62 ? 110 ASN A N     1 
ATOM   844  C  CA    . ASN A 1 128 ? -4.285  -16.264 -1.692  1.00 107.94 ? 110 ASN A CA    1 
ATOM   845  C  C     . ASN A 1 128 ? -3.413  -15.028 -1.975  1.00 106.47 ? 110 ASN A C     1 
ATOM   846  O  O     . ASN A 1 128 ? -2.268  -15.153 -2.435  1.00 106.60 ? 110 ASN A O     1 
ATOM   847  C  CB    . ASN A 1 128 ? -3.429  -17.523 -1.474  1.00 107.84 ? 110 ASN A CB    1 
ATOM   848  N  N     . ILE A 1 129 ? -3.977  -13.835 -1.736  1.00 103.20 ? 111 ILE A N     1 
ATOM   849  C  CA    . ILE A 1 129 ? -3.227  -12.572 -1.898  1.00 98.70  ? 111 ILE A CA    1 
ATOM   850  C  C     . ILE A 1 129 ? -2.961  -11.948 -0.547  1.00 97.13  ? 111 ILE A C     1 
ATOM   851  O  O     . ILE A 1 129 ? -3.861  -11.879 0.300   1.00 96.80  ? 111 ILE A O     1 
ATOM   852  C  CB    . ILE A 1 129 ? -3.947  -11.539 -2.821  1.00 98.00  ? 111 ILE A CB    1 
ATOM   853  C  CG1   . ILE A 1 129 ? -2.983  -10.394 -3.183  1.00 96.96  ? 111 ILE A CG1   1 
ATOM   854  C  CG2   . ILE A 1 129 ? -5.244  -11.018 -2.171  1.00 96.97  ? 111 ILE A CG2   1 
ATOM   855  C  CD1   . ILE A 1 129 ? -3.400  -9.557  -4.374  1.00 96.61  ? 111 ILE A CD1   1 
ATOM   856  N  N     . VAL A 1 130 ? -1.725  -11.498 -0.341  1.00 94.72  ? 112 VAL A N     1 
ATOM   857  C  CA    . VAL A 1 130 ? -1.352  -10.865 0.923   1.00 93.57  ? 112 VAL A CA    1 
ATOM   858  C  C     . VAL A 1 130 ? -1.874  -9.425  0.979   1.00 90.99  ? 112 VAL A C     1 
ATOM   859  O  O     . VAL A 1 130 ? -1.609  -8.617  0.100   1.00 90.10  ? 112 VAL A O     1 
ATOM   860  C  CB    . VAL A 1 130 ? 0.165   -10.917 1.177   1.00 94.77  ? 112 VAL A CB    1 
ATOM   861  C  CG1   . VAL A 1 130 ? 0.502   -10.297 2.524   1.00 94.31  ? 112 VAL A CG1   1 
ATOM   862  C  CG2   . VAL A 1 130 ? 0.665   -12.362 1.120   1.00 95.85  ? 112 VAL A CG2   1 
ATOM   863  N  N     . MET A 1 131 ? -2.624  -9.141  2.032   1.00 89.25  ? 113 MET A N     1 
ATOM   864  C  CA    . MET A 1 131 ? -3.255  -7.860  2.254   1.00 87.27  ? 113 MET A CA    1 
ATOM   865  C  C     . MET A 1 131 ? -2.477  -7.082  3.288   1.00 85.29  ? 113 MET A C     1 
ATOM   866  O  O     . MET A 1 131 ? -2.253  -7.575  4.401   1.00 86.27  ? 113 MET A O     1 
ATOM   867  C  CB    . MET A 1 131 ? -4.646  -8.093  2.814   1.00 89.09  ? 113 MET A CB    1 
ATOM   868  C  CG    . MET A 1 131 ? -5.525  -8.935  1.960   1.00 90.66  ? 113 MET A CG    1 
ATOM   869  S  SD    . MET A 1 131 ? -6.437  -7.906  0.840   1.00 92.38  ? 113 MET A SD    1 
ATOM   870  C  CE    . MET A 1 131 ? -7.674  -7.236  1.963   1.00 91.48  ? 113 MET A CE    1 
ATOM   871  N  N     . ALA A 1 132 ? -2.064  -5.867  2.929   1.00 82.00  ? 114 ALA A N     1 
ATOM   872  C  CA    . ALA A 1 132 ? -1.370  -4.959  3.861   1.00 76.44  ? 114 ALA A CA    1 
ATOM   873  C  C     . ALA A 1 132 ? -2.008  -3.584  3.782   1.00 73.71  ? 114 ALA A C     1 
ATOM   874  O  O     . ALA A 1 132 ? -2.206  -3.041  2.692   1.00 74.26  ? 114 ALA A O     1 
ATOM   875  C  CB    . ALA A 1 132 ? 0.120   -4.881  3.548   1.00 74.23  ? 114 ALA A CB    1 
ATOM   876  N  N     . ILE A 1 133 ? -2.351  -3.030  4.937   1.00 70.79  ? 115 ILE A N     1 
ATOM   877  C  CA    . ILE A 1 133 ? -2.936  -1.703  4.986   1.00 66.13  ? 115 ILE A CA    1 
ATOM   878  C  C     . ILE A 1 133 ? -1.917  -0.714  5.511   1.00 64.09  ? 115 ILE A C     1 
ATOM   879  O  O     . ILE A 1 133 ? -1.232  -0.987  6.509   1.00 64.19  ? 115 ILE A O     1 
ATOM   880  C  CB    . ILE A 1 133 ? -4.174  -1.660  5.872   1.00 66.22  ? 115 ILE A CB    1 
ATOM   881  C  CG1   . ILE A 1 133 ? -5.169  -2.737  5.456   1.00 66.53  ? 115 ILE A CG1   1 
ATOM   882  C  CG2   . ILE A 1 133 ? -4.828  -0.282  5.805   1.00 67.69  ? 115 ILE A CG2   1 
ATOM   883  C  CD1   . ILE A 1 133 ? -6.458  -2.727  6.269   1.00 67.78  ? 115 ILE A CD1   1 
ATOM   884  N  N     . ALA A 1 134 ? -1.802  0.429   4.835   1.00 59.88  ? 116 ALA A N     1 
ATOM   885  C  CA    . ALA A 1 134 ? -0.923  1.478   5.299   1.00 56.35  ? 116 ALA A CA    1 
ATOM   886  C  C     . ALA A 1 134 ? -1.763  2.698   5.653   1.00 54.82  ? 116 ALA A C     1 
ATOM   887  O  O     . ALA A 1 134 ? -2.520  3.198   4.825   1.00 55.54  ? 116 ALA A O     1 
ATOM   888  C  CB    . ALA A 1 134 ? 0.153   1.808   4.245   1.00 54.92  ? 116 ALA A CB    1 
ATOM   889  N  N     . GLY A 1 135 ? -1.668  3.135   6.907   1.00 53.96  ? 117 GLY A N     1 
ATOM   890  C  CA    . GLY A 1 135 ? -2.352  4.330   7.363   1.00 53.64  ? 117 GLY A CA    1 
ATOM   891  C  C     . GLY A 1 135 ? -1.389  5.459   7.176   1.00 55.50  ? 117 GLY A C     1 
ATOM   892  O  O     . GLY A 1 135 ? -0.699  5.856   8.114   1.00 58.15  ? 117 GLY A O     1 
ATOM   893  N  N     . ASN A 1 136 ? -1.320  5.966   5.954   1.00 55.23  ? 118 ASN A N     1 
ATOM   894  C  CA    . ASN A 1 136 ? -0.314  6.969   5.592   1.00 55.37  ? 118 ASN A CA    1 
ATOM   895  C  C     . ASN A 1 136 ? -0.523  8.352   6.213   1.00 55.38  ? 118 ASN A C     1 
ATOM   896  O  O     . ASN A 1 136 ? -1.628  8.664   6.690   1.00 56.49  ? 118 ASN A O     1 
ATOM   897  C  CB    . ASN A 1 136 ? -0.229  7.090   4.076   1.00 54.49  ? 118 ASN A CB    1 
ATOM   898  C  CG    . ASN A 1 136 ? 1.054   7.717   3.628   1.00 55.74  ? 118 ASN A CG    1 
ATOM   899  O  OD1   . ASN A 1 136 ? 2.120   7.469   4.206   1.00 54.39  ? 118 ASN A OD1   1 
ATOM   900  N  ND2   . ASN A 1 136 ? 0.976   8.538   2.592   1.00 57.55  ? 118 ASN A ND2   1 
ATOM   901  N  N     . LYS A 1 137 ? 0.545   9.173   6.191   1.00 54.46  ? 119 LYS A N     1 
ATOM   902  C  CA    . LYS A 1 137 ? 0.556   10.570  6.716   1.00 52.43  ? 119 LYS A CA    1 
ATOM   903  C  C     . LYS A 1 137 ? 0.454   10.633  8.250   1.00 55.18  ? 119 LYS A C     1 
ATOM   904  O  O     . LYS A 1 137 ? -0.128  11.577  8.820   1.00 55.33  ? 119 LYS A O     1 
ATOM   905  C  CB    . LYS A 1 137 ? -0.550  11.421  6.074   1.00 51.71  ? 119 LYS A CB    1 
ATOM   906  C  CG    . LYS A 1 137 ? -0.513  11.453  4.554   1.00 53.97  ? 119 LYS A CG    1 
ATOM   907  C  CD    . LYS A 1 137 ? -1.443  12.500  3.997   1.00 52.01  ? 119 LYS A CD    1 
ATOM   908  C  CE    . LYS A 1 137 ? -1.613  12.320  2.522   1.00 52.76  ? 119 LYS A CE    1 
ATOM   909  N  NZ    . LYS A 1 137 ? -2.665  13.202  1.972   1.00 53.20  ? 119 LYS A NZ    1 
ATOM   910  N  N     . CYS A 1 138 ? 1.042   9.650   8.924   1.00 56.06  ? 120 CYS A N     1 
ATOM   911  C  CA    . CYS A 1 138 ? 0.933   9.589   10.366  1.00 57.50  ? 120 CYS A CA    1 
ATOM   912  C  C     . CYS A 1 138 ? 1.644   10.757  11.044  1.00 56.54  ? 120 CYS A C     1 
ATOM   913  O  O     . CYS A 1 138 ? 1.456   10.991  12.216  1.00 60.13  ? 120 CYS A O     1 
ATOM   914  C  CB    . CYS A 1 138 ? 1.392   8.230   10.910  1.00 57.40  ? 120 CYS A CB    1 
ATOM   915  S  SG    . CYS A 1 138 ? 3.138   7.951   10.820  1.00 61.56  ? 120 CYS A SG    1 
ATOM   916  N  N     . ASP A 1 139 ? 2.428   11.504  10.285  1.00 56.10  ? 121 ASP A N     1 
ATOM   917  C  CA    . ASP A 1 139 ? 3.088   12.708  10.798  1.00 58.13  ? 121 ASP A CA    1 
ATOM   918  C  C     . ASP A 1 139 ? 2.076   13.874  10.953  1.00 61.81  ? 121 ASP A C     1 
ATOM   919  O  O     . ASP A 1 139 ? 2.357   14.875  11.636  1.00 62.22  ? 121 ASP A O     1 
ATOM   920  C  CB    . ASP A 1 139 ? 4.239   13.125  9.877   1.00 56.02  ? 121 ASP A CB    1 
ATOM   921  C  CG    . ASP A 1 139 ? 3.801   13.295  8.430   1.00 54.77  ? 121 ASP A CG    1 
ATOM   922  O  OD1   . ASP A 1 139 ? 3.605   12.284  7.721   1.00 54.61  ? 121 ASP A OD1   1 
ATOM   923  O  OD2   . ASP A 1 139 ? 3.670   14.444  7.992   1.00 56.40  ? 121 ASP A OD2   1 
ATOM   924  N  N     . LEU A 1 140 ? 0.907   13.737  10.306  1.00 62.88  ? 122 LEU A N     1 
ATOM   925  C  CA    . LEU A 1 140 ? -0.170  14.724  10.415  1.00 61.76  ? 122 LEU A CA    1 
ATOM   926  C  C     . LEU A 1 140 ? -1.170  14.272  11.490  1.00 62.47  ? 122 LEU A C     1 
ATOM   927  O  O     . LEU A 1 140 ? -2.402  14.338  11.300  1.00 64.00  ? 122 LEU A O     1 
ATOM   928  C  CB    . LEU A 1 140 ? -0.870  14.920  9.056   1.00 60.30  ? 122 LEU A CB    1 
ATOM   929  C  CG    . LEU A 1 140 ? -0.052  15.283  7.795   1.00 61.12  ? 122 LEU A CG    1 
ATOM   930  C  CD1   . LEU A 1 140 ? -0.979  15.441  6.602   1.00 60.22  ? 122 LEU A CD1   1 
ATOM   931  C  CD2   . LEU A 1 140 ? 0.807   16.551  7.966   1.00 59.23  ? 122 LEU A CD2   1 
ATOM   932  N  N     . SER A 1 141 ? -0.640  13.822  12.622  1.00 62.65  ? 123 SER A N     1 
ATOM   933  C  CA    . SER A 1 141 ? -1.483  13.259  13.684  1.00 64.25  ? 123 SER A CA    1 
ATOM   934  C  C     . SER A 1 141 ? -2.375  14.292  14.355  1.00 62.24  ? 123 SER A C     1 
ATOM   935  O  O     . SER A 1 141 ? -3.472  13.960  14.803  1.00 60.64  ? 123 SER A O     1 
ATOM   936  C  CB    . SER A 1 141 ? -0.655  12.494  14.717  1.00 64.15  ? 123 SER A CB    1 
ATOM   937  O  OG    . SER A 1 141 ? 0.174   13.374  15.435  1.00 69.26  ? 123 SER A OG    1 
ATOM   938  N  N     . ASP A 1 142 ? -1.925  15.548  14.395  1.00 61.87  ? 124 ASP A N     1 
ATOM   939  C  CA    . ASP A 1 142 ? -2.763  16.614  14.979  1.00 62.00  ? 124 ASP A CA    1 
ATOM   940  C  C     . ASP A 1 142 ? -4.045  16.896  14.182  1.00 59.13  ? 124 ASP A C     1 
ATOM   941  O  O     . ASP A 1 142 ? -4.864  17.712  14.593  1.00 59.50  ? 124 ASP A O     1 
ATOM   942  C  CB    . ASP A 1 142 ? -1.969  17.902  15.275  1.00 64.78  ? 124 ASP A CB    1 
ATOM   943  C  CG    . ASP A 1 142 ? -1.348  18.507  14.059  1.00 67.02  ? 124 ASP A CG    1 
ATOM   944  O  OD1   . ASP A 1 142 ? -1.053  17.774  13.093  1.00 70.56  ? 124 ASP A OD1   1 
ATOM   945  O  OD2   . ASP A 1 142 ? -1.129  19.735  14.075  1.00 67.44  ? 124 ASP A OD2   1 
ATOM   946  N  N     . ILE A 1 143 ? -4.209  16.215  13.043  1.00 56.33  ? 125 ILE A N     1 
ATOM   947  C  CA    . ILE A 1 143 ? -5.462  16.275  12.297  1.00 50.39  ? 125 ILE A CA    1 
ATOM   948  C  C     . ILE A 1 143 ? -5.965  14.890  11.970  1.00 50.69  ? 125 ILE A C     1 
ATOM   949  O  O     . ILE A 1 143 ? -6.784  14.723  11.062  1.00 50.83  ? 125 ILE A O     1 
ATOM   950  C  CB    . ILE A 1 143 ? -5.418  17.187  11.033  1.00 49.00  ? 125 ILE A CB    1 
ATOM   951  C  CG1   . ILE A 1 143 ? -4.246  16.827  10.113  1.00 48.64  ? 125 ILE A CG1   1 
ATOM   952  C  CG2   . ILE A 1 143 ? -5.393  18.667  11.448  1.00 48.40  ? 125 ILE A CG2   1 
ATOM   953  C  CD1   . ILE A 1 143 ? -4.148  17.744  8.833   1.00 46.68  ? 125 ILE A CD1   1 
ATOM   954  N  N     . ARG A 1 144 ? -5.483  13.893  12.717  1.00 49.89  ? 126 ARG A N     1 
ATOM   955  C  CA    . ARG A 1 144 ? -6.000  12.524  12.590  1.00 52.03  ? 126 ARG A CA    1 
ATOM   956  C  C     . ARG A 1 144 ? -7.546  12.462  12.548  1.00 52.01  ? 126 ARG A C     1 
ATOM   957  O  O     . ARG A 1 144 ? -8.216  13.158  13.303  1.00 51.84  ? 126 ARG A O     1 
ATOM   958  C  CB    . ARG A 1 144 ? -5.520  11.661  13.771  1.00 52.81  ? 126 ARG A CB    1 
ATOM   959  C  CG    . ARG A 1 144 ? -6.184  10.222  13.808  1.00 53.42  ? 126 ARG A CG    1 
ATOM   960  C  CD    . ARG A 1 144 ? -5.716  9.415   14.970  1.00 52.13  ? 126 ARG A CD    1 
ATOM   961  N  NE    . ARG A 1 144 ? -4.257  9.261   14.987  1.00 51.54  ? 126 ARG A NE    1 
ATOM   962  C  CZ    . ARG A 1 144 ? -3.600  8.237   14.441  1.00 50.63  ? 126 ARG A CZ    1 
ATOM   963  N  NH1   . ARG A 1 144 ? -4.265  7.275   13.815  1.00 51.81  ? 126 ARG A NH1   1 
ATOM   964  N  NH2   . ARG A 1 144 ? -2.275  8.174   14.515  1.00 46.58  ? 126 ARG A NH2   1 
ATOM   965  N  N     . GLU A 1 145 ? -8.092  11.622  11.670  1.00 54.05  ? 127 GLU A N     1 
ATOM   966  C  CA    . GLU A 1 145 ? -9.545  11.366  11.622  1.00 54.28  ? 127 GLU A CA    1 
ATOM   967  C  C     . GLU A 1 145 ? -9.864  9.896   11.746  1.00 59.10  ? 127 GLU A C     1 
ATOM   968  O  O     . GLU A 1 145 ? -11.030 9.536   11.941  1.00 62.21  ? 127 GLU A O     1 
ATOM   969  C  CB    . GLU A 1 145 ? -10.174 11.918  10.365  1.00 54.09  ? 127 GLU A CB    1 
ATOM   970  C  CG    . GLU A 1 145 ? -10.325 13.400  10.431  1.00 57.08  ? 127 GLU A CG    1 
ATOM   971  C  CD    . GLU A 1 145 ? -11.041 14.013  9.251   1.00 57.83  ? 127 GLU A CD    1 
ATOM   972  O  OE1   . GLU A 1 145 ? -11.534 13.280  8.355   1.00 56.89  ? 127 GLU A OE1   1 
ATOM   973  O  OE2   . GLU A 1 145 ? -11.110 15.267  9.232   1.00 60.67  ? 127 GLU A OE2   1 
ATOM   974  N  N     . VAL A 1 146 ? -8.827  9.049   11.649  1.00 60.14  ? 128 VAL A N     1 
ATOM   975  C  CA    . VAL A 1 146 ? -8.977  7.594   11.744  1.00 60.70  ? 128 VAL A CA    1 
ATOM   976  C  C     . VAL A 1 146 ? -8.112  7.026   12.875  1.00 63.72  ? 128 VAL A C     1 
ATOM   977  O  O     . VAL A 1 146 ? -6.892  6.882   12.724  1.00 63.03  ? 128 VAL A O     1 
ATOM   978  C  CB    . VAL A 1 146 ? -8.594  6.884   10.415  1.00 59.45  ? 128 VAL A CB    1 
ATOM   979  C  CG1   . VAL A 1 146 ? -8.755  5.351   10.546  1.00 58.91  ? 128 VAL A CG1   1 
ATOM   980  C  CG2   . VAL A 1 146 ? -9.418  7.410   9.265   1.00 58.62  ? 128 VAL A CG2   1 
ATOM   981  N  N     . PRO A 1 147 ? -8.735  6.699   14.017  1.00 66.54  ? 129 PRO A N     1 
ATOM   982  C  CA    . PRO A 1 147 ? -7.979  6.126   15.149  1.00 66.44  ? 129 PRO A CA    1 
ATOM   983  C  C     . PRO A 1 147 ? -7.299  4.813   14.766  1.00 67.67  ? 129 PRO A C     1 
ATOM   984  O  O     . PRO A 1 147 ? -7.847  4.035   13.974  1.00 68.49  ? 129 PRO A O     1 
ATOM   985  C  CB    . PRO A 1 147 ? -9.059  5.879   16.197  1.00 66.17  ? 129 PRO A CB    1 
ATOM   986  C  CG    . PRO A 1 147 ? -10.178 6.822   15.816  1.00 66.73  ? 129 PRO A CG    1 
ATOM   987  C  CD    . PRO A 1 147 ? -10.169 6.858   14.333  1.00 66.70  ? 129 PRO A CD    1 
ATOM   988  N  N     . LEU A 1 148 ? -6.113  4.579   15.318  1.00 69.73  ? 130 LEU A N     1 
ATOM   989  C  CA    . LEU A 1 148 ? -5.348  3.376   15.025  1.00 71.96  ? 130 LEU A CA    1 
ATOM   990  C  C     . LEU A 1 148 ? -6.114  2.089   15.371  1.00 75.34  ? 130 LEU A C     1 
ATOM   991  O  O     . LEU A 1 148 ? -6.090  1.127   14.582  1.00 76.71  ? 130 LEU A O     1 
ATOM   992  C  CB    . LEU A 1 148 ? -3.976  3.416   15.724  1.00 71.78  ? 130 LEU A CB    1 
ATOM   993  C  CG    . LEU A 1 148 ? -3.027  2.192   15.650  1.00 71.50  ? 130 LEU A CG    1 
ATOM   994  C  CD1   . LEU A 1 148 ? -2.718  1.741   14.211  1.00 70.82  ? 130 LEU A CD1   1 
ATOM   995  C  CD2   . LEU A 1 148 ? -1.725  2.469   16.418  1.00 72.66  ? 130 LEU A CD2   1 
ATOM   996  N  N     . LYS A 1 149 ? -6.795  2.090   16.534  1.00 77.45  ? 131 LYS A N     1 
ATOM   997  C  CA    . LYS A 1 149 ? -7.620  0.947   17.021  1.00 78.07  ? 131 LYS A CA    1 
ATOM   998  C  C     . LYS A 1 149 ? -8.719  0.512   16.018  1.00 79.79  ? 131 LYS A C     1 
ATOM   999  O  O     . LYS A 1 149 ? -8.980  -0.685  15.875  1.00 81.33  ? 131 LYS A O     1 
ATOM   1000 C  CB    . LYS A 1 149 ? -8.242  1.266   18.401  1.00 77.82  ? 131 LYS A CB    1 
ATOM   1001 C  CG    . LYS A 1 149 ? -8.811  0.053   19.159  1.00 76.67  ? 131 LYS A CG    1 
ATOM   1002 N  N     . ASP A 1 150 ? -9.355  1.482   15.340  1.00 80.39  ? 132 ASP A N     1 
ATOM   1003 C  CA    . ASP A 1 150 ? -10.367 1.182   14.303  1.00 81.54  ? 132 ASP A CA    1 
ATOM   1004 C  C     . ASP A 1 150 ? -9.759  0.507   13.085  1.00 83.98  ? 132 ASP A C     1 
ATOM   1005 O  O     . ASP A 1 150 ? -10.400 -0.348  12.453  1.00 86.63  ? 132 ASP A O     1 
ATOM   1006 C  CB    . ASP A 1 150 ? -11.087 2.442   13.846  1.00 80.94  ? 132 ASP A CB    1 
ATOM   1007 C  CG    . ASP A 1 150 ? -12.155 2.884   14.805  1.00 81.68  ? 132 ASP A CG    1 
ATOM   1008 O  OD1   . ASP A 1 150 ? -12.080 2.525   15.998  1.00 82.93  ? 132 ASP A OD1   1 
ATOM   1009 O  OD2   . ASP A 1 150 ? -13.077 3.606   14.367  1.00 80.82  ? 132 ASP A OD2   1 
ATOM   1010 N  N     . ALA A 1 151 ? -8.533  0.903   12.742  1.00 83.90  ? 133 ALA A N     1 
ATOM   1011 C  CA    . ALA A 1 151 ? -7.830  0.330   11.601  1.00 82.83  ? 133 ALA A CA    1 
ATOM   1012 C  C     . ALA A 1 151 ? -7.238  -1.030  11.958  1.00 82.25  ? 133 ALA A C     1 
ATOM   1013 O  O     . ALA A 1 151 ? -7.187  -1.919  11.116  1.00 80.41  ? 133 ALA A O     1 
ATOM   1014 C  CB    . ALA A 1 151 ? -6.760  1.268   11.117  1.00 83.63  ? 133 ALA A CB    1 
ATOM   1015 N  N     . LYS A 1 152 ? -6.787  -1.181  13.206  1.00 82.54  ? 134 LYS A N     1 
ATOM   1016 C  CA    . LYS A 1 152 ? -6.266  -2.464  13.690  1.00 84.49  ? 134 LYS A CA    1 
ATOM   1017 C  C     . LYS A 1 152 ? -7.323  -3.564  13.673  1.00 87.34  ? 134 LYS A C     1 
ATOM   1018 O  O     . LYS A 1 152 ? -7.035  -4.697  13.268  1.00 89.38  ? 134 LYS A O     1 
ATOM   1019 C  CB    . LYS A 1 152 ? -5.669  -2.345  15.089  1.00 81.83  ? 134 LYS A CB    1 
ATOM   1020 C  CG    . LYS A 1 152 ? -4.234  -1.946  15.084  1.00 81.84  ? 134 LYS A CG    1 
ATOM   1021 C  CD    . LYS A 1 152 ? -3.656  -1.949  16.473  1.00 82.52  ? 134 LYS A CD    1 
ATOM   1022 C  CE    . LYS A 1 152 ? -2.180  -1.636  16.422  1.00 84.06  ? 134 LYS A CE    1 
ATOM   1023 N  NZ    . LYS A 1 152 ? -1.610  -1.531  17.780  1.00 85.39  ? 134 LYS A NZ    1 
ATOM   1024 N  N     . GLU A 1 153 ? -8.538  -3.234  14.105  1.00 88.88  ? 135 GLU A N     1 
ATOM   1025 C  CA    . GLU A 1 153 ? -9.626  -4.205  14.124  1.00 92.28  ? 135 GLU A CA    1 
ATOM   1026 C  C     . GLU A 1 153 ? -10.019 -4.633  12.736  1.00 92.09  ? 135 GLU A C     1 
ATOM   1027 O  O     . GLU A 1 153 ? -10.171 -5.829  12.473  1.00 94.50  ? 135 GLU A O     1 
ATOM   1028 C  CB    . GLU A 1 153 ? -10.830 -3.651  14.851  1.00 95.85  ? 135 GLU A CB    1 
ATOM   1029 C  CG    . GLU A 1 153 ? -10.618 -3.551  16.344  1.00 99.63  ? 135 GLU A CG    1 
ATOM   1030 C  CD    . GLU A 1 153 ? -11.704 -2.770  17.027  1.00 101.36 ? 135 GLU A CD    1 
ATOM   1031 O  OE1   . GLU A 1 153 ? -12.693 -2.378  16.343  1.00 102.35 ? 135 GLU A OE1   1 
ATOM   1032 O  OE2   . GLU A 1 153 ? -11.569 -2.543  18.252  1.00 102.45 ? 135 GLU A OE2   1 
ATOM   1033 N  N     . TYR A 1 154 ? -10.170 -3.659  11.847  1.00 90.03  ? 136 TYR A N     1 
ATOM   1034 C  CA    . TYR A 1 154 ? -10.514 -3.941  10.478  1.00 89.12  ? 136 TYR A CA    1 
ATOM   1035 C  C     . TYR A 1 154 ? -9.485  -4.876  9.829   1.00 88.82  ? 136 TYR A C     1 
ATOM   1036 O  O     . TYR A 1 154 ? -9.844  -5.822  9.131   1.00 89.13  ? 136 TYR A O     1 
ATOM   1037 C  CB    . TYR A 1 154 ? -10.637 -2.650  9.689   1.00 90.50  ? 136 TYR A CB    1 
ATOM   1038 C  CG    . TYR A 1 154 ? -11.049 -2.872  8.265   1.00 91.16  ? 136 TYR A CG    1 
ATOM   1039 C  CD1   . TYR A 1 154 ? -12.360 -3.224  7.951   1.00 91.55  ? 136 TYR A CD1   1 
ATOM   1040 C  CD2   . TYR A 1 154 ? -10.133 -2.738  7.223   1.00 91.10  ? 136 TYR A CD2   1 
ATOM   1041 C  CE1   . TYR A 1 154 ? -12.752 -3.435  6.640   1.00 91.64  ? 136 TYR A CE1   1 
ATOM   1042 C  CE2   . TYR A 1 154 ? -10.519 -2.947  5.900   1.00 91.52  ? 136 TYR A CE2   1 
ATOM   1043 C  CZ    . TYR A 1 154 ? -11.833 -3.297  5.619   1.00 91.19  ? 136 TYR A CZ    1 
ATOM   1044 O  OH    . TYR A 1 154 ? -12.236 -3.506  4.323   1.00 91.76  ? 136 TYR A OH    1 
ATOM   1045 N  N     . ALA A 1 155 ? -8.211  -4.605  10.078  1.00 88.95  ? 137 ALA A N     1 
ATOM   1046 C  CA    . ALA A 1 155 ? -7.124  -5.402  9.527   1.00 89.90  ? 137 ALA A CA    1 
ATOM   1047 C  C     . ALA A 1 155 ? -7.188  -6.830  10.029  1.00 91.06  ? 137 ALA A C     1 
ATOM   1048 O  O     . ALA A 1 155 ? -6.938  -7.780  9.275   1.00 90.62  ? 137 ALA A O     1 
ATOM   1049 C  CB    . ALA A 1 155 ? -5.808  -4.795  9.891   1.00 89.66  ? 137 ALA A CB    1 
ATOM   1050 N  N     . GLU A 1 156 ? -7.511  -6.970  11.312  1.00 92.39  ? 138 GLU A N     1 
ATOM   1051 C  CA    . GLU A 1 156 ? -7.627  -8.268  11.943  1.00 94.60  ? 138 GLU A CA    1 
ATOM   1052 C  C     . GLU A 1 156 ? -8.853  -9.013  11.401  1.00 94.15  ? 138 GLU A C     1 
ATOM   1053 O  O     . GLU A 1 156 ? -8.794  -10.230 11.163  1.00 95.20  ? 138 GLU A O     1 
ATOM   1054 C  CB    . GLU A 1 156 ? -7.722  -8.112  13.447  1.00 97.03  ? 138 GLU A CB    1 
ATOM   1055 C  CG    . GLU A 1 156 ? -7.412  -9.373  14.210  1.00 100.87 ? 138 GLU A CG    1 
ATOM   1056 C  CD    . GLU A 1 156 ? -7.455  -9.165  15.713  1.00 103.78 ? 138 GLU A CD    1 
ATOM   1057 O  OE1   . GLU A 1 156 ? -8.005  -8.129  16.162  1.00 104.44 ? 138 GLU A OE1   1 
ATOM   1058 O  OE2   . GLU A 1 156 ? -6.943  -10.041 16.449  1.00 105.55 ? 138 GLU A OE2   1 
ATOM   1059 N  N     . SER A 1 157 ? -9.943  -8.271  11.174  1.00 90.96  ? 139 SER A N     1 
ATOM   1060 C  CA    . SER A 1 157 ? -11.183 -8.845  10.659  1.00 87.31  ? 139 SER A CA    1 
ATOM   1061 C  C     . SER A 1 157 ? -11.134 -9.152  9.152   1.00 87.17  ? 139 SER A C     1 
ATOM   1062 O  O     . SER A 1 157 ? -12.166 -9.466  8.553   1.00 89.30  ? 139 SER A O     1 
ATOM   1063 C  CB    . SER A 1 157 ? -12.359 -7.913  10.942  1.00 85.26  ? 139 SER A CB    1 
ATOM   1064 O  OG    . SER A 1 157 ? -12.564 -7.030  9.858   1.00 81.86  ? 139 SER A OG    1 
ATOM   1065 N  N     . ILE A 1 158 ? -9.960  -9.027  8.535   1.00 85.42  ? 140 ILE A N     1 
ATOM   1066 C  CA    . ILE A 1 158 ? -9.791  -9.350  7.097   1.00 83.22  ? 140 ILE A CA    1 
ATOM   1067 C  C     . ILE A 1 158 ? -8.465  -10.069 6.855   1.00 82.73  ? 140 ILE A C     1 
ATOM   1068 O  O     . ILE A 1 158 ? -8.045  -10.249 5.702   1.00 81.67  ? 140 ILE A O     1 
ATOM   1069 C  CB    . ILE A 1 158 ? -9.880  -8.087  6.157   1.00 83.06  ? 140 ILE A CB    1 
ATOM   1070 C  CG1   . ILE A 1 158 ? -8.744  -7.075  6.472   1.00 82.87  ? 140 ILE A CG1   1 
ATOM   1071 C  CG2   . ILE A 1 158 ? -11.291 -7.455  6.192   1.00 81.40  ? 140 ILE A CG2   1 
ATOM   1072 C  CD1   . ILE A 1 158 ? -8.504  -6.020  5.387   1.00 81.52  ? 140 ILE A CD1   1 
ATOM   1073 N  N     . GLY A 1 159 ? -7.810  -10.466 7.952   1.00 81.88  ? 141 GLY A N     1 
ATOM   1074 C  CA    . GLY A 1 159 ? -6.537  -11.182 7.894   1.00 82.50  ? 141 GLY A CA    1 
ATOM   1075 C  C     . GLY A 1 159 ? -5.466  -10.395 7.171   1.00 83.89  ? 141 GLY A C     1 
ATOM   1076 O  O     . GLY A 1 159 ? -4.742  -10.941 6.318   1.00 83.25  ? 141 GLY A O     1 
ATOM   1077 N  N     . ALA A 1 160 ? -5.387  -9.099  7.506   1.00 84.01  ? 142 ALA A N     1 
ATOM   1078 C  CA    . ALA A 1 160 ? -4.392  -8.180  6.944   1.00 81.53  ? 142 ALA A CA    1 
ATOM   1079 C  C     . ALA A 1 160 ? -3.567  -7.566  8.058   1.00 80.57  ? 142 ALA A C     1 
ATOM   1080 O  O     . ALA A 1 160 ? -3.987  -7.573  9.224   1.00 80.07  ? 142 ALA A O     1 
ATOM   1081 C  CB    . ALA A 1 160 ? -5.080  -7.093  6.157   1.00 81.92  ? 142 ALA A CB    1 
ATOM   1082 N  N     . ILE A 1 161 ? -2.375  -7.066  7.717   1.00 79.64  ? 143 ILE A N     1 
ATOM   1083 C  CA    . ILE A 1 161 ? -1.589  -6.290  8.686   1.00 78.94  ? 143 ILE A CA    1 
ATOM   1084 C  C     . ILE A 1 161 ? -1.879  -4.810  8.507   1.00 76.79  ? 143 ILE A C     1 
ATOM   1085 O  O     . ILE A 1 161 ? -2.362  -4.384  7.450   1.00 76.60  ? 143 ILE A O     1 
ATOM   1086 C  CB    . ILE A 1 161 ? -0.048  -6.517  8.597   1.00 79.51  ? 143 ILE A CB    1 
ATOM   1087 C  CG1   . ILE A 1 161 ? 0.488   -6.197  7.185   1.00 80.65  ? 143 ILE A CG1   1 
ATOM   1088 C  CG2   . ILE A 1 161 ? 0.323   -7.928  9.105   1.00 80.10  ? 143 ILE A CG2   1 
ATOM   1089 C  CD1   . ILE A 1 161 ? 2.004   -5.877  7.138   1.00 79.15  ? 143 ILE A CD1   1 
ATOM   1090 N  N     . VAL A 1 162 ? -1.604  -4.036  9.547   1.00 74.04  ? 144 VAL A N     1 
ATOM   1091 C  CA    . VAL A 1 162 ? -1.759  -2.610  9.485   1.00 72.29  ? 144 VAL A CA    1 
ATOM   1092 C  C     . VAL A 1 162 ? -0.590  -1.948  10.107  1.00 70.76  ? 144 VAL A C     1 
ATOM   1093 O  O     . VAL A 1 162 ? -0.156  -2.326  11.200  1.00 71.52  ? 144 VAL A O     1 
ATOM   1094 C  CB    . VAL A 1 162 ? -3.020  -2.123  10.206  1.00 73.45  ? 144 VAL A CB    1 
ATOM   1095 C  CG1   . VAL A 1 162 ? -2.884  -0.650  10.597  1.00 76.69  ? 144 VAL A CG1   1 
ATOM   1096 C  CG2   . VAL A 1 162 ? -4.190  -2.269  9.329   1.00 75.72  ? 144 VAL A CG2   1 
ATOM   1097 N  N     . VAL A 1 163 ? -0.064  -0.955  9.402   1.00 68.53  ? 145 VAL A N     1 
ATOM   1098 C  CA    . VAL A 1 163 ? 0.956   -0.079  9.952   1.00 64.66  ? 145 VAL A CA    1 
ATOM   1099 C  C     . VAL A 1 163 ? 0.616   1.328   9.569   1.00 63.78  ? 145 VAL A C     1 
ATOM   1100 O  O     . VAL A 1 163 ? 0.111   1.570   8.475   1.00 65.95  ? 145 VAL A O     1 
ATOM   1101 C  CB    . VAL A 1 163 ? 2.391   -0.450  9.514   1.00 62.95  ? 145 VAL A CB    1 
ATOM   1102 C  CG1   . VAL A 1 163 ? 2.872   -1.658  10.287  1.00 63.76  ? 145 VAL A CG1   1 
ATOM   1103 C  CG2   . VAL A 1 163 ? 2.457   -0.717  8.050   1.00 62.87  ? 145 VAL A CG2   1 
ATOM   1104 N  N     . GLU A 1 164 ? 0.828   2.258   10.498  1.00 61.85  ? 146 GLU A N     1 
ATOM   1105 C  CA    . GLU A 1 164 ? 0.675   3.674   10.206  1.00 58.55  ? 146 GLU A CA    1 
ATOM   1106 C  C     . GLU A 1 164 ? 2.022   4.113   9.656   1.00 55.95  ? 146 GLU A C     1 
ATOM   1107 O  O     . GLU A 1 164 ? 3.064   3.796   10.224  1.00 55.54  ? 146 GLU A O     1 
ATOM   1108 C  CB    . GLU A 1 164 ? 0.281   4.470   11.457  1.00 56.93  ? 146 GLU A CB    1 
ATOM   1109 C  CG    . GLU A 1 164 ? -1.149  4.226   11.905  1.00 59.19  ? 146 GLU A CG    1 
ATOM   1110 C  CD    . GLU A 1 164 ? -1.727  5.341   12.797  1.00 61.22  ? 146 GLU A CD    1 
ATOM   1111 O  OE1   . GLU A 1 164 ? -0.977  5.906   13.633  1.00 64.33  ? 146 GLU A OE1   1 
ATOM   1112 O  OE2   . GLU A 1 164 ? -2.937  5.641   12.664  1.00 59.12  ? 146 GLU A OE2   1 
ATOM   1113 N  N     . THR A 1 165 ? 2.017   4.809   8.535   1.00 53.92  ? 147 THR A N     1 
ATOM   1114 C  CA    . THR A 1 165 ? 3.286   5.198   7.911   1.00 51.77  ? 147 THR A CA    1 
ATOM   1115 C  C     . THR A 1 165 ? 3.379   6.677   7.681   1.00 52.16  ? 147 THR A C     1 
ATOM   1116 O  O     . THR A 1 165 ? 2.365   7.409   7.772   1.00 54.08  ? 147 THR A O     1 
ATOM   1117 C  CB    . THR A 1 165 ? 3.439   4.557   6.526   1.00 50.63  ? 147 THR A CB    1 
ATOM   1118 O  OG1   . THR A 1 165 ? 2.354   4.993   5.694   1.00 51.70  ? 147 THR A OG1   1 
ATOM   1119 C  CG2   . THR A 1 165 ? 3.458   3.004   6.602   1.00 48.42  ? 147 THR A CG2   1 
ATOM   1120 N  N     . SER A 1 166 ? 4.595   7.123   7.391   1.00 51.87  ? 148 SER A N     1 
ATOM   1121 C  CA    . SER A 1 166 ? 4.847   8.475   6.893   1.00 54.88  ? 148 SER A CA    1 
ATOM   1122 C  C     . SER A 1 166 ? 5.977   8.412   5.887   1.00 56.01  ? 148 SER A C     1 
ATOM   1123 O  O     . SER A 1 166 ? 7.158   8.217   6.269   1.00 56.98  ? 148 SER A O     1 
ATOM   1124 C  CB    . SER A 1 166 ? 5.230   9.453   8.006   1.00 56.56  ? 148 SER A CB    1 
ATOM   1125 O  OG    . SER A 1 166 ? 5.715   10.678  7.432   1.00 55.70  ? 148 SER A OG    1 
ATOM   1126 N  N     . ALA A 1 167 ? 5.631   8.557   4.609   1.00 54.37  ? 149 ALA A N     1 
ATOM   1127 C  CA    . ALA A 1 167 ? 6.637   8.625   3.537   1.00 53.55  ? 149 ALA A CA    1 
ATOM   1128 C  C     . ALA A 1 167 ? 7.519   9.846   3.769   1.00 55.21  ? 149 ALA A C     1 
ATOM   1129 O  O     . ALA A 1 167 ? 8.729   9.821   3.505   1.00 55.53  ? 149 ALA A O     1 
ATOM   1130 C  CB    . ALA A 1 167 ? 5.975   8.702   2.187   1.00 50.18  ? 149 ALA A CB    1 
ATOM   1131 N  N     . LYS A 1 168 ? 6.904   10.896  4.309   1.00 58.29  ? 150 LYS A N     1 
ATOM   1132 C  CA    . LYS A 1 168 ? 7.582   12.157  4.615   1.00 61.17  ? 150 LYS A CA    1 
ATOM   1133 C  C     . LYS A 1 168 ? 8.723   12.004  5.621   1.00 61.18  ? 150 LYS A C     1 
ATOM   1134 O  O     . LYS A 1 168 ? 9.840   12.454  5.363   1.00 62.35  ? 150 LYS A O     1 
ATOM   1135 C  CB    . LYS A 1 168 ? 6.583   13.178  5.147   1.00 60.23  ? 150 LYS A CB    1 
ATOM   1136 C  CG    . LYS A 1 168 ? 7.156   14.512  5.200   1.00 61.01  ? 150 LYS A CG    1 
ATOM   1137 C  CD    . LYS A 1 168 ? 6.283   15.498  5.911   1.00 62.84  ? 150 LYS A CD    1 
ATOM   1138 C  CE    . LYS A 1 168 ? 6.806   16.907  5.625   1.00 61.23  ? 150 LYS A CE    1 
ATOM   1139 N  NZ    . LYS A 1 168 ? 6.591   17.770  6.768   1.00 63.24  ? 150 LYS A NZ    1 
ATOM   1140 N  N     . ASN A 1 169 ? 8.420   11.383  6.764   1.00 59.95  ? 151 ASN A N     1 
ATOM   1141 C  CA    . ASN A 1 169 ? 9.395   11.196  7.839   1.00 59.53  ? 151 ASN A CA    1 
ATOM   1142 C  C     . ASN A 1 169 ? 10.030  9.808   7.862   1.00 61.47  ? 151 ASN A C     1 
ATOM   1143 O  O     . ASN A 1 169 ? 10.764  9.482   8.808   1.00 63.58  ? 151 ASN A O     1 
ATOM   1144 C  CB    . ASN A 1 169 ? 8.758   11.476  9.215   1.00 58.13  ? 151 ASN A CB    1 
ATOM   1145 C  CG    . ASN A 1 169 ? 8.382   12.965  9.419   1.00 56.88  ? 151 ASN A CG    1 
ATOM   1146 O  OD1   . ASN A 1 169 ? 8.678   13.810  8.591   1.00 55.62  ? 151 ASN A OD1   1 
ATOM   1147 N  ND2   . ASN A 1 169 ? 7.719   13.263  10.541  1.00 55.41  ? 151 ASN A ND2   1 
ATOM   1148 N  N     . ALA A 1 170 ? 9.747   8.991   6.831   1.00 59.81  ? 152 ALA A N     1 
ATOM   1149 C  CA    . ALA A 1 170 ? 10.271  7.613   6.731   1.00 55.87  ? 152 ALA A CA    1 
ATOM   1150 C  C     . ALA A 1 170 ? 9.967   6.799   7.985   1.00 57.06  ? 152 ALA A C     1 
ATOM   1151 O  O     . ALA A 1 170 ? 10.873  6.323   8.653   1.00 58.75  ? 152 ALA A O     1 
ATOM   1152 C  CB    . ALA A 1 170 ? 11.768  7.606   6.422   1.00 53.18  ? 152 ALA A CB    1 
ATOM   1153 N  N     . ILE A 1 171 ? 8.680   6.669   8.305   1.00 57.68  ? 153 ILE A N     1 
ATOM   1154 C  CA    . ILE A 1 171 ? 8.237   5.887   9.442   1.00 56.78  ? 153 ILE A CA    1 
ATOM   1155 C  C     . ILE A 1 171 ? 7.484   4.669   8.915   1.00 59.11  ? 153 ILE A C     1 
ATOM   1156 O  O     . ILE A 1 171 ? 6.508   4.807   8.191   1.00 58.07  ? 153 ILE A O     1 
ATOM   1157 C  CB    . ILE A 1 171 ? 7.326   6.720   10.408  1.00 56.53  ? 153 ILE A CB    1 
ATOM   1158 C  CG1   . ILE A 1 171 ? 8.109   7.927   10.988  1.00 56.87  ? 153 ILE A CG1   1 
ATOM   1159 C  CG2   . ILE A 1 171 ? 6.727   5.822   11.517  1.00 52.78  ? 153 ILE A CG2   1 
ATOM   1160 C  CD1   . ILE A 1 171 ? 7.254   8.955   11.763  1.00 56.50  ? 153 ILE A CD1   1 
ATOM   1161 N  N     . ASN A 1 172 ? 7.984   3.480   9.263   1.00 61.94  ? 154 ASN A N     1 
ATOM   1162 C  CA    . ASN A 1 172 ? 7.361   2.201   8.908   1.00 62.79  ? 154 ASN A CA    1 
ATOM   1163 C  C     . ASN A 1 172 ? 7.191   1.888   7.429   1.00 65.55  ? 154 ASN A C     1 
ATOM   1164 O  O     . ASN A 1 172 ? 6.338   1.065   7.067   1.00 68.85  ? 154 ASN A O     1 
ATOM   1165 C  CB    . ASN A 1 172 ? 6.019   2.031   9.638   1.00 64.10  ? 154 ASN A CB    1 
ATOM   1166 C  CG    . ASN A 1 172 ? 6.195   1.732   11.120  1.00 63.91  ? 154 ASN A CG    1 
ATOM   1167 O  OD1   . ASN A 1 172 ? 7.257   1.249   11.563  1.00 63.16  ? 154 ASN A OD1   1 
ATOM   1168 N  ND2   . ASN A 1 172 ? 5.155   2.003   11.893  1.00 62.16  ? 154 ASN A ND2   1 
ATOM   1169 N  N     . ILE A 1 173 ? 7.985   2.525   6.570   1.00 65.82  ? 155 ILE A N     1 
ATOM   1170 C  CA    . ILE A 1 173 ? 7.926   2.211   5.155   1.00 64.80  ? 155 ILE A CA    1 
ATOM   1171 C  C     . ILE A 1 173 ? 8.609   0.852   4.930   1.00 66.96  ? 155 ILE A C     1 
ATOM   1172 O  O     . ILE A 1 173 ? 8.013   -0.070  4.339   1.00 68.05  ? 155 ILE A O     1 
ATOM   1173 C  CB    . ILE A 1 173 ? 8.519   3.324   4.277   1.00 64.10  ? 155 ILE A CB    1 
ATOM   1174 C  CG1   . ILE A 1 173 ? 7.730   4.641   4.462   1.00 62.53  ? 155 ILE A CG1   1 
ATOM   1175 C  CG2   . ILE A 1 173 ? 8.520   2.903   2.804   1.00 64.30  ? 155 ILE A CG2   1 
ATOM   1176 C  CD1   . ILE A 1 173 ? 6.245   4.583   4.089   1.00 58.16  ? 155 ILE A CD1   1 
ATOM   1177 N  N     . GLU A 1 174 ? 9.833   0.721   5.434   1.00 67.85  ? 156 GLU A N     1 
ATOM   1178 C  CA    . GLU A 1 174 ? 10.562  -0.551  5.379   1.00 69.77  ? 156 GLU A CA    1 
ATOM   1179 C  C     . GLU A 1 174 ? 9.733   -1.682  6.050   1.00 68.54  ? 156 GLU A C     1 
ATOM   1180 O  O     . GLU A 1 174 ? 9.615   -2.789  5.508   1.00 67.44  ? 156 GLU A O     1 
ATOM   1181 C  CB    . GLU A 1 174 ? 11.941  -0.404  6.049   1.00 70.22  ? 156 GLU A CB    1 
ATOM   1182 C  CG    . GLU A 1 174 ? 13.042  -1.332  5.485   1.00 74.93  ? 156 GLU A CG    1 
ATOM   1183 C  CD    . GLU A 1 174 ? 13.550  -0.924  4.055   1.00 77.36  ? 156 GLU A CD    1 
ATOM   1184 O  OE1   . GLU A 1 174 ? 13.379  0.264   3.646   1.00 77.22  ? 156 GLU A OE1   1 
ATOM   1185 O  OE2   . GLU A 1 174 ? 14.130  -1.803  3.355   1.00 77.00  ? 156 GLU A OE2   1 
ATOM   1186 N  N     . GLU A 1 175 ? 9.141   -1.360  7.205   1.00 69.84  ? 157 GLU A N     1 
ATOM   1187 C  CA    . GLU A 1 175 ? 8.319   -2.300  8.015   1.00 71.37  ? 157 GLU A CA    1 
ATOM   1188 C  C     . GLU A 1 175 ? 7.057   -2.760  7.285   1.00 71.54  ? 157 GLU A C     1 
ATOM   1189 O  O     . GLU A 1 175 ? 6.637   -3.915  7.420   1.00 72.99  ? 157 GLU A O     1 
ATOM   1190 C  CB    . GLU A 1 175 ? 7.952   -1.692  9.393   1.00 70.20  ? 157 GLU A CB    1 
ATOM   1191 C  CG    . GLU A 1 175 ? 9.148   -1.438  10.339  1.00 70.41  ? 157 GLU A CG    1 
ATOM   1192 C  CD    . GLU A 1 175 ? 9.936   -0.137  10.041  1.00 71.45  ? 157 GLU A CD    1 
ATOM   1193 O  OE1   . GLU A 1 175 ? 9.996   0.303   8.872   1.00 72.32  ? 157 GLU A OE1   1 
ATOM   1194 O  OE2   . GLU A 1 175 ? 10.503  0.449   10.992  1.00 70.76  ? 157 GLU A OE2   1 
ATOM   1195 N  N     . LEU A 1 176 ? 6.455   -1.859  6.514   1.00 70.70  ? 158 LEU A N     1 
ATOM   1196 C  CA    . LEU A 1 176 ? 5.302   -2.209  5.702   1.00 70.37  ? 158 LEU A CA    1 
ATOM   1197 C  C     . LEU A 1 176 ? 5.648   -3.370  4.771   1.00 71.92  ? 158 LEU A C     1 
ATOM   1198 O  O     . LEU A 1 176 ? 4.862   -4.300  4.605   1.00 73.35  ? 158 LEU A O     1 
ATOM   1199 C  CB    . LEU A 1 176 ? 4.838   -0.996  4.886   1.00 69.24  ? 158 LEU A CB    1 
ATOM   1200 C  CG    . LEU A 1 176 ? 3.732   -1.195  3.838   1.00 67.87  ? 158 LEU A CG    1 
ATOM   1201 C  CD1   . LEU A 1 176 ? 2.402   -1.567  4.468   1.00 67.38  ? 158 LEU A CD1   1 
ATOM   1202 C  CD2   . LEU A 1 176 ? 3.593   0.055   3.005   1.00 68.95  ? 158 LEU A CD2   1 
ATOM   1203 N  N     . PHE A 1 177 ? 6.832   -3.305  4.169   1.00 73.12  ? 159 PHE A N     1 
ATOM   1204 C  CA    . PHE A 1 177 ? 7.278   -4.347  3.259   1.00 73.95  ? 159 PHE A CA    1 
ATOM   1205 C  C     . PHE A 1 177 ? 7.817   -5.576  3.978   1.00 74.31  ? 159 PHE A C     1 
ATOM   1206 O  O     . PHE A 1 177 ? 7.698   -6.691  3.471   1.00 75.18  ? 159 PHE A O     1 
ATOM   1207 C  CB    . PHE A 1 177 ? 8.247   -3.783  2.218   1.00 73.56  ? 159 PHE A CB    1 
ATOM   1208 C  CG    . PHE A 1 177 ? 7.574   -2.876  1.231   1.00 73.70  ? 159 PHE A CG    1 
ATOM   1209 C  CD1   . PHE A 1 177 ? 7.495   -1.494  1.467   1.00 73.67  ? 159 PHE A CD1   1 
ATOM   1210 C  CD2   . PHE A 1 177 ? 6.962   -3.399  0.088   1.00 72.50  ? 159 PHE A CD2   1 
ATOM   1211 C  CE1   . PHE A 1 177 ? 6.838   -0.642  0.559   1.00 72.53  ? 159 PHE A CE1   1 
ATOM   1212 C  CE2   . PHE A 1 177 ? 6.310   -2.561  -0.815  1.00 72.23  ? 159 PHE A CE2   1 
ATOM   1213 C  CZ    . PHE A 1 177 ? 6.254   -1.170  -0.578  1.00 72.04  ? 159 PHE A CZ    1 
ATOM   1214 N  N     . GLN A 1 178 ? 8.396   -5.378  5.157   1.00 74.66  ? 160 GLN A N     1 
ATOM   1215 C  CA    . GLN A 1 178 ? 8.783   -6.509  6.002   1.00 75.97  ? 160 GLN A CA    1 
ATOM   1216 C  C     . GLN A 1 178 ? 7.541   -7.285  6.403   1.00 77.56  ? 160 GLN A C     1 
ATOM   1217 O  O     . GLN A 1 178 ? 7.614   -8.482  6.674   1.00 78.59  ? 160 GLN A O     1 
ATOM   1218 C  CB    . GLN A 1 178 ? 9.509   -6.038  7.247   1.00 74.75  ? 160 GLN A CB    1 
ATOM   1219 C  CG    . GLN A 1 178 ? 10.952  -5.725  7.000   1.00 76.17  ? 160 GLN A CG    1 
ATOM   1220 C  CD    . GLN A 1 178 ? 11.605  -4.991  8.152   1.00 76.88  ? 160 GLN A CD    1 
ATOM   1221 O  OE1   . GLN A 1 178 ? 11.012  -4.813  9.231   1.00 78.15  ? 160 GLN A OE1   1 
ATOM   1222 N  NE2   . GLN A 1 178 ? 12.831  -4.548  7.930   1.00 75.94  ? 160 GLN A NE2   1 
ATOM   1223 N  N     . GLY A 1 179 ? 6.403   -6.588  6.448   1.00 78.36  ? 161 GLY A N     1 
ATOM   1224 C  CA    . GLY A 1 179 ? 5.115   -7.215  6.740   1.00 80.77  ? 161 GLY A CA    1 
ATOM   1225 C  C     . GLY A 1 179 ? 4.695   -8.187  5.641   1.00 81.43  ? 161 GLY A C     1 
ATOM   1226 O  O     . GLY A 1 179 ? 4.267   -9.311  5.923   1.00 83.47  ? 161 GLY A O     1 
ATOM   1227 N  N     . ILE A 1 180 ? 4.815   -7.748  4.391   1.00 80.28  ? 162 ILE A N     1 
ATOM   1228 C  CA    . ILE A 1 180 ? 4.553   -8.598  3.231   1.00 79.85  ? 162 ILE A CA    1 
ATOM   1229 C  C     . ILE A 1 180 ? 5.511   -9.812  3.213   1.00 80.26  ? 162 ILE A C     1 
ATOM   1230 O  O     . ILE A 1 180 ? 5.063   -10.962 3.105   1.00 80.74  ? 162 ILE A O     1 
ATOM   1231 C  CB    . ILE A 1 180 ? 4.673   -7.790  1.936   1.00 79.78  ? 162 ILE A CB    1 
ATOM   1232 C  CG1   . ILE A 1 180 ? 3.552   -6.737  1.879   1.00 80.53  ? 162 ILE A CG1   1 
ATOM   1233 C  CG2   . ILE A 1 180 ? 4.632   -8.703  0.719   1.00 78.33  ? 162 ILE A CG2   1 
ATOM   1234 C  CD1   . ILE A 1 180 ? 3.824   -5.592  0.912   1.00 80.48  ? 162 ILE A CD1   1 
ATOM   1235 N  N     . SER A 1 181 ? 6.815   -9.542  3.336   1.00 79.25  ? 163 SER A N     1 
ATOM   1236 C  CA    . SER A 1 181 ? 7.841   -10.584 3.378   1.00 78.15  ? 163 SER A CA    1 
ATOM   1237 C  C     . SER A 1 181 ? 7.564   -11.668 4.419   1.00 79.57  ? 163 SER A C     1 
ATOM   1238 O  O     . SER A 1 181 ? 7.684   -12.848 4.124   1.00 80.77  ? 163 SER A O     1 
ATOM   1239 C  CB    . SER A 1 181 ? 9.202   -9.970  3.637   1.00 77.40  ? 163 SER A CB    1 
ATOM   1240 O  OG    . SER A 1 181 ? 9.686   -9.321  2.489   1.00 78.63  ? 163 SER A OG    1 
ATOM   1241 N  N     . ARG A 1 182 ? 7.180   -11.258 5.630   1.00 81.56  ? 164 ARG A N     1 
ATOM   1242 C  CA    . ARG A 1 182 ? 6.913   -12.193 6.733   1.00 82.69  ? 164 ARG A CA    1 
ATOM   1243 C  C     . ARG A 1 182 ? 5.775   -13.190 6.429   1.00 85.58  ? 164 ARG A C     1 
ATOM   1244 O  O     . ARG A 1 182 ? 5.852   -14.352 6.831   1.00 86.36  ? 164 ARG A O     1 
ATOM   1245 C  CB    . ARG A 1 182 ? 6.641   -11.432 8.039   1.00 81.11  ? 164 ARG A CB    1 
ATOM   1246 N  N     . GLN A 1 183 ? 4.744   -12.737 5.708   1.00 87.73  ? 165 GLN A N     1 
ATOM   1247 C  CA    . GLN A 1 183 ? 3.580   -13.586 5.368   1.00 90.84  ? 165 GLN A CA    1 
ATOM   1248 C  C     . GLN A 1 183 ? 3.749   -14.475 4.115   1.00 91.62  ? 165 GLN A C     1 
ATOM   1249 O  O     . GLN A 1 183 ? 2.760   -14.788 3.437   1.00 91.16  ? 165 GLN A O     1 
ATOM   1250 C  CB    . GLN A 1 183 ? 2.332   -12.733 5.183   1.00 92.72  ? 165 GLN A CB    1 
ATOM   1251 C  CG    . GLN A 1 183 ? 1.763   -12.146 6.426   1.00 96.35  ? 165 GLN A CG    1 
ATOM   1252 C  CD    . GLN A 1 183 ? 0.529   -11.292 6.130   1.00 99.59  ? 165 GLN A CD    1 
ATOM   1253 O  OE1   . GLN A 1 183 ? -0.349  -11.681 5.346   1.00 100.08 ? 165 GLN A OE1   1 
ATOM   1254 N  NE2   . GLN A 1 183 ? 0.458   -10.123 6.761   1.00 101.50 ? 165 GLN A NE2   1 
ATOM   1255 N  N     . ILE A 1 184 ? 4.984   -14.877 3.814   1.00 92.94  ? 166 ILE A N     1 
ATOM   1256 C  CA    . ILE A 1 184 ? 5.278   -15.716 2.642   1.00 93.37  ? 166 ILE A CA    1 
ATOM   1257 C  C     . ILE A 1 184 ? 6.360   -16.812 2.967   1.00 94.36  ? 166 ILE A C     1 
ATOM   1258 O  O     . ILE A 1 184 ? 7.443   -16.479 3.492   1.00 93.35  ? 166 ILE A O     1 
ATOM   1259 C  CB    . ILE A 1 184 ? 5.680   -14.820 1.397   1.00 93.46  ? 166 ILE A CB    1 
ATOM   1260 C  CG1   . ILE A 1 184 ? 4.493   -13.952 0.949   1.00 92.72  ? 166 ILE A CG1   1 
ATOM   1261 C  CG2   . ILE A 1 184 ? 6.165   -15.669 0.233   1.00 94.53  ? 166 ILE A CG2   1 
ATOM   1262 C  CD1   . ILE A 1 184 ? 4.812   -12.942 -0.105  1.00 92.50  ? 166 ILE A CD1   1 
ATOM   1263 N  N     . PRO A 1 185 ? 6.053   -18.115 2.660   1.00 94.96  ? 167 PRO A N     1 
ATOM   1264 C  CA    . PRO A 1 185 ? 6.929   -19.306 2.878   1.00 93.84  ? 167 PRO A CA    1 
ATOM   1265 C  C     . PRO A 1 185 ? 8.401   -19.101 2.496   1.00 92.96  ? 167 PRO A C     1 
ATOM   1266 O  O     . PRO A 1 185 ? 9.245   -19.955 2.789   1.00 89.74  ? 167 PRO A O     1 
ATOM   1267 C  CB    . PRO A 1 185 ? 6.305   -20.375 1.956   1.00 94.70  ? 167 PRO A CB    1 
ATOM   1268 C  CG    . PRO A 1 185 ? 5.185   -19.644 1.175   1.00 94.72  ? 167 PRO A CG    1 
ATOM   1269 C  CD    . PRO A 1 185 ? 4.772   -18.518 2.050   1.00 95.13  ? 167 PRO A CD    1 
HETATM 1270 MG MG    . MG  B 2 .   ? 0.580   8.723   -7.337  1.00 51.98  ? 301 MG  A MG    1 
HETATM 1271 P  PG    . GNP C 3 .   ? -2.294  9.536   -6.976  1.00 72.88  ? 302 GNP A PG    1 
HETATM 1272 O  O1G   . GNP C 3 .   ? -3.097  10.650  -7.631  1.00 72.73  ? 302 GNP A O1G   1 
HETATM 1273 O  O2G   . GNP C 3 .   ? -1.231  8.960   -7.881  1.00 71.30  ? 302 GNP A O2G   1 
HETATM 1274 O  O3G   . GNP C 3 .   ? -3.313  8.534   -6.453  1.00 71.99  ? 302 GNP A O3G   1 
HETATM 1275 N  N3B   . GNP C 3 .   ? -1.553  10.130  -5.666  1.00 66.03  ? 302 GNP A N3B   1 
HETATM 1276 P  PB    . GNP C 3 .   ? -0.970  9.240   -4.484  1.00 59.17  ? 302 GNP A PB    1 
HETATM 1277 O  O1B   . GNP C 3 .   ? -2.024  8.438   -3.835  1.00 59.93  ? 302 GNP A O1B   1 
HETATM 1278 O  O2B   . GNP C 3 .   ? 0.174   8.502   -5.034  1.00 59.15  ? 302 GNP A O2B   1 
HETATM 1279 O  O3A   . GNP C 3 .   ? -0.441  10.179  -3.401  1.00 59.03  ? 302 GNP A O3A   1 
HETATM 1280 P  PA    . GNP C 3 .   ? 0.894   10.925  -3.533  1.00 57.12  ? 302 GNP A PA    1 
HETATM 1281 O  O1A   . GNP C 3 .   ? 2.021   10.054  -3.090  1.00 56.37  ? 302 GNP A O1A   1 
HETATM 1282 O  O2A   . GNP C 3 .   ? 0.985   11.503  -4.874  1.00 54.12  ? 302 GNP A O2A   1 
HETATM 1283 O  "O5'" . GNP C 3 .   ? 0.876   12.085  -2.473  1.00 54.29  ? 302 GNP A "O5'" 1 
HETATM 1284 C  "C5'" . GNP C 3 .   ? -0.165  13.032  -2.444  1.00 54.84  ? 302 GNP A "C5'" 1 
HETATM 1285 C  "C4'" . GNP C 3 .   ? 0.243   14.229  -1.602  1.00 54.88  ? 302 GNP A "C4'" 1 
HETATM 1286 O  "O4'" . GNP C 3 .   ? 0.407   13.817  -0.213  1.00 55.89  ? 302 GNP A "O4'" 1 
HETATM 1287 C  "C3'" . GNP C 3 .   ? 1.564   14.862  -2.004  1.00 54.59  ? 302 GNP A "C3'" 1 
HETATM 1288 O  "O3'" . GNP C 3 .   ? 1.531   16.236  -1.769  1.00 58.39  ? 302 GNP A "O3'" 1 
HETATM 1289 C  "C2'" . GNP C 3 .   ? 2.549   14.189  -1.064  1.00 55.50  ? 302 GNP A "C2'" 1 
HETATM 1290 O  "O2'" . GNP C 3 .   ? 3.767   14.892  -0.873  1.00 54.62  ? 302 GNP A "O2'" 1 
HETATM 1291 C  "C1'" . GNP C 3 .   ? 1.723   14.124  0.218   1.00 55.12  ? 302 GNP A "C1'" 1 
HETATM 1292 N  N9    . GNP C 3 .   ? 2.174   13.085  1.134   1.00 54.87  ? 302 GNP A N9    1 
HETATM 1293 C  C8    . GNP C 3 .   ? 2.424   11.767  0.824   1.00 54.59  ? 302 GNP A C8    1 
HETATM 1294 N  N7    . GNP C 3 .   ? 2.843   11.058  1.834   1.00 55.33  ? 302 GNP A N7    1 
HETATM 1295 C  C5    . GNP C 3 .   ? 2.862   11.962  2.890   1.00 54.96  ? 302 GNP A C5    1 
HETATM 1296 C  C6    . GNP C 3 .   ? 3.214   11.777  4.241   1.00 54.35  ? 302 GNP A C6    1 
HETATM 1297 O  O6    . GNP C 3 .   ? 3.591   10.750  4.811   1.00 56.65  ? 302 GNP A O6    1 
HETATM 1298 N  N1    . GNP C 3 .   ? 3.106   12.936  4.980   1.00 54.86  ? 302 GNP A N1    1 
HETATM 1299 C  C2    . GNP C 3 .   ? 2.700   14.147  4.483   1.00 54.85  ? 302 GNP A C2    1 
HETATM 1300 N  N2    . GNP C 3 .   ? 2.671   15.147  5.373   1.00 54.72  ? 302 GNP A N2    1 
HETATM 1301 N  N3    . GNP C 3 .   ? 2.361   14.352  3.207   1.00 54.58  ? 302 GNP A N3    1 
HETATM 1302 C  C4    . GNP C 3 .   ? 2.463   13.220  2.469   1.00 55.02  ? 302 GNP A C4    1 
HETATM 1303 O  O     . HOH D 4 .   ? 1.950   10.784  -6.929  1.00 60.34  ? 401 HOH A O     1 
HETATM 1304 O  O     . HOH D 4 .   ? -0.243  6.481   -7.631  1.00 61.93  ? 402 HOH A O     1 
HETATM 1305 O  O     . HOH D 4 .   ? -7.623  4.894   -0.074  1.00 58.55  ? 403 HOH A O     1 
HETATM 1306 O  O     . HOH D 4 .   ? 6.479   15.439  -9.201  1.00 69.36  ? 404 HOH A O     1 
HETATM 1307 O  O     . HOH D 4 .   ? 14.908  -4.466  -7.280  1.00 68.93  ? 405 HOH A O     1 
HETATM 1308 O  O     . HOH D 4 .   ? 16.559  0.823   -3.347  1.00 68.15  ? 406 HOH A O     1 
HETATM 1309 O  O     . HOH D 4 .   ? -3.806  9.905   -10.404 1.00 65.78  ? 407 HOH A O     1 
HETATM 1310 O  O     . HOH D 4 .   ? -5.400  5.274   11.482  1.00 44.84  ? 408 HOH A O     1 
# 
